data_7F4T
#
_entry.id   7F4T
#
_cell.length_a   98.130
_cell.length_b   110.193
_cell.length_c   102.636
_cell.angle_alpha   90.000
_cell.angle_beta   91.642
_cell.angle_gamma   90.000
#
_symmetry.space_group_name_H-M   'P 1 21 1'
#
loop_
_entity.id
_entity.type
_entity.pdbx_description
1 polymer 'MT-a70 family protein'
2 polymer Ptep2
3 non-polymer S-ADENOSYLMETHIONINE
4 water water
#
loop_
_entity_poly.entity_id
_entity_poly.type
_entity_poly.pdbx_seq_one_letter_code
_entity_poly.pdbx_strand_id
1 'polypeptide(L)'
;DDYLDRLPKSKKGLQGLLQDIEKRILHYKQLFFKEQNEIANGKRSMVPDNSIPICSDVTKLNFQALIDAQMRHAGKMFDV
IMMDPPWQLSSSQPSRGVAIAYDSLSDEKIQNMPIQSLQQDGFIFVWAINAKYRVTIKMIENWGYKLVDEITWVKKTVNG
KIAKGHGFYLQHAKESCLIGVKGDVDNGRFKKNIASDVIFSERRGQSQKPEEIYQYINQLCPNGNYLEIFARRNNLHDNW
VSIGNEL
;
A,E,H,K
2 'polypeptide(L)'
;MSTISREEYAKKMRLALSDNHICKPDGTVNHQYFLVKKGQYWGEEKIQYLIEQLEKIGVGNWKQMQKGLLEQTSEIELEL
RTCLLFKTTDIQPYMDKKFTKIEIEQIAQQNIEKAQQLSKLKYGVFVV
;
B,D,G,J
#
# COMPACT_ATOMS: atom_id res chain seq x y z
N GLN A 15 -28.51 -7.11 39.99
CA GLN A 15 -27.47 -8.11 39.76
C GLN A 15 -26.14 -7.63 40.32
N GLY A 16 -26.19 -6.56 41.13
CA GLY A 16 -25.01 -6.01 41.77
C GLY A 16 -23.85 -5.75 40.85
N LEU A 17 -23.92 -4.67 40.08
CA LEU A 17 -22.96 -4.45 39.00
C LEU A 17 -22.48 -3.01 38.87
N LEU A 18 -22.59 -2.20 39.92
CA LEU A 18 -21.91 -0.91 39.90
C LEU A 18 -20.40 -1.10 39.87
N GLN A 19 -19.88 -2.02 40.69
CA GLN A 19 -18.47 -2.37 40.63
C GLN A 19 -18.13 -3.21 39.42
N ASP A 20 -19.12 -3.83 38.78
CA ASP A 20 -18.88 -4.52 37.51
C ASP A 20 -18.65 -3.51 36.39
N ILE A 21 -19.58 -2.57 36.21
CA ILE A 21 -19.48 -1.64 35.08
C ILE A 21 -18.31 -0.68 35.26
N GLU A 22 -17.98 -0.32 36.52
CA GLU A 22 -16.81 0.50 36.76
C GLU A 22 -15.50 -0.26 36.54
N LYS A 23 -15.52 -1.58 36.73
CA LYS A 23 -14.32 -2.38 36.51
C LYS A 23 -13.98 -2.55 35.04
N ARG A 24 -14.98 -2.64 34.15
CA ARG A 24 -14.69 -2.79 32.74
C ARG A 24 -14.16 -1.50 32.13
N ILE A 25 -14.63 -0.35 32.62
CA ILE A 25 -14.20 0.95 32.11
C ILE A 25 -12.68 1.09 32.25
N LEU A 26 -12.19 1.09 33.50
CA LEU A 26 -10.76 1.21 33.74
C LEU A 26 -9.96 0.09 33.06
N HIS A 27 -10.58 -1.07 32.82
CA HIS A 27 -9.91 -2.11 32.04
C HIS A 27 -9.84 -1.72 30.57
N TYR A 28 -10.95 -1.27 29.99
CA TYR A 28 -10.96 -0.86 28.59
C TYR A 28 -10.06 0.34 28.35
N LYS A 29 -9.96 1.24 29.33
CA LYS A 29 -9.09 2.40 29.19
C LYS A 29 -7.62 2.00 29.16
N GLN A 30 -7.27 0.89 29.81
CA GLN A 30 -5.88 0.43 29.82
C GLN A 30 -5.42 0.00 28.42
N LEU A 31 -6.28 -0.71 27.69
CA LEU A 31 -5.90 -1.13 26.34
C LEU A 31 -5.73 0.06 25.42
N PHE A 32 -6.62 1.05 25.52
CA PHE A 32 -6.38 2.32 24.86
C PHE A 32 -5.01 2.87 25.25
N PHE A 33 -4.77 2.99 26.57
CA PHE A 33 -3.46 3.39 27.05
C PHE A 33 -2.36 2.46 26.55
N LYS A 34 -2.66 1.18 26.42
CA LYS A 34 -1.66 0.23 25.89
C LYS A 34 -1.44 0.47 24.40
N GLU A 35 -2.50 0.41 23.61
CA GLU A 35 -2.37 0.58 22.16
C GLU A 35 -1.82 1.95 21.82
N GLN A 36 -2.33 3.00 22.48
CA GLN A 36 -1.87 4.35 22.19
C GLN A 36 -0.41 4.56 22.54
N ASN A 37 0.20 3.65 23.29
CA ASN A 37 1.62 3.65 23.58
C ASN A 37 2.41 2.86 22.54
N GLU A 38 1.96 1.64 22.25
CA GLU A 38 2.60 0.81 21.24
C GLU A 38 2.65 1.54 19.90
N ILE A 39 1.55 2.19 19.53
CA ILE A 39 1.51 3.00 18.33
C ILE A 39 2.65 4.02 18.33
N ALA A 40 2.93 4.60 19.50
CA ALA A 40 4.08 5.49 19.63
C ALA A 40 5.41 4.75 19.77
N ASN A 41 5.38 3.43 19.98
CA ASN A 41 6.58 2.62 20.08
C ASN A 41 6.99 2.01 18.74
N GLY A 42 6.46 2.52 17.64
CA GLY A 42 6.76 1.94 16.35
C GLY A 42 6.10 0.59 16.11
N LYS A 43 4.91 0.37 16.68
CA LYS A 43 4.17 -0.85 16.38
C LYS A 43 3.78 -0.89 14.91
N ARG A 44 3.86 -2.07 14.32
CA ARG A 44 3.61 -2.25 12.90
C ARG A 44 2.15 -2.63 12.67
N SER A 45 1.48 -1.88 11.79
CA SER A 45 0.19 -2.33 11.30
C SER A 45 0.40 -3.42 10.24
N MET A 46 -0.69 -4.08 9.88
CA MET A 46 -0.61 -5.21 8.96
C MET A 46 -0.37 -4.78 7.52
N VAL A 47 -0.59 -3.52 7.19
CA VAL A 47 -0.40 -3.01 5.83
C VAL A 47 1.08 -3.07 5.47
N PRO A 48 1.45 -3.74 4.37
CA PRO A 48 2.86 -3.80 3.99
C PRO A 48 3.43 -2.43 3.67
N ASP A 49 4.75 -2.34 3.72
CA ASP A 49 5.46 -1.08 3.61
C ASP A 49 5.70 -0.65 2.16
N ASN A 50 5.06 -1.29 1.19
CA ASN A 50 5.19 -0.88 -0.19
C ASN A 50 3.86 -0.60 -0.87
N SER A 51 2.75 -0.78 -0.16
CA SER A 51 1.46 -0.38 -0.71
C SER A 51 1.42 1.12 -0.89
N ILE A 52 0.80 1.56 -1.98
CA ILE A 52 0.61 2.98 -2.24
C ILE A 52 -0.86 3.32 -2.07
N PRO A 53 -1.34 3.47 -0.83
CA PRO A 53 -2.78 3.70 -0.62
C PRO A 53 -3.15 5.13 -0.94
N ILE A 54 -4.22 5.30 -1.71
CA ILE A 54 -4.77 6.61 -2.02
C ILE A 54 -6.25 6.58 -1.71
N CYS A 55 -6.68 7.42 -0.76
CA CYS A 55 -8.09 7.60 -0.47
C CYS A 55 -8.63 8.75 -1.32
N SER A 56 -9.60 8.43 -2.18
CA SER A 56 -10.22 9.41 -3.04
C SER A 56 -11.57 8.85 -3.48
N ASP A 57 -12.32 9.66 -4.20
CA ASP A 57 -13.56 9.20 -4.77
C ASP A 57 -13.34 9.34 -6.25
N VAL A 58 -13.60 8.30 -7.01
CA VAL A 58 -13.22 8.29 -8.40
C VAL A 58 -14.06 9.28 -9.18
N THR A 59 -15.08 9.81 -8.53
CA THR A 59 -15.82 10.94 -9.06
C THR A 59 -14.97 12.22 -9.18
N LYS A 60 -14.09 12.46 -8.22
CA LYS A 60 -13.43 13.74 -8.08
C LYS A 60 -11.91 13.64 -8.20
N LEU A 61 -11.38 12.44 -8.45
CA LEU A 61 -9.95 12.25 -8.55
C LEU A 61 -9.43 12.84 -9.86
N ASN A 62 -8.15 13.19 -9.85
CA ASN A 62 -7.46 13.65 -11.06
C ASN A 62 -6.62 12.48 -11.56
N PHE A 63 -7.07 11.84 -12.64
CA PHE A 63 -6.31 10.74 -13.23
C PHE A 63 -5.15 11.21 -14.10
N GLN A 64 -4.80 12.49 -14.05
CA GLN A 64 -3.54 12.96 -14.59
C GLN A 64 -2.46 13.10 -13.52
N ALA A 65 -2.86 13.22 -12.25
CA ALA A 65 -1.87 13.21 -11.17
C ALA A 65 -1.31 11.81 -10.97
N LEU A 66 -2.15 10.79 -11.09
CA LEU A 66 -1.65 9.41 -11.03
C LEU A 66 -0.89 9.05 -12.30
N ILE A 67 -1.23 9.66 -13.44
CA ILE A 67 -0.50 9.38 -14.67
C ILE A 67 0.88 10.04 -14.63
N ASP A 68 0.91 11.36 -14.43
CA ASP A 68 2.17 12.10 -14.45
C ASP A 68 3.16 11.53 -13.45
N ALA A 69 2.67 11.07 -12.30
CA ALA A 69 3.56 10.55 -11.27
C ALA A 69 4.16 9.21 -11.67
N GLN A 70 3.30 8.21 -11.89
CA GLN A 70 3.77 6.86 -12.18
C GLN A 70 4.71 6.86 -13.38
N MET A 71 4.33 7.56 -14.45
CA MET A 71 5.18 7.65 -15.63
C MET A 71 6.56 8.21 -15.28
N ARG A 72 6.63 9.12 -14.31
CA ARG A 72 7.90 9.72 -13.93
C ARG A 72 8.70 8.82 -13.00
N HIS A 73 8.08 8.39 -11.89
CA HIS A 73 8.75 7.50 -10.95
C HIS A 73 8.83 6.07 -11.45
N ALA A 74 8.44 5.83 -12.70
CA ALA A 74 8.58 4.54 -13.36
C ALA A 74 8.28 4.71 -14.85
N GLY A 75 9.25 4.41 -15.70
CA GLY A 75 9.05 4.64 -17.13
C GLY A 75 7.86 3.91 -17.71
N LYS A 76 7.35 2.91 -17.01
CA LYS A 76 6.26 2.07 -17.47
C LYS A 76 4.90 2.69 -17.12
N MET A 77 3.83 1.98 -17.49
CA MET A 77 2.51 2.19 -16.93
C MET A 77 2.15 0.96 -16.09
N PHE A 78 0.87 0.74 -15.87
CA PHE A 78 0.42 -0.38 -15.06
C PHE A 78 0.27 -1.63 -15.91
N ASP A 79 0.85 -2.73 -15.44
CA ASP A 79 0.83 -4.01 -16.13
C ASP A 79 -0.42 -4.81 -15.85
N VAL A 80 -0.99 -4.66 -14.65
CA VAL A 80 -2.21 -5.35 -14.26
C VAL A 80 -3.12 -4.35 -13.57
N ILE A 81 -4.39 -4.34 -13.94
CA ILE A 81 -5.39 -3.45 -13.36
C ILE A 81 -6.49 -4.30 -12.74
N MET A 82 -6.73 -4.08 -11.45
CA MET A 82 -7.83 -4.72 -10.73
C MET A 82 -8.95 -3.73 -10.47
N MET A 83 -10.17 -4.24 -10.37
CA MET A 83 -11.23 -3.49 -9.73
C MET A 83 -12.31 -4.39 -9.20
N ASP A 84 -13.03 -3.94 -8.20
CA ASP A 84 -14.27 -4.60 -7.81
C ASP A 84 -15.33 -3.53 -7.65
N PRO A 85 -15.86 -3.02 -8.84
CA PRO A 85 -16.59 -1.76 -8.65
C PRO A 85 -17.85 -1.95 -7.86
N PRO A 86 -18.42 -0.81 -7.27
CA PRO A 86 -19.66 -1.10 -6.55
C PRO A 86 -20.82 -0.71 -7.43
N TRP A 87 -21.67 -1.67 -7.74
CA TRP A 87 -22.73 -1.46 -8.71
C TRP A 87 -23.98 -1.15 -7.95
N GLN A 88 -24.72 -0.14 -8.36
CA GLN A 88 -26.00 0.05 -7.72
C GLN A 88 -26.94 -1.10 -8.10
N LEU A 89 -27.60 -1.66 -7.09
CA LEU A 89 -28.43 -2.84 -7.30
C LEU A 89 -29.73 -2.81 -6.49
N ASP A 103 -21.27 1.13 -2.68
CA ASP A 103 -21.92 2.35 -2.20
C ASP A 103 -22.64 3.03 -3.35
N SER A 104 -23.27 2.22 -4.20
CA SER A 104 -24.10 2.70 -5.30
C SER A 104 -23.37 3.70 -6.19
N LEU A 105 -22.50 3.21 -7.06
CA LEU A 105 -21.93 4.02 -8.12
C LEU A 105 -22.64 3.71 -9.43
N SER A 106 -23.16 4.75 -10.08
CA SER A 106 -23.96 4.63 -11.30
C SER A 106 -23.26 3.85 -12.40
N ASP A 107 -24.02 3.30 -13.33
CA ASP A 107 -23.43 2.47 -14.38
C ASP A 107 -22.60 3.31 -15.34
N GLU A 108 -23.09 4.51 -15.69
CA GLU A 108 -22.39 5.34 -16.67
C GLU A 108 -21.15 5.99 -16.10
N LYS A 109 -21.16 6.33 -14.81
CA LYS A 109 -20.01 7.00 -14.21
C LYS A 109 -18.84 6.05 -14.00
N ILE A 110 -19.07 4.75 -13.93
CA ILE A 110 -17.97 3.79 -13.91
C ILE A 110 -17.38 3.61 -15.30
N GLN A 111 -18.25 3.51 -16.31
CA GLN A 111 -17.84 3.47 -17.72
C GLN A 111 -16.98 4.66 -18.13
N ASN A 112 -17.01 5.77 -17.40
CA ASN A 112 -16.30 6.97 -17.82
C ASN A 112 -14.91 7.10 -17.22
N MET A 113 -14.57 6.28 -16.22
CA MET A 113 -13.22 6.30 -15.67
C MET A 113 -12.19 6.10 -16.78
N PRO A 114 -11.30 7.06 -17.01
CA PRO A 114 -10.35 6.93 -18.12
C PRO A 114 -9.34 5.81 -17.94
N ILE A 115 -9.78 4.57 -18.12
CA ILE A 115 -8.89 3.41 -18.03
C ILE A 115 -8.01 3.29 -19.27
N GLN A 116 -8.36 3.96 -20.37
CA GLN A 116 -7.50 3.92 -21.55
C GLN A 116 -6.11 4.41 -21.22
N SER A 117 -6.01 5.52 -20.50
CA SER A 117 -4.73 6.19 -20.30
C SER A 117 -3.95 5.68 -19.10
N LEU A 118 -4.59 4.95 -18.19
CA LEU A 118 -3.85 4.37 -17.06
C LEU A 118 -3.02 3.17 -17.48
N GLN A 119 -3.46 2.44 -18.50
CA GLN A 119 -2.85 1.19 -18.90
C GLN A 119 -2.51 1.25 -20.38
N GLN A 120 -1.27 0.92 -20.72
CA GLN A 120 -0.84 0.85 -22.12
C GLN A 120 -0.56 -0.57 -22.59
N ASP A 121 -0.14 -1.46 -21.71
CA ASP A 121 0.31 -2.78 -22.13
C ASP A 121 0.17 -3.74 -20.95
N GLY A 122 -0.86 -4.58 -20.97
CA GLY A 122 -1.03 -5.57 -19.93
C GLY A 122 -2.45 -6.10 -19.91
N PHE A 123 -2.82 -6.64 -18.74
CA PHE A 123 -4.12 -7.26 -18.51
C PHE A 123 -4.98 -6.36 -17.64
N ILE A 124 -6.26 -6.74 -17.50
CA ILE A 124 -7.19 -6.03 -16.62
C ILE A 124 -8.09 -7.07 -15.96
N PHE A 125 -8.17 -7.04 -14.64
CA PHE A 125 -8.97 -7.98 -13.86
C PHE A 125 -10.11 -7.20 -13.23
N VAL A 126 -11.34 -7.55 -13.56
CA VAL A 126 -12.51 -6.88 -13.01
C VAL A 126 -13.52 -7.92 -12.54
N TRP A 127 -13.96 -7.79 -11.29
CA TRP A 127 -14.92 -8.73 -10.72
C TRP A 127 -16.34 -8.35 -11.13
N ALA A 128 -17.11 -9.34 -11.57
CA ALA A 128 -18.45 -9.10 -12.08
C ALA A 128 -19.45 -9.99 -11.36
N ILE A 129 -20.30 -9.38 -10.53
CA ILE A 129 -21.43 -10.11 -10.00
C ILE A 129 -22.40 -10.45 -11.12
N ASN A 130 -23.27 -11.43 -10.84
CA ASN A 130 -24.08 -12.00 -11.90
C ASN A 130 -25.05 -10.99 -12.49
N ALA A 131 -25.58 -10.08 -11.66
CA ALA A 131 -26.47 -9.05 -12.17
C ALA A 131 -25.78 -8.13 -13.16
N LYS A 132 -24.44 -8.05 -13.10
CA LYS A 132 -23.67 -7.16 -13.95
C LYS A 132 -22.71 -7.91 -14.85
N TYR A 133 -22.85 -9.24 -14.96
CA TYR A 133 -21.87 -10.03 -15.68
C TYR A 133 -21.77 -9.61 -17.14
N ARG A 134 -22.90 -9.27 -17.76
CA ARG A 134 -22.88 -8.81 -19.14
C ARG A 134 -22.44 -7.36 -19.22
N VAL A 135 -22.81 -6.56 -18.21
CA VAL A 135 -22.43 -5.15 -18.16
C VAL A 135 -20.92 -5.01 -18.24
N THR A 136 -20.20 -5.82 -17.47
CA THR A 136 -18.75 -5.69 -17.38
C THR A 136 -18.08 -6.03 -18.70
N ILE A 137 -18.57 -7.06 -19.40
CA ILE A 137 -17.98 -7.43 -20.68
C ILE A 137 -18.09 -6.27 -21.66
N LYS A 138 -19.25 -5.63 -21.71
CA LYS A 138 -19.39 -4.38 -22.46
C LYS A 138 -18.45 -3.32 -21.92
N MET A 139 -18.21 -3.32 -20.60
CA MET A 139 -17.45 -2.24 -19.99
C MET A 139 -15.99 -2.28 -20.43
N ILE A 140 -15.34 -3.44 -20.32
CA ILE A 140 -13.93 -3.55 -20.68
C ILE A 140 -13.70 -3.61 -22.18
N GLU A 141 -14.76 -3.64 -22.99
CA GLU A 141 -14.59 -3.62 -24.44
C GLU A 141 -14.62 -2.20 -25.00
N ASN A 142 -15.48 -1.33 -24.46
CA ASN A 142 -15.43 0.08 -24.83
C ASN A 142 -14.10 0.70 -24.46
N TRP A 143 -13.48 0.23 -23.38
CA TRP A 143 -12.13 0.64 -23.01
C TRP A 143 -11.08 0.10 -23.96
N GLY A 144 -11.46 -0.76 -24.91
CA GLY A 144 -10.57 -1.20 -25.95
C GLY A 144 -9.84 -2.50 -25.70
N TYR A 145 -10.26 -3.29 -24.73
CA TYR A 145 -9.59 -4.54 -24.41
C TYR A 145 -10.20 -5.67 -25.24
N LYS A 146 -9.96 -6.91 -24.82
CA LYS A 146 -10.37 -8.09 -25.58
C LYS A 146 -10.54 -9.23 -24.58
N LEU A 147 -11.79 -9.62 -24.33
CA LEU A 147 -12.05 -10.67 -23.36
C LEU A 147 -11.39 -11.97 -23.80
N VAL A 148 -10.70 -12.62 -22.87
CA VAL A 148 -9.87 -13.76 -23.22
C VAL A 148 -9.99 -14.87 -22.19
N ASP A 149 -10.34 -14.52 -20.97
CA ASP A 149 -10.38 -15.48 -19.88
C ASP A 149 -11.40 -15.03 -18.83
N GLU A 150 -11.52 -15.82 -17.78
CA GLU A 150 -12.37 -15.47 -16.65
C GLU A 150 -11.98 -16.36 -15.48
N ILE A 151 -11.55 -15.75 -14.38
CA ILE A 151 -11.25 -16.51 -13.18
C ILE A 151 -12.56 -16.86 -12.48
N THR A 152 -12.61 -18.05 -11.89
CA THR A 152 -13.83 -18.56 -11.26
C THR A 152 -13.51 -18.90 -9.81
N TRP A 153 -14.14 -18.18 -8.89
CA TRP A 153 -13.89 -18.31 -7.45
C TRP A 153 -15.09 -18.99 -6.78
N VAL A 154 -15.04 -20.32 -6.71
CA VAL A 154 -16.06 -21.06 -6.00
C VAL A 154 -15.83 -20.94 -4.50
N LYS A 155 -16.90 -21.11 -3.72
CA LYS A 155 -16.85 -20.85 -2.28
C LYS A 155 -16.95 -22.17 -1.52
N LYS A 156 -15.93 -22.45 -0.71
CA LYS A 156 -15.89 -23.67 0.10
C LYS A 156 -16.46 -23.44 1.49
N THR A 157 -17.21 -24.42 1.98
CA THR A 157 -17.80 -24.29 3.32
C THR A 157 -16.74 -24.49 4.41
N VAL A 158 -15.83 -25.43 4.20
CA VAL A 158 -14.79 -25.77 5.18
C VAL A 158 -15.42 -26.12 6.52
N LYS A 161 -17.66 -27.37 1.14
CA LYS A 161 -16.98 -27.18 -0.14
C LYS A 161 -17.97 -26.80 -1.24
N ILE A 162 -18.90 -25.89 -0.92
CA ILE A 162 -19.90 -25.42 -1.88
C ILE A 162 -20.66 -24.23 -1.30
N ALA A 163 -21.15 -23.36 -2.17
CA ALA A 163 -21.83 -22.14 -1.76
C ALA A 163 -23.32 -22.22 -2.01
N LYS A 164 -24.10 -21.52 -1.19
CA LYS A 164 -25.53 -21.37 -1.37
C LYS A 164 -25.83 -19.90 -1.59
N GLY A 165 -26.22 -19.54 -2.81
CA GLY A 165 -26.56 -18.16 -3.10
C GLY A 165 -27.85 -18.03 -3.86
N HIS A 166 -28.78 -17.22 -3.35
CA HIS A 166 -30.05 -17.05 -4.03
C HIS A 166 -29.85 -16.38 -5.39
N GLY A 167 -30.07 -17.14 -6.46
CA GLY A 167 -30.16 -16.58 -7.79
C GLY A 167 -31.56 -16.74 -8.33
N PHE A 168 -31.95 -15.83 -9.23
CA PHE A 168 -33.30 -15.88 -9.78
C PHE A 168 -33.53 -17.15 -10.58
N TYR A 169 -32.49 -17.67 -11.23
CA TYR A 169 -32.62 -18.88 -12.03
C TYR A 169 -31.82 -20.04 -11.48
N LEU A 170 -30.58 -19.82 -11.08
CA LEU A 170 -29.76 -20.86 -10.49
C LEU A 170 -29.10 -20.37 -9.22
N GLN A 171 -28.85 -21.32 -8.31
CA GLN A 171 -28.13 -21.03 -7.08
C GLN A 171 -26.70 -20.62 -7.41
N HIS A 172 -26.26 -19.51 -6.82
CA HIS A 172 -24.92 -18.98 -7.06
C HIS A 172 -23.95 -19.56 -6.03
N ALA A 173 -22.90 -20.19 -6.51
CA ALA A 173 -21.86 -20.74 -5.65
C ALA A 173 -20.47 -20.23 -6.01
N LYS A 174 -20.37 -19.26 -6.92
CA LYS A 174 -19.08 -18.70 -7.28
C LYS A 174 -19.26 -17.25 -7.71
N GLU A 175 -18.16 -16.51 -7.67
CA GLU A 175 -18.07 -15.19 -8.28
C GLU A 175 -16.98 -15.21 -9.36
N SER A 176 -17.19 -14.43 -10.40
CA SER A 176 -16.31 -14.40 -11.56
C SER A 176 -15.51 -13.11 -11.58
N CYS A 177 -14.27 -13.23 -12.05
CA CYS A 177 -13.39 -12.08 -12.24
C CYS A 177 -12.96 -12.07 -13.70
N LEU A 178 -13.52 -11.14 -14.46
CA LEU A 178 -13.30 -11.10 -15.90
C LEU A 178 -11.92 -10.55 -16.23
N ILE A 179 -11.28 -11.15 -17.23
CA ILE A 179 -9.92 -10.80 -17.62
C ILE A 179 -9.94 -10.28 -19.04
N GLY A 180 -9.55 -9.01 -19.21
CA GLY A 180 -9.30 -8.46 -20.51
C GLY A 180 -7.82 -8.16 -20.68
N VAL A 181 -7.43 -7.89 -21.92
CA VAL A 181 -6.03 -7.63 -22.24
C VAL A 181 -5.96 -6.70 -23.44
N LYS A 182 -4.85 -5.96 -23.54
CA LYS A 182 -4.56 -5.14 -24.70
C LYS A 182 -3.06 -4.89 -24.74
N GLY A 183 -2.52 -4.78 -25.95
CA GLY A 183 -1.11 -4.48 -26.14
C GLY A 183 -0.27 -5.73 -26.33
N ASP A 184 1.05 -5.53 -26.22
CA ASP A 184 2.03 -6.59 -26.46
C ASP A 184 2.33 -7.26 -25.14
N VAL A 185 1.78 -8.46 -24.93
CA VAL A 185 2.12 -9.29 -23.79
C VAL A 185 3.19 -10.32 -24.14
N ASP A 186 3.66 -10.34 -25.39
CA ASP A 186 4.67 -11.28 -25.81
C ASP A 186 6.05 -11.00 -25.21
N ASN A 187 6.17 -9.99 -24.35
CA ASN A 187 7.40 -9.73 -23.63
C ASN A 187 7.50 -10.67 -22.43
N GLY A 188 8.70 -10.76 -21.88
CA GLY A 188 8.94 -11.67 -20.77
C GLY A 188 8.31 -11.14 -19.50
N ARG A 189 7.69 -9.95 -19.62
CA ARG A 189 7.04 -9.31 -18.49
C ARG A 189 5.83 -10.09 -18.00
N PHE A 190 5.28 -10.98 -18.83
CA PHE A 190 4.08 -11.73 -18.50
C PHE A 190 4.30 -13.21 -18.76
N LYS A 191 4.38 -14.00 -17.69
CA LYS A 191 4.58 -15.43 -17.80
C LYS A 191 3.29 -16.10 -18.26
N LYS A 192 3.27 -16.59 -19.48
CA LYS A 192 2.08 -17.24 -20.03
C LYS A 192 1.92 -18.63 -19.43
N ASN A 193 0.67 -19.09 -19.38
CA ASN A 193 0.34 -20.47 -19.02
C ASN A 193 0.74 -20.77 -17.58
N ILE A 194 0.55 -19.81 -16.68
CA ILE A 194 1.12 -19.89 -15.34
C ILE A 194 0.07 -19.96 -14.23
N ALA A 195 -1.16 -19.48 -14.44
CA ALA A 195 -2.18 -19.57 -13.41
C ALA A 195 -3.43 -20.24 -13.96
N SER A 196 -4.24 -20.77 -13.05
CA SER A 196 -5.46 -21.48 -13.42
C SER A 196 -6.62 -20.50 -13.48
N ASP A 197 -7.84 -21.02 -13.66
CA ASP A 197 -9.05 -20.21 -13.58
C ASP A 197 -9.91 -20.54 -12.38
N VAL A 198 -9.50 -21.49 -11.54
CA VAL A 198 -10.30 -21.99 -10.43
C VAL A 198 -9.62 -21.60 -9.13
N ILE A 199 -10.41 -21.09 -8.19
CA ILE A 199 -9.94 -20.68 -6.87
C ILE A 199 -10.85 -21.29 -5.82
N PHE A 200 -10.26 -21.67 -4.68
CA PHE A 200 -10.96 -22.42 -3.63
C PHE A 200 -10.69 -21.79 -2.26
N SER A 201 -11.08 -20.52 -2.10
CA SER A 201 -11.00 -19.83 -0.82
C SER A 201 -12.36 -19.79 -0.14
N GLU A 202 -12.34 -19.43 1.14
CA GLU A 202 -13.57 -19.26 1.87
C GLU A 202 -14.16 -17.87 1.61
N ARG A 203 -15.38 -17.68 2.11
CA ARG A 203 -16.05 -16.38 2.10
C ARG A 203 -15.52 -15.54 3.26
N ARG A 204 -14.23 -15.19 3.17
CA ARG A 204 -13.62 -14.37 4.20
C ARG A 204 -14.16 -12.96 4.15
N GLY A 205 -14.60 -12.45 5.31
CA GLY A 205 -15.05 -11.08 5.48
C GLY A 205 -15.81 -10.48 4.32
N GLN A 206 -16.79 -11.21 3.78
CA GLN A 206 -17.55 -10.74 2.63
C GLN A 206 -18.20 -9.38 2.93
N SER A 207 -18.18 -8.48 1.95
CA SER A 207 -17.64 -8.75 0.62
C SER A 207 -16.14 -8.48 0.50
N GLN A 208 -15.34 -9.55 0.57
CA GLN A 208 -13.90 -9.48 0.39
C GLN A 208 -13.50 -10.55 -0.61
N LYS A 209 -12.52 -10.24 -1.43
CA LYS A 209 -12.08 -11.17 -2.46
C LYS A 209 -10.92 -12.02 -1.97
N PRO A 210 -10.73 -13.19 -2.57
CA PRO A 210 -9.65 -14.09 -2.11
C PRO A 210 -8.27 -13.49 -2.37
N GLU A 211 -7.35 -13.73 -1.42
CA GLU A 211 -5.98 -13.26 -1.58
C GLU A 211 -5.24 -14.04 -2.67
N GLU A 212 -5.76 -15.18 -3.09
CA GLU A 212 -5.09 -15.98 -4.11
C GLU A 212 -5.00 -15.27 -5.45
N ILE A 213 -5.77 -14.21 -5.66
CA ILE A 213 -5.71 -13.48 -6.93
C ILE A 213 -4.36 -12.82 -7.11
N TYR A 214 -3.91 -12.08 -6.08
CA TYR A 214 -2.64 -11.38 -6.16
C TYR A 214 -1.48 -12.34 -6.38
N GLN A 215 -1.55 -13.53 -5.76
CA GLN A 215 -0.56 -14.56 -6.01
C GLN A 215 -0.58 -15.00 -7.47
N TYR A 216 -1.78 -15.08 -8.07
CA TYR A 216 -1.89 -15.40 -9.48
C TYR A 216 -1.33 -14.28 -10.34
N ILE A 217 -1.65 -13.03 -9.99
CA ILE A 217 -1.12 -11.89 -10.73
C ILE A 217 0.40 -11.86 -10.65
N ASN A 218 0.96 -12.38 -9.56
CA ASN A 218 2.41 -12.52 -9.47
C ASN A 218 2.93 -13.57 -10.43
N GLN A 219 2.31 -14.76 -10.41
CA GLN A 219 2.72 -15.82 -11.34
C GLN A 219 2.58 -15.36 -12.79
N LEU A 220 1.52 -14.60 -13.09
CA LEU A 220 1.38 -14.03 -14.43
C LEU A 220 2.47 -13.00 -14.70
N CYS A 221 2.60 -12.02 -13.81
CA CYS A 221 3.45 -10.85 -14.07
C CYS A 221 4.15 -10.46 -12.78
N PRO A 222 5.33 -10.99 -12.54
CA PRO A 222 6.02 -10.71 -11.27
C PRO A 222 6.81 -9.41 -11.34
N ASN A 223 6.85 -8.72 -10.20
CA ASN A 223 7.65 -7.51 -10.02
C ASN A 223 7.28 -6.45 -11.05
N GLY A 224 5.99 -6.09 -11.05
CA GLY A 224 5.47 -5.16 -12.03
C GLY A 224 4.57 -4.12 -11.40
N ASN A 225 4.19 -3.13 -12.20
CA ASN A 225 3.39 -2.00 -11.73
C ASN A 225 1.93 -2.39 -11.73
N TYR A 226 1.34 -2.45 -10.53
CA TYR A 226 -0.03 -2.90 -10.33
C TYR A 226 -0.93 -1.75 -9.90
N LEU A 227 -2.23 -1.94 -10.14
CA LEU A 227 -3.25 -0.97 -9.75
C LEU A 227 -4.50 -1.73 -9.36
N GLU A 228 -5.16 -1.28 -8.30
CA GLU A 228 -6.42 -1.86 -7.85
C GLU A 228 -7.37 -0.72 -7.50
N ILE A 229 -8.33 -0.46 -8.38
CA ILE A 229 -9.32 0.57 -8.11
C ILE A 229 -10.40 -0.04 -7.23
N PHE A 230 -11.07 0.81 -6.44
CA PHE A 230 -12.10 0.40 -5.49
C PHE A 230 -11.58 -0.70 -4.57
N ALA A 231 -10.58 -0.35 -3.76
CA ALA A 231 -10.00 -1.31 -2.83
C ALA A 231 -10.19 -0.81 -1.40
N ARG A 232 -9.91 -1.70 -0.45
CA ARG A 232 -10.05 -1.41 0.97
C ARG A 232 -8.75 -1.80 1.67
N ARG A 233 -8.73 -1.56 2.98
CA ARG A 233 -7.60 -1.87 3.80
C ARG A 233 -7.09 -3.28 3.55
N ASN A 234 -7.97 -4.25 3.42
CA ASN A 234 -7.61 -5.64 3.28
C ASN A 234 -7.09 -6.00 1.89
N ASN A 235 -6.97 -5.02 1.00
CA ASN A 235 -6.46 -5.28 -0.34
C ASN A 235 -5.03 -4.79 -0.53
N LEU A 236 -4.47 -4.07 0.43
CA LEU A 236 -3.17 -3.45 0.24
C LEU A 236 -2.07 -4.51 0.14
N HIS A 237 -1.20 -4.35 -0.85
CA HIS A 237 -0.09 -5.26 -1.07
C HIS A 237 1.11 -4.45 -1.53
N ASP A 238 2.27 -5.11 -1.60
CA ASP A 238 3.46 -4.45 -2.09
C ASP A 238 3.34 -4.19 -3.59
N ASN A 239 3.76 -3.00 -4.02
CA ASN A 239 3.73 -2.53 -5.39
C ASN A 239 2.31 -2.30 -5.91
N TRP A 240 1.28 -2.38 -5.05
CA TRP A 240 -0.09 -2.19 -5.49
C TRP A 240 -0.55 -0.77 -5.18
N VAL A 241 -0.97 -0.06 -6.22
CA VAL A 241 -1.54 1.27 -6.11
C VAL A 241 -3.05 1.09 -5.92
N SER A 242 -3.53 1.28 -4.69
CA SER A 242 -4.91 1.01 -4.34
C SER A 242 -5.67 2.33 -4.16
N ILE A 243 -6.76 2.48 -4.90
CA ILE A 243 -7.63 3.65 -4.82
C ILE A 243 -8.98 3.21 -4.30
N GLY A 244 -9.48 3.90 -3.28
CA GLY A 244 -10.76 3.55 -2.68
C GLY A 244 -11.14 4.41 -1.48
N ASN A 245 -12.38 4.89 -1.45
CA ASN A 245 -12.78 5.90 -0.48
C ASN A 245 -13.02 5.32 0.91
N GLU A 246 -12.34 4.23 1.19
CA GLU A 246 -12.40 3.66 2.51
C GLU A 246 -11.04 3.36 3.12
N LEU A 247 -10.00 4.07 2.70
CA LEU A 247 -8.64 3.81 3.12
C LEU A 247 -8.16 4.88 4.09
N GLN B 15 -19.38 45.40 38.94
CA GLN B 15 -18.98 46.03 37.69
C GLN B 15 -20.20 46.49 36.89
N GLY B 16 -21.34 45.85 37.16
CA GLY B 16 -22.56 46.15 36.43
C GLY B 16 -22.42 45.96 34.94
N LEU B 17 -22.15 44.72 34.51
CA LEU B 17 -21.89 44.40 33.12
C LEU B 17 -23.05 43.66 32.46
N LEU B 18 -24.27 43.90 32.94
CA LEU B 18 -25.46 43.40 32.26
C LEU B 18 -25.96 44.36 31.19
N GLN B 19 -25.97 45.66 31.47
CA GLN B 19 -26.24 46.67 30.44
C GLN B 19 -25.00 47.02 29.64
N ASP B 20 -23.85 46.45 29.98
CA ASP B 20 -22.66 46.56 29.14
C ASP B 20 -22.75 45.61 27.94
N ILE B 21 -22.79 44.30 28.20
CA ILE B 21 -22.77 43.31 27.14
C ILE B 21 -23.99 43.44 26.25
N GLU B 22 -25.13 43.84 26.80
CA GLU B 22 -26.33 44.04 25.97
C GLU B 22 -26.19 45.27 25.09
N LYS B 23 -25.42 46.27 25.53
CA LYS B 23 -25.20 47.46 24.71
C LYS B 23 -24.30 47.17 23.53
N ARG B 24 -23.29 46.32 23.72
CA ARG B 24 -22.43 45.92 22.62
C ARG B 24 -23.20 45.13 21.56
N ILE B 25 -24.26 44.41 21.96
CA ILE B 25 -24.96 43.53 21.02
C ILE B 25 -25.80 44.35 20.05
N LEU B 26 -26.58 45.30 20.56
CA LEU B 26 -27.53 46.01 19.71
C LEU B 26 -26.87 47.06 18.83
N HIS B 27 -25.80 47.69 19.32
CA HIS B 27 -25.03 48.58 18.46
C HIS B 27 -24.23 47.81 17.42
N TYR B 28 -23.92 46.54 17.70
CA TYR B 28 -23.16 45.73 16.77
C TYR B 28 -23.99 45.33 15.56
N LYS B 29 -25.14 44.66 15.81
CA LYS B 29 -26.00 44.17 14.75
C LYS B 29 -26.32 45.22 13.69
N GLN B 30 -26.24 46.51 14.07
CA GLN B 30 -26.40 47.61 13.13
C GLN B 30 -25.15 47.89 12.30
N LEU B 31 -24.10 47.10 12.44
CA LEU B 31 -22.96 47.17 11.55
C LEU B 31 -22.95 46.04 10.52
N PHE B 32 -23.60 44.92 10.83
CA PHE B 32 -23.84 43.87 9.85
C PHE B 32 -25.06 44.20 8.97
N PHE B 33 -26.19 44.57 9.58
CA PHE B 33 -27.25 45.22 8.81
C PHE B 33 -26.70 46.29 7.88
N LYS B 34 -25.67 47.01 8.33
CA LYS B 34 -25.06 48.04 7.51
C LYS B 34 -24.25 47.45 6.36
N GLU B 35 -23.42 46.44 6.65
CA GLU B 35 -22.50 45.92 5.63
C GLU B 35 -23.24 45.20 4.51
N GLN B 36 -24.36 44.56 4.83
CA GLN B 36 -25.11 43.79 3.82
C GLN B 36 -26.20 44.62 3.14
N ASN B 37 -26.38 45.88 3.52
CA ASN B 37 -27.16 46.79 2.69
C ASN B 37 -26.29 47.39 1.58
N GLU B 38 -25.15 47.96 1.96
CA GLU B 38 -24.19 48.47 0.98
C GLU B 38 -23.76 47.39 -0.02
N ILE B 39 -23.71 46.13 0.43
CA ILE B 39 -23.36 45.03 -0.46
C ILE B 39 -24.40 44.89 -1.56
N ALA B 40 -25.69 44.92 -1.21
CA ALA B 40 -26.72 44.95 -2.24
C ALA B 40 -26.55 46.18 -3.13
N ASN B 41 -26.13 47.30 -2.55
CA ASN B 41 -25.96 48.55 -3.27
C ASN B 41 -24.63 48.55 -4.04
N GLY B 42 -24.07 47.37 -4.26
CA GLY B 42 -22.86 47.26 -5.04
C GLY B 42 -21.59 47.73 -4.37
N LYS B 43 -21.50 47.57 -3.05
CA LYS B 43 -20.26 47.85 -2.34
C LYS B 43 -19.11 47.08 -2.97
N ARG B 44 -18.14 47.80 -3.51
CA ARG B 44 -16.99 47.18 -4.14
C ARG B 44 -16.15 46.44 -3.11
N SER B 45 -15.08 45.81 -3.58
CA SER B 45 -14.11 45.13 -2.74
C SER B 45 -12.72 45.63 -3.09
N MET B 46 -11.78 45.41 -2.17
CA MET B 46 -10.40 45.77 -2.44
C MET B 46 -9.79 44.94 -3.57
N VAL B 47 -10.47 43.87 -3.99
CA VAL B 47 -10.01 43.03 -5.10
C VAL B 47 -10.04 43.83 -6.39
N PRO B 48 -8.95 43.87 -7.17
CA PRO B 48 -9.00 44.54 -8.47
C PRO B 48 -9.93 43.80 -9.42
N ASP B 49 -10.40 44.53 -10.44
CA ASP B 49 -11.41 44.01 -11.35
C ASP B 49 -10.82 43.28 -12.55
N ASN B 50 -9.50 43.08 -12.60
CA ASN B 50 -8.89 42.30 -13.66
C ASN B 50 -8.12 41.10 -13.12
N SER B 51 -8.42 40.68 -11.90
CA SER B 51 -7.84 39.46 -11.36
C SER B 51 -8.67 38.25 -11.79
N ILE B 52 -8.02 37.10 -11.83
CA ILE B 52 -8.71 35.85 -12.13
C ILE B 52 -8.51 34.87 -10.97
N PRO B 53 -9.35 34.94 -9.94
CA PRO B 53 -9.20 34.04 -8.79
C PRO B 53 -9.85 32.68 -9.02
N ILE B 54 -9.08 31.61 -8.87
CA ILE B 54 -9.60 30.24 -8.92
C ILE B 54 -9.32 29.59 -7.57
N CYS B 55 -10.38 29.18 -6.89
CA CYS B 55 -10.24 28.45 -5.64
C CYS B 55 -10.19 26.96 -5.96
N SER B 56 -9.01 26.37 -5.87
CA SER B 56 -8.81 24.99 -6.33
C SER B 56 -7.57 24.42 -5.66
N ASP B 57 -7.59 23.12 -5.37
CA ASP B 57 -6.45 22.44 -4.79
C ASP B 57 -5.59 21.87 -5.92
N VAL B 58 -4.34 22.33 -6.02
CA VAL B 58 -3.46 21.97 -7.11
C VAL B 58 -3.24 20.46 -7.23
N THR B 59 -3.69 19.68 -6.25
CA THR B 59 -3.57 18.24 -6.30
C THR B 59 -4.78 17.55 -6.93
N LYS B 60 -5.86 18.30 -7.17
CA LYS B 60 -7.05 17.77 -7.83
C LYS B 60 -7.43 18.57 -9.08
N LEU B 61 -6.68 19.61 -9.42
CA LEU B 61 -7.02 20.47 -10.54
C LEU B 61 -6.69 19.79 -11.87
N ASN B 62 -7.45 20.15 -12.90
CA ASN B 62 -7.24 19.69 -14.27
C ASN B 62 -6.70 20.89 -15.06
N PHE B 63 -5.38 20.98 -15.18
CA PHE B 63 -4.76 22.14 -15.82
C PHE B 63 -5.08 22.25 -17.30
N GLN B 64 -5.59 21.19 -17.92
CA GLN B 64 -6.04 21.30 -19.30
C GLN B 64 -7.15 22.33 -19.43
N ALA B 65 -8.02 22.42 -18.41
CA ALA B 65 -9.04 23.46 -18.40
C ALA B 65 -8.41 24.86 -18.47
N LEU B 66 -7.33 25.07 -17.71
CA LEU B 66 -6.63 26.36 -17.78
C LEU B 66 -5.85 26.47 -19.08
N ILE B 67 -5.10 25.42 -19.43
CA ILE B 67 -4.29 25.45 -20.66
C ILE B 67 -5.16 25.82 -21.85
N ASP B 68 -6.31 25.18 -21.97
CA ASP B 68 -7.23 25.51 -23.05
C ASP B 68 -7.76 26.92 -22.88
N ALA B 69 -8.34 27.22 -21.70
CA ALA B 69 -8.99 28.52 -21.51
C ALA B 69 -8.01 29.67 -21.67
N GLN B 70 -6.72 29.43 -21.45
CA GLN B 70 -5.73 30.46 -21.71
C GLN B 70 -5.53 30.62 -23.21
N MET B 71 -5.40 29.51 -23.93
CA MET B 71 -5.14 29.57 -25.36
C MET B 71 -6.34 30.06 -26.17
N ARG B 72 -7.55 29.87 -25.64
CA ARG B 72 -8.75 30.27 -26.38
C ARG B 72 -8.92 31.78 -26.38
N HIS B 73 -8.88 32.40 -25.19
CA HIS B 73 -9.13 33.83 -25.06
C HIS B 73 -7.88 34.69 -25.23
N ALA B 74 -6.71 34.07 -25.40
CA ALA B 74 -5.47 34.80 -25.62
C ALA B 74 -4.51 33.90 -26.40
N GLY B 75 -3.75 34.50 -27.30
CA GLY B 75 -2.94 33.76 -28.24
C GLY B 75 -1.54 33.44 -27.75
N LYS B 76 -1.35 33.48 -26.43
CA LYS B 76 -0.06 33.18 -25.82
C LYS B 76 -0.23 32.11 -24.75
N MET B 77 0.90 31.66 -24.22
CA MET B 77 0.93 31.03 -22.92
C MET B 77 1.42 32.06 -21.91
N PHE B 78 1.53 31.65 -20.65
CA PHE B 78 1.88 32.58 -19.60
C PHE B 78 3.31 33.10 -19.78
N ASP B 79 3.52 34.34 -19.35
CA ASP B 79 4.83 34.98 -19.44
C ASP B 79 5.58 34.97 -18.11
N VAL B 80 4.86 35.05 -16.99
CA VAL B 80 5.46 35.14 -15.67
C VAL B 80 4.64 34.27 -14.74
N ILE B 81 5.31 33.34 -14.05
CA ILE B 81 4.66 32.45 -13.10
C ILE B 81 5.27 32.65 -11.74
N MET B 82 4.43 32.96 -10.75
CA MET B 82 4.84 33.09 -9.36
C MET B 82 4.38 31.86 -8.57
N MET B 83 5.27 31.36 -7.72
CA MET B 83 4.93 30.33 -6.74
C MET B 83 5.23 30.83 -5.34
N ASP B 84 4.94 29.97 -4.36
CA ASP B 84 5.13 30.21 -2.94
C ASP B 84 4.74 28.94 -2.18
N PRO B 85 5.32 27.80 -2.51
CA PRO B 85 4.74 26.52 -2.11
C PRO B 85 4.77 26.34 -0.60
N PRO B 86 3.72 25.74 -0.04
CA PRO B 86 3.70 25.43 1.41
C PRO B 86 4.48 24.16 1.72
N TRP B 87 5.80 24.30 1.84
CA TRP B 87 6.67 23.16 2.04
C TRP B 87 6.34 22.46 3.36
N GLN B 88 6.45 21.14 3.37
CA GLN B 88 6.20 20.39 4.61
C GLN B 88 7.48 20.40 5.45
N LEU B 89 7.35 20.87 6.69
CA LEU B 89 8.49 21.13 7.55
C LEU B 89 8.31 20.55 8.95
N ASP B 103 0.07 24.64 3.99
CA ASP B 103 -0.63 23.54 4.63
C ASP B 103 0.08 22.22 4.34
N SER B 104 1.42 22.27 4.35
CA SER B 104 2.28 21.09 4.24
C SER B 104 1.95 20.27 2.98
N LEU B 105 2.30 20.85 1.84
CA LEU B 105 2.15 20.14 0.58
C LEU B 105 3.39 19.29 0.34
N SER B 106 3.19 17.98 0.18
CA SER B 106 4.30 17.04 0.06
C SER B 106 5.26 17.48 -1.04
N ASP B 107 6.52 17.07 -0.91
CA ASP B 107 7.60 17.68 -1.67
C ASP B 107 7.48 17.37 -3.16
N GLU B 108 7.07 16.15 -3.51
CA GLU B 108 6.93 15.83 -4.92
C GLU B 108 5.57 16.24 -5.49
N LYS B 109 4.55 16.39 -4.63
CA LYS B 109 3.28 16.93 -5.09
C LYS B 109 3.47 18.27 -5.79
N ILE B 110 4.40 19.07 -5.30
CA ILE B 110 4.72 20.34 -5.93
C ILE B 110 5.44 20.09 -7.26
N GLN B 111 6.37 19.14 -7.28
CA GLN B 111 7.01 18.72 -8.52
C GLN B 111 6.00 18.29 -9.57
N ASN B 112 4.97 17.55 -9.14
CA ASN B 112 4.07 16.88 -10.08
C ASN B 112 3.23 17.83 -10.91
N MET B 113 3.01 19.05 -10.44
CA MET B 113 2.25 20.04 -11.16
C MET B 113 2.85 20.25 -12.56
N PRO B 114 2.08 20.06 -13.62
CA PRO B 114 2.65 20.03 -14.99
C PRO B 114 3.03 21.41 -15.49
N ILE B 115 4.08 21.96 -14.91
CA ILE B 115 4.46 23.34 -15.20
C ILE B 115 4.99 23.48 -16.62
N GLN B 116 5.54 22.40 -17.19
CA GLN B 116 6.13 22.49 -18.52
C GLN B 116 5.11 22.99 -19.54
N SER B 117 3.93 22.37 -19.56
CA SER B 117 2.91 22.72 -20.52
C SER B 117 2.32 24.10 -20.27
N LEU B 118 2.31 24.56 -19.02
CA LEU B 118 1.76 25.87 -18.69
C LEU B 118 2.54 27.02 -19.30
N GLN B 119 3.84 26.85 -19.56
CA GLN B 119 4.65 27.95 -20.09
C GLN B 119 5.64 27.44 -21.12
N GLN B 120 5.68 28.11 -22.28
CA GLN B 120 6.63 27.79 -23.33
C GLN B 120 7.70 28.86 -23.52
N ASP B 121 7.48 30.06 -23.01
CA ASP B 121 8.30 31.20 -23.36
C ASP B 121 8.17 32.24 -22.26
N GLY B 122 9.04 32.15 -21.25
CA GLY B 122 9.05 33.18 -20.22
C GLY B 122 9.94 32.84 -19.05
N PHE B 123 9.58 33.36 -17.89
CA PHE B 123 10.28 33.16 -16.62
C PHE B 123 9.34 32.51 -15.62
N ILE B 124 9.93 32.09 -14.50
CA ILE B 124 9.22 31.48 -13.39
C ILE B 124 9.76 32.08 -12.09
N PHE B 125 8.87 32.57 -11.24
CA PHE B 125 9.21 33.01 -9.90
C PHE B 125 8.71 31.98 -8.89
N VAL B 126 9.57 31.56 -7.98
CA VAL B 126 9.20 30.65 -6.90
C VAL B 126 9.99 31.01 -5.65
N TRP B 127 9.28 31.21 -4.54
CA TRP B 127 9.89 31.55 -3.27
C TRP B 127 10.33 30.28 -2.55
N ALA B 128 11.54 30.31 -1.99
CA ALA B 128 12.14 29.12 -1.38
C ALA B 128 12.63 29.46 0.02
N ILE B 129 11.99 28.88 1.04
CA ILE B 129 12.57 28.96 2.37
C ILE B 129 13.92 28.25 2.37
N ASN B 130 14.76 28.62 3.33
CA ASN B 130 16.16 28.20 3.32
C ASN B 130 16.28 26.68 3.30
N ALA B 131 15.40 25.99 4.04
CA ALA B 131 15.50 24.54 4.13
C ALA B 131 15.15 23.84 2.82
N LYS B 132 14.52 24.54 1.88
CA LYS B 132 14.15 23.98 0.59
C LYS B 132 14.89 24.65 -0.56
N TYR B 133 15.92 25.45 -0.26
CA TYR B 133 16.59 26.23 -1.29
C TYR B 133 17.20 25.33 -2.35
N ARG B 134 17.98 24.32 -1.93
CA ARG B 134 18.60 23.42 -2.89
C ARG B 134 17.56 22.65 -3.69
N VAL B 135 16.50 22.19 -3.02
CA VAL B 135 15.49 21.39 -3.71
C VAL B 135 14.72 22.23 -4.71
N THR B 136 14.59 23.54 -4.47
CA THR B 136 13.88 24.40 -5.41
C THR B 136 14.67 24.56 -6.72
N ILE B 137 16.00 24.58 -6.63
CA ILE B 137 16.81 24.55 -7.84
C ILE B 137 16.66 23.21 -8.55
N LYS B 138 16.56 22.13 -7.77
CA LYS B 138 16.29 20.82 -8.35
C LYS B 138 15.00 20.82 -9.16
N MET B 139 14.01 21.61 -8.73
CA MET B 139 12.69 21.55 -9.35
C MET B 139 12.64 22.29 -10.69
N ILE B 140 12.96 23.59 -10.68
CA ILE B 140 12.80 24.40 -11.88
C ILE B 140 13.71 23.92 -13.01
N GLU B 141 14.78 23.20 -12.68
CA GLU B 141 15.59 22.58 -13.72
C GLU B 141 14.91 21.34 -14.28
N ASN B 142 14.03 20.70 -13.51
CA ASN B 142 13.29 19.54 -14.01
C ASN B 142 12.17 19.96 -14.97
N TRP B 143 11.53 21.11 -14.69
CA TRP B 143 10.46 21.61 -15.55
C TRP B 143 10.98 22.26 -16.83
N GLY B 144 12.30 22.41 -16.96
CA GLY B 144 12.89 22.93 -18.18
C GLY B 144 13.33 24.37 -18.11
N TYR B 145 13.60 24.89 -16.92
CA TYR B 145 14.09 26.25 -16.78
C TYR B 145 15.60 26.24 -16.54
N LYS B 146 16.21 27.40 -16.73
CA LYS B 146 17.61 27.62 -16.46
C LYS B 146 17.74 28.67 -15.35
N LEU B 147 18.43 28.31 -14.27
CA LEU B 147 18.61 29.21 -13.15
C LEU B 147 19.51 30.37 -13.55
N VAL B 148 19.04 31.60 -13.34
CA VAL B 148 19.74 32.77 -13.84
C VAL B 148 19.83 33.88 -12.80
N ASP B 149 18.82 34.00 -11.94
CA ASP B 149 18.76 35.15 -11.05
C ASP B 149 18.04 34.78 -9.77
N GLU B 150 18.18 35.65 -8.77
CA GLU B 150 17.60 35.44 -7.45
C GLU B 150 17.32 36.79 -6.81
N ILE B 151 16.07 37.03 -6.45
CA ILE B 151 15.72 38.19 -5.64
C ILE B 151 16.00 37.89 -4.17
N THR B 152 16.27 38.96 -3.40
CA THR B 152 16.50 38.83 -1.97
C THR B 152 15.72 39.92 -1.27
N TRP B 153 14.80 39.53 -0.39
CA TRP B 153 13.87 40.45 0.25
C TRP B 153 14.29 40.60 1.71
N VAL B 154 15.00 41.68 2.01
CA VAL B 154 15.46 41.94 3.37
C VAL B 154 14.33 42.55 4.18
N LYS B 155 14.20 42.12 5.43
CA LYS B 155 13.06 42.46 6.27
C LYS B 155 13.47 43.56 7.25
N LYS B 156 12.89 44.75 7.07
CA LYS B 156 13.25 45.95 7.83
C LYS B 156 12.27 46.18 8.98
N THR B 157 12.81 46.52 10.15
CA THR B 157 11.98 46.83 11.31
C THR B 157 11.27 48.17 11.14
N VAL B 158 11.98 49.16 10.60
CA VAL B 158 11.46 50.53 10.45
C VAL B 158 11.04 51.07 11.82
N LYS B 161 16.20 48.29 10.75
CA LYS B 161 16.23 47.82 9.37
C LYS B 161 16.91 46.45 9.24
N ILE B 162 16.51 45.52 10.10
CA ILE B 162 17.06 44.17 10.12
C ILE B 162 16.01 43.21 10.64
N ALA B 163 16.31 41.92 10.55
CA ALA B 163 15.36 40.88 10.92
C ALA B 163 16.03 39.78 11.71
N LYS B 164 15.33 39.31 12.73
CA LYS B 164 15.86 38.31 13.66
C LYS B 164 15.13 37.00 13.40
N GLY B 165 15.80 36.07 12.73
CA GLY B 165 15.22 34.78 12.43
C GLY B 165 16.11 33.64 12.89
N HIS B 166 15.49 32.60 13.43
CA HIS B 166 16.22 31.47 13.99
C HIS B 166 16.68 30.58 12.85
N GLY B 167 17.98 30.64 12.53
CA GLY B 167 18.59 29.78 11.55
C GLY B 167 19.47 28.75 12.23
N PHE B 168 19.68 27.62 11.56
CA PHE B 168 20.48 26.55 12.14
C PHE B 168 21.94 26.98 12.29
N TYR B 169 22.47 27.73 11.32
CA TYR B 169 23.84 28.20 11.40
C TYR B 169 23.93 29.72 11.47
N LEU B 170 23.31 30.43 10.53
CA LEU B 170 23.32 31.89 10.50
C LEU B 170 21.89 32.40 10.64
N GLN B 171 21.71 33.42 11.46
CA GLN B 171 20.40 34.04 11.63
C GLN B 171 19.89 34.54 10.28
N HIS B 172 18.69 34.11 9.91
CA HIS B 172 18.14 34.45 8.61
C HIS B 172 17.54 35.86 8.64
N ALA B 173 17.91 36.69 7.67
CA ALA B 173 17.43 38.06 7.58
C ALA B 173 16.70 38.34 6.28
N LYS B 174 16.44 37.31 5.47
CA LYS B 174 15.85 37.50 4.16
C LYS B 174 15.29 36.18 3.66
N GLU B 175 14.43 36.27 2.65
CA GLU B 175 13.94 35.11 1.91
C GLU B 175 14.19 35.34 0.42
N SER B 176 14.65 34.29 -0.25
CA SER B 176 15.03 34.37 -1.65
C SER B 176 13.89 33.89 -2.53
N CYS B 177 13.70 34.57 -3.65
CA CYS B 177 12.74 34.19 -4.67
C CYS B 177 13.53 33.88 -5.93
N LEU B 178 13.57 32.62 -6.32
CA LEU B 178 14.40 32.17 -7.43
C LEU B 178 13.69 32.37 -8.76
N ILE B 179 14.48 32.37 -9.83
CA ILE B 179 13.97 32.62 -11.18
C ILE B 179 14.61 31.64 -12.14
N GLY B 180 13.78 31.08 -13.04
CA GLY B 180 14.27 30.28 -14.14
C GLY B 180 13.84 30.90 -15.46
N VAL B 181 14.49 30.46 -16.53
CA VAL B 181 14.22 31.01 -17.86
C VAL B 181 14.15 29.88 -18.88
N LYS B 182 13.18 29.98 -19.79
CA LYS B 182 13.07 29.05 -20.92
C LYS B 182 12.45 29.79 -22.11
N GLY B 183 13.07 29.66 -23.26
CA GLY B 183 12.54 30.20 -24.50
C GLY B 183 13.21 31.49 -24.96
N ASP B 184 12.52 32.18 -25.86
CA ASP B 184 13.03 33.41 -26.46
C ASP B 184 12.51 34.59 -25.65
N VAL B 185 13.41 35.25 -24.93
CA VAL B 185 13.09 36.47 -24.22
C VAL B 185 13.75 37.69 -24.86
N ASP B 186 14.41 37.50 -26.01
CA ASP B 186 14.95 38.62 -26.76
C ASP B 186 13.85 39.51 -27.33
N ASN B 187 12.62 39.00 -27.38
CA ASN B 187 11.49 39.80 -27.84
C ASN B 187 11.35 41.05 -27.00
N GLY B 188 10.88 42.12 -27.64
CA GLY B 188 10.57 43.34 -26.90
C GLY B 188 9.49 43.16 -25.85
N ARG B 189 8.84 42.00 -25.82
CA ARG B 189 7.89 41.66 -24.77
C ARG B 189 8.55 41.58 -23.40
N PHE B 190 9.85 41.32 -23.34
CA PHE B 190 10.59 41.20 -22.08
C PHE B 190 11.68 42.26 -22.02
N LYS B 191 11.44 43.32 -21.26
CA LYS B 191 12.44 44.37 -21.07
C LYS B 191 13.54 43.85 -20.15
N LYS B 192 14.76 43.76 -20.68
CA LYS B 192 15.90 43.38 -19.88
C LYS B 192 16.49 44.59 -19.15
N ASN B 193 17.09 44.34 -17.99
CA ASN B 193 17.75 45.36 -17.20
C ASN B 193 16.76 46.42 -16.73
N ILE B 194 15.78 46.04 -15.91
CA ILE B 194 14.72 46.96 -15.54
C ILE B 194 14.62 47.09 -14.01
N ALA B 195 14.45 45.96 -13.32
CA ALA B 195 14.26 45.93 -11.88
C ALA B 195 15.52 45.43 -11.19
N SER B 196 15.47 45.40 -9.86
CA SER B 196 16.60 45.07 -9.01
C SER B 196 16.54 43.60 -8.57
N ASP B 197 17.40 43.23 -7.62
CA ASP B 197 17.31 41.95 -6.93
C ASP B 197 17.01 42.10 -5.45
N VAL B 198 16.92 43.32 -4.93
CA VAL B 198 16.73 43.54 -3.50
C VAL B 198 15.43 44.32 -3.29
N ILE B 199 14.59 43.82 -2.40
CA ILE B 199 13.37 44.47 -1.99
C ILE B 199 13.44 44.75 -0.50
N PHE B 200 12.81 45.86 -0.07
CA PHE B 200 13.00 46.37 1.29
C PHE B 200 11.66 46.55 2.01
N SER B 201 10.64 45.78 1.66
CA SER B 201 9.34 45.96 2.27
C SER B 201 9.36 45.54 3.74
N GLU B 202 8.34 45.99 4.47
CA GLU B 202 8.11 45.52 5.82
C GLU B 202 7.70 44.04 5.79
N ARG B 203 7.80 43.39 6.95
CA ARG B 203 7.37 42.01 7.07
C ARG B 203 5.86 41.94 7.24
N ARG B 204 5.12 42.66 6.40
CA ARG B 204 3.73 42.85 6.73
C ARG B 204 3.02 41.52 6.76
N GLY B 205 2.28 41.28 7.84
CA GLY B 205 1.26 40.25 7.83
C GLY B 205 1.74 38.91 7.34
N GLN B 206 2.90 38.45 7.78
CA GLN B 206 3.47 37.23 7.22
C GLN B 206 2.61 36.04 7.59
N SER B 207 2.69 34.99 6.79
CA SER B 207 3.65 34.89 5.69
C SER B 207 3.11 35.51 4.40
N GLN B 208 3.63 36.68 4.05
CA GLN B 208 3.14 37.42 2.91
C GLN B 208 4.32 38.10 2.22
N LYS B 209 4.34 38.01 0.88
CA LYS B 209 5.46 38.47 0.08
C LYS B 209 5.26 39.94 -0.32
N PRO B 210 6.36 40.68 -0.49
CA PRO B 210 6.24 42.12 -0.76
C PRO B 210 5.57 42.40 -2.10
N GLU B 211 4.63 43.36 -2.09
CA GLU B 211 3.94 43.74 -3.31
C GLU B 211 4.89 44.31 -4.36
N GLU B 212 6.10 44.70 -3.95
CA GLU B 212 7.07 45.23 -4.90
C GLU B 212 7.44 44.22 -5.98
N ILE B 213 7.17 42.94 -5.76
CA ILE B 213 7.46 41.92 -6.77
C ILE B 213 6.62 42.15 -8.02
N TYR B 214 5.31 42.38 -7.83
CA TYR B 214 4.43 42.58 -8.97
C TYR B 214 4.80 43.81 -9.76
N GLN B 215 5.25 44.86 -9.05
CA GLN B 215 5.85 46.01 -9.74
C GLN B 215 7.09 45.57 -10.51
N TYR B 216 7.98 44.84 -9.85
CA TYR B 216 9.19 44.37 -10.50
C TYR B 216 8.88 43.56 -11.75
N ILE B 217 7.85 42.72 -11.68
CA ILE B 217 7.42 41.98 -12.88
C ILE B 217 6.82 42.93 -13.91
N ASN B 218 6.05 43.93 -13.45
CA ASN B 218 5.57 44.95 -14.37
C ASN B 218 6.72 45.65 -15.07
N GLN B 219 7.86 45.79 -14.39
CA GLN B 219 9.05 46.29 -15.05
C GLN B 219 9.66 45.25 -16.00
N LEU B 220 9.57 43.96 -15.64
CA LEU B 220 10.18 42.93 -16.47
C LEU B 220 9.37 42.65 -17.73
N CYS B 221 8.07 42.38 -17.57
CA CYS B 221 7.17 42.22 -18.71
C CYS B 221 5.92 43.06 -18.44
N PRO B 222 5.76 44.19 -19.11
CA PRO B 222 4.57 45.01 -18.86
C PRO B 222 3.40 44.55 -19.71
N ASN B 223 2.22 44.56 -19.10
CA ASN B 223 0.96 44.23 -19.78
C ASN B 223 0.99 42.82 -20.35
N GLY B 224 1.51 41.87 -19.57
CA GLY B 224 1.63 40.50 -19.99
C GLY B 224 0.73 39.57 -19.18
N ASN B 225 0.66 38.33 -19.66
CA ASN B 225 -0.17 37.31 -19.01
C ASN B 225 0.63 36.68 -17.86
N TYR B 226 0.04 36.70 -16.67
CA TYR B 226 0.73 36.35 -15.45
C TYR B 226 0.04 35.18 -14.76
N LEU B 227 0.80 34.45 -13.95
CA LEU B 227 0.26 33.32 -13.22
C LEU B 227 0.87 33.31 -11.83
N GLU B 228 0.06 33.05 -10.80
CA GLU B 228 0.54 32.94 -9.43
C GLU B 228 -0.15 31.74 -8.78
N ILE B 229 0.60 30.66 -8.56
CA ILE B 229 0.06 29.46 -7.94
C ILE B 229 0.25 29.56 -6.43
N PHE B 230 -0.60 28.84 -5.70
CA PHE B 230 -0.74 29.00 -4.25
C PHE B 230 -0.87 30.49 -3.94
N ALA B 231 -2.04 31.07 -4.17
CA ALA B 231 -2.22 32.50 -3.98
C ALA B 231 -3.41 32.77 -3.07
N ARG B 232 -3.21 33.63 -2.08
CA ARG B 232 -4.27 34.04 -1.16
C ARG B 232 -4.91 35.35 -1.62
N ARG B 233 -5.94 35.76 -0.88
CA ARG B 233 -6.76 36.90 -1.30
C ARG B 233 -5.95 38.19 -1.37
N ASN B 234 -4.78 38.24 -0.75
CA ASN B 234 -3.94 39.44 -0.79
C ASN B 234 -2.95 39.45 -1.94
N ASN B 235 -2.93 38.40 -2.76
CA ASN B 235 -2.08 38.35 -3.94
C ASN B 235 -2.79 38.79 -5.21
N LEU B 236 -4.10 39.09 -5.13
CA LEU B 236 -4.88 39.36 -6.32
C LEU B 236 -4.51 40.70 -6.92
N HIS B 237 -4.01 40.68 -8.16
CA HIS B 237 -3.71 41.86 -8.94
C HIS B 237 -4.40 41.76 -10.29
N ASP B 238 -4.47 42.89 -11.00
CA ASP B 238 -4.99 42.88 -12.35
C ASP B 238 -4.17 41.97 -13.25
N ASN B 239 -4.84 41.32 -14.21
CA ASN B 239 -4.23 40.46 -15.21
C ASN B 239 -3.50 39.26 -14.61
N TRP B 240 -3.68 39.01 -13.31
CA TRP B 240 -3.01 37.90 -12.63
C TRP B 240 -3.98 36.75 -12.42
N VAL B 241 -3.64 35.59 -13.00
CA VAL B 241 -4.43 34.37 -12.82
C VAL B 241 -3.96 33.70 -11.53
N SER B 242 -4.81 33.72 -10.51
CA SER B 242 -4.44 33.19 -9.20
C SER B 242 -5.07 31.82 -8.97
N ILE B 243 -4.33 30.93 -8.32
CA ILE B 243 -4.74 29.57 -8.06
C ILE B 243 -4.45 29.28 -6.59
N GLY B 244 -5.49 29.01 -5.81
CA GLY B 244 -5.32 28.78 -4.38
C GLY B 244 -6.60 28.35 -3.69
N ASN B 245 -6.49 27.40 -2.76
CA ASN B 245 -7.65 26.79 -2.12
C ASN B 245 -8.25 27.64 -1.01
N GLU B 246 -7.66 28.81 -0.72
CA GLU B 246 -8.24 29.74 0.24
C GLU B 246 -8.94 30.91 -0.45
N LEU B 247 -9.20 30.79 -1.75
CA LEU B 247 -9.79 31.88 -2.53
C LEU B 247 -11.30 31.73 -2.61
N GLN C 15 -18.54 19.94 47.22
CA GLN C 15 -17.64 19.71 46.11
C GLN C 15 -18.36 19.87 44.77
N GLY C 16 -19.68 19.65 44.78
CA GLY C 16 -20.47 19.76 43.57
C GLY C 16 -20.11 18.74 42.53
N LEU C 17 -20.31 17.45 42.86
CA LEU C 17 -19.88 16.35 42.01
C LEU C 17 -21.06 15.48 41.56
N LEU C 18 -22.25 16.07 41.44
CA LEU C 18 -23.38 15.37 40.83
C LEU C 18 -23.40 15.54 39.31
N GLN C 19 -22.86 16.66 38.82
CA GLN C 19 -22.52 16.79 37.40
C GLN C 19 -21.16 16.18 37.08
N ASP C 20 -20.46 15.65 38.08
CA ASP C 20 -19.20 14.94 37.87
C ASP C 20 -19.42 13.44 37.66
N ILE C 21 -20.42 12.87 38.33
CA ILE C 21 -20.66 11.44 38.20
C ILE C 21 -21.49 11.12 36.95
N GLU C 22 -22.41 12.00 36.58
CA GLU C 22 -23.19 11.77 35.36
C GLU C 22 -22.35 12.04 34.11
N LYS C 23 -21.38 12.95 34.21
CA LYS C 23 -20.46 13.16 33.09
C LYS C 23 -19.66 11.90 32.79
N ARG C 24 -19.20 11.20 33.83
CA ARG C 24 -18.38 10.01 33.62
C ARG C 24 -19.14 8.92 32.88
N ILE C 25 -20.38 8.65 33.30
CA ILE C 25 -21.17 7.62 32.62
C ILE C 25 -21.48 8.02 31.19
N LEU C 26 -21.76 9.31 30.96
CA LEU C 26 -22.19 9.74 29.63
C LEU C 26 -21.11 9.50 28.58
N HIS C 27 -19.86 9.83 28.93
CA HIS C 27 -18.73 9.38 28.12
C HIS C 27 -18.63 7.85 28.11
N TYR C 28 -18.99 7.19 29.21
CA TYR C 28 -18.78 5.76 29.34
C TYR C 28 -19.85 4.94 28.63
N LYS C 29 -21.11 5.38 28.66
CA LYS C 29 -22.16 4.68 27.92
C LYS C 29 -21.74 4.50 26.47
N GLN C 30 -21.22 5.56 25.85
CA GLN C 30 -20.79 5.52 24.47
C GLN C 30 -19.54 4.67 24.28
N LEU C 31 -18.69 4.59 25.32
CA LEU C 31 -17.49 3.76 25.23
C LEU C 31 -17.86 2.31 24.94
N PHE C 32 -18.88 1.80 25.63
CA PHE C 32 -19.35 0.45 25.37
C PHE C 32 -19.82 0.30 23.93
N PHE C 33 -20.60 1.26 23.44
CA PHE C 33 -21.14 1.16 22.08
C PHE C 33 -20.02 1.20 21.04
N LYS C 34 -19.07 2.13 21.21
CA LYS C 34 -17.91 2.20 20.32
C LYS C 34 -17.20 0.86 20.26
N GLU C 35 -16.90 0.28 21.43
CA GLU C 35 -16.20 -1.00 21.46
C GLU C 35 -17.01 -2.08 20.76
N GLN C 36 -18.33 -2.04 20.88
CA GLN C 36 -19.16 -3.00 20.18
C GLN C 36 -19.14 -2.77 18.68
N ASN C 37 -19.09 -1.52 18.25
CA ASN C 37 -19.02 -1.24 16.82
C ASN C 37 -17.70 -1.71 16.22
N GLU C 38 -16.60 -1.53 16.95
CA GLU C 38 -15.33 -2.07 16.49
C GLU C 38 -15.36 -3.60 16.47
N ILE C 39 -15.84 -4.21 17.54
CA ILE C 39 -15.93 -5.67 17.59
C ILE C 39 -16.85 -6.20 16.51
N ALA C 40 -17.98 -5.52 16.28
CA ALA C 40 -18.89 -5.95 15.23
C ALA C 40 -18.28 -5.74 13.85
N ASN C 41 -17.45 -4.73 13.68
CA ASN C 41 -16.78 -4.47 12.42
C ASN C 41 -15.53 -5.33 12.24
N GLY C 42 -15.29 -6.28 13.14
CA GLY C 42 -14.20 -7.21 12.95
C GLY C 42 -12.96 -6.85 13.75
N LYS C 43 -13.15 -6.29 14.95
CA LYS C 43 -12.01 -5.96 15.80
C LYS C 43 -11.33 -7.24 16.24
N ARG C 44 -10.14 -7.49 15.68
CA ARG C 44 -9.37 -8.65 16.06
C ARG C 44 -9.08 -8.63 17.56
N SER C 45 -8.87 -9.81 18.13
CA SER C 45 -8.44 -9.93 19.50
C SER C 45 -6.95 -10.23 19.54
N MET C 46 -6.37 -10.05 20.73
CA MET C 46 -4.95 -10.31 20.91
C MET C 46 -4.58 -11.77 20.70
N VAL C 47 -5.58 -12.64 20.61
CA VAL C 47 -5.34 -14.08 20.48
C VAL C 47 -5.00 -14.40 19.03
N PRO C 48 -3.89 -15.09 18.77
CA PRO C 48 -3.57 -15.49 17.39
C PRO C 48 -4.62 -16.45 16.84
N ASP C 49 -4.79 -16.39 15.52
CA ASP C 49 -5.84 -17.17 14.88
C ASP C 49 -5.55 -18.67 14.96
N ASN C 50 -4.29 -19.07 14.87
CA ASN C 50 -3.94 -20.48 14.91
C ASN C 50 -4.17 -21.10 16.29
N SER C 51 -4.31 -20.28 17.33
CA SER C 51 -4.46 -20.80 18.68
C SER C 51 -5.74 -21.62 18.79
N ILE C 52 -5.65 -22.77 19.43
CA ILE C 52 -6.77 -23.68 19.61
C ILE C 52 -7.11 -23.75 21.09
N PRO C 53 -7.87 -22.80 21.63
CA PRO C 53 -8.23 -22.84 23.05
C PRO C 53 -9.41 -23.75 23.35
N ILE C 54 -9.31 -24.43 24.48
CA ILE C 54 -10.37 -25.30 24.98
C ILE C 54 -10.61 -24.94 26.44
N CYS C 55 -11.81 -24.45 26.75
CA CYS C 55 -12.18 -24.14 28.13
C CYS C 55 -12.75 -25.42 28.75
N SER C 56 -12.01 -26.00 29.69
CA SER C 56 -12.38 -27.29 30.24
C SER C 56 -11.75 -27.45 31.63
N ASP C 57 -12.34 -28.34 32.41
CA ASP C 57 -11.73 -28.81 33.66
C ASP C 57 -11.16 -30.20 33.42
N VAL C 58 -9.87 -30.36 33.73
CA VAL C 58 -9.13 -31.58 33.38
C VAL C 58 -9.72 -32.84 34.00
N THR C 59 -10.47 -32.70 35.09
CA THR C 59 -11.03 -33.87 35.76
C THR C 59 -12.22 -34.46 35.02
N LYS C 60 -13.01 -33.61 34.35
CA LYS C 60 -14.20 -34.05 33.64
C LYS C 60 -13.98 -34.22 32.14
N LEU C 61 -12.92 -33.62 31.60
CA LEU C 61 -12.67 -33.65 30.17
C LEU C 61 -12.42 -35.07 29.68
N ASN C 62 -12.95 -35.38 28.49
CA ASN C 62 -12.64 -36.62 27.80
C ASN C 62 -11.33 -36.42 27.03
N PHE C 63 -10.26 -37.03 27.51
CA PHE C 63 -8.98 -36.97 26.82
C PHE C 63 -8.95 -37.80 25.55
N GLN C 64 -9.92 -38.69 25.35
CA GLN C 64 -9.97 -39.46 24.10
C GLN C 64 -10.47 -38.61 22.94
N ALA C 65 -11.27 -37.58 23.23
CA ALA C 65 -11.67 -36.66 22.16
C ALA C 65 -10.47 -35.90 21.62
N LEU C 66 -9.51 -35.58 22.49
CA LEU C 66 -8.29 -34.91 22.06
C LEU C 66 -7.40 -35.85 21.25
N ILE C 67 -7.33 -37.11 21.66
CA ILE C 67 -6.43 -38.06 21.02
C ILE C 67 -6.92 -38.40 19.62
N ASP C 68 -8.23 -38.57 19.46
CA ASP C 68 -8.79 -38.81 18.13
C ASP C 68 -8.55 -37.59 17.23
N ALA C 69 -8.97 -36.41 17.69
CA ALA C 69 -8.87 -35.21 16.87
C ALA C 69 -7.44 -34.96 16.42
N GLN C 70 -6.49 -35.07 17.35
CA GLN C 70 -5.09 -34.81 17.01
C GLN C 70 -4.56 -35.86 16.03
N MET C 71 -4.97 -37.12 16.20
CA MET C 71 -4.53 -38.18 15.30
C MET C 71 -5.31 -38.20 13.99
N ARG C 72 -6.58 -37.77 14.02
CA ARG C 72 -7.37 -37.75 12.79
C ARG C 72 -6.93 -36.63 11.87
N HIS C 73 -6.68 -35.44 12.43
CA HIS C 73 -6.33 -34.26 11.64
C HIS C 73 -4.84 -34.10 11.43
N ALA C 74 -4.01 -34.87 12.14
CA ALA C 74 -2.56 -34.88 11.94
C ALA C 74 -2.03 -36.26 12.30
N GLY C 75 -1.02 -36.71 11.56
CA GLY C 75 -0.48 -38.03 11.77
C GLY C 75 0.46 -38.18 12.96
N LYS C 76 0.60 -37.14 13.77
CA LYS C 76 1.56 -37.11 14.86
C LYS C 76 0.85 -37.13 16.21
N MET C 77 1.67 -37.18 17.26
CA MET C 77 1.24 -36.87 18.62
C MET C 77 2.12 -35.74 19.14
N PHE C 78 1.68 -35.12 20.23
CA PHE C 78 2.33 -33.92 20.73
C PHE C 78 3.82 -34.14 21.00
N ASP C 79 4.63 -33.24 20.44
CA ASP C 79 6.07 -33.28 20.66
C ASP C 79 6.43 -32.62 21.98
N VAL C 80 5.81 -31.49 22.29
CA VAL C 80 6.12 -30.70 23.48
C VAL C 80 4.85 -30.52 24.28
N ILE C 81 4.93 -30.79 25.58
CA ILE C 81 3.83 -30.60 26.51
C ILE C 81 4.31 -29.67 27.61
N MET C 82 3.61 -28.56 27.81
CA MET C 82 3.85 -27.66 28.92
C MET C 82 2.81 -27.89 30.02
N MET C 83 3.04 -27.25 31.15
CA MET C 83 2.24 -27.51 32.34
C MET C 83 2.57 -26.46 33.38
N ASP C 84 1.63 -26.24 34.29
CA ASP C 84 1.81 -25.31 35.39
C ASP C 84 0.82 -25.70 36.48
N PRO C 85 0.93 -26.88 37.07
CA PRO C 85 -0.18 -27.45 37.84
C PRO C 85 -0.62 -26.53 38.97
N PRO C 86 -1.93 -26.48 39.27
CA PRO C 86 -2.46 -25.67 40.40
C PRO C 86 -2.36 -26.39 41.74
N TRP C 87 -1.14 -26.49 42.25
CA TRP C 87 -0.86 -27.25 43.46
C TRP C 87 -1.57 -26.60 44.66
N GLN C 88 -2.38 -27.38 45.37
CA GLN C 88 -3.02 -26.85 46.56
C GLN C 88 -1.98 -26.50 47.62
N LEU C 89 -2.17 -25.36 48.26
CA LEU C 89 -1.18 -24.86 49.21
C LEU C 89 -1.82 -24.25 50.46
N ASP C 103 -5.86 -23.54 41.50
CA ASP C 103 -7.14 -23.48 42.18
C ASP C 103 -7.40 -24.76 42.98
N SER C 104 -6.49 -25.05 43.92
CA SER C 104 -6.62 -26.13 44.89
C SER C 104 -7.10 -27.44 44.25
N LEU C 105 -6.48 -27.80 43.13
CA LEU C 105 -6.68 -29.12 42.57
C LEU C 105 -5.92 -30.14 43.43
N SER C 106 -6.40 -31.37 43.42
CA SER C 106 -5.86 -32.39 44.31
C SER C 106 -4.56 -32.95 43.76
N ASP C 107 -3.56 -33.06 44.64
CA ASP C 107 -2.24 -33.56 44.25
C ASP C 107 -2.36 -34.90 43.52
N GLU C 108 -3.32 -35.74 43.92
CA GLU C 108 -3.48 -37.04 43.29
C GLU C 108 -4.16 -36.95 41.93
N LYS C 109 -5.15 -36.05 41.80
CA LYS C 109 -5.87 -35.89 40.53
C LYS C 109 -4.93 -35.46 39.40
N ILE C 110 -3.99 -34.57 39.69
CA ILE C 110 -3.01 -34.16 38.69
C ILE C 110 -2.27 -35.37 38.12
N GLN C 111 -1.94 -36.32 39.00
CA GLN C 111 -1.17 -37.47 38.55
C GLN C 111 -2.02 -38.40 37.68
N ASN C 112 -3.33 -38.43 37.91
CA ASN C 112 -4.21 -39.35 37.20
C ASN C 112 -4.49 -38.94 35.76
N MET C 113 -4.03 -37.76 35.34
CA MET C 113 -4.24 -37.33 33.96
C MET C 113 -3.51 -38.27 33.00
N PRO C 114 -4.18 -38.75 31.95
CA PRO C 114 -3.55 -39.72 31.02
C PRO C 114 -2.58 -39.07 30.05
N ILE C 115 -1.55 -38.43 30.59
CA ILE C 115 -0.51 -37.82 29.75
C ILE C 115 0.35 -38.89 29.08
N GLN C 116 0.37 -40.10 29.63
CA GLN C 116 1.01 -41.22 28.94
C GLN C 116 0.40 -41.48 27.58
N SER C 117 -0.82 -40.99 27.35
CA SER C 117 -1.53 -41.16 26.09
C SER C 117 -1.36 -39.98 25.15
N LEU C 118 -1.20 -38.78 25.68
CA LEU C 118 -1.13 -37.58 24.84
C LEU C 118 0.18 -37.46 24.07
N GLN C 119 1.23 -38.14 24.52
CA GLN C 119 2.55 -38.00 23.91
C GLN C 119 3.15 -39.37 23.63
N GLN C 120 3.56 -39.58 22.38
CA GLN C 120 4.30 -40.79 22.00
C GLN C 120 5.77 -40.54 21.78
N ASP C 121 6.18 -39.30 21.58
CA ASP C 121 7.57 -38.96 21.32
C ASP C 121 7.76 -37.47 21.58
N GLY C 122 8.85 -37.14 22.26
CA GLY C 122 9.22 -35.74 22.42
C GLY C 122 9.61 -35.35 23.84
N PHE C 123 9.20 -34.15 24.25
CA PHE C 123 9.57 -33.59 25.54
C PHE C 123 8.32 -33.14 26.28
N ILE C 124 8.46 -33.01 27.61
CA ILE C 124 7.39 -32.54 28.47
C ILE C 124 7.96 -31.52 29.45
N PHE C 125 7.33 -30.34 29.51
CA PHE C 125 7.71 -29.27 30.41
C PHE C 125 6.67 -29.14 31.50
N VAL C 126 7.10 -28.69 32.69
CA VAL C 126 6.19 -28.48 33.80
C VAL C 126 6.83 -27.56 34.83
N TRP C 127 6.10 -26.53 35.23
CA TRP C 127 6.63 -25.54 36.15
C TRP C 127 6.44 -26.00 37.59
N ALA C 128 7.54 -26.14 38.31
CA ALA C 128 7.56 -26.62 39.68
C ALA C 128 7.83 -25.45 40.61
N ILE C 129 6.87 -25.15 41.48
CA ILE C 129 7.12 -24.22 42.58
C ILE C 129 7.95 -24.96 43.62
N ASN C 130 8.51 -24.21 44.58
CA ASN C 130 9.52 -24.78 45.47
C ASN C 130 8.97 -25.96 46.26
N ALA C 131 7.78 -25.81 46.83
CA ALA C 131 7.22 -26.86 47.68
C ALA C 131 6.86 -28.12 46.90
N LYS C 132 6.78 -28.03 45.57
CA LYS C 132 6.38 -29.15 44.73
C LYS C 132 7.49 -29.60 43.78
N TYR C 133 8.73 -29.18 44.01
CA TYR C 133 9.85 -29.54 43.15
C TYR C 133 10.03 -31.05 43.09
N ARG C 134 10.42 -31.67 44.20
CA ARG C 134 10.67 -33.11 44.19
C ARG C 134 9.42 -33.87 43.79
N VAL C 135 8.25 -33.35 44.17
CA VAL C 135 6.99 -34.02 43.83
C VAL C 135 6.83 -34.10 42.31
N THR C 136 7.31 -33.09 41.59
CA THR C 136 7.14 -33.09 40.14
C THR C 136 8.06 -34.09 39.46
N ILE C 137 9.31 -34.21 39.95
CA ILE C 137 10.19 -35.25 39.44
C ILE C 137 9.57 -36.63 39.66
N LYS C 138 8.93 -36.80 40.81
CA LYS C 138 8.20 -38.03 41.08
C LYS C 138 7.04 -38.24 40.11
N MET C 139 6.55 -37.16 39.49
CA MET C 139 5.38 -37.23 38.63
C MET C 139 5.76 -37.46 37.16
N ILE C 140 6.73 -36.69 36.65
CA ILE C 140 7.13 -36.89 35.26
C ILE C 140 7.81 -38.24 35.07
N GLU C 141 8.32 -38.84 36.15
CA GLU C 141 8.85 -40.19 36.08
C GLU C 141 7.75 -41.25 36.15
N ASN C 142 6.61 -40.92 36.76
CA ASN C 142 5.46 -41.81 36.72
C ASN C 142 4.84 -41.92 35.34
N TRP C 143 5.04 -40.92 34.49
CA TRP C 143 4.54 -40.93 33.13
C TRP C 143 5.56 -41.47 32.13
N GLY C 144 6.71 -41.95 32.62
CA GLY C 144 7.68 -42.63 31.80
C GLY C 144 8.84 -41.79 31.32
N TYR C 145 8.92 -40.53 31.73
CA TYR C 145 9.95 -39.64 31.26
C TYR C 145 11.19 -39.69 32.14
N LYS C 146 12.33 -39.40 31.54
CA LYS C 146 13.64 -39.41 32.19
C LYS C 146 14.06 -37.96 32.36
N LEU C 147 14.12 -37.49 33.62
CA LEU C 147 14.50 -36.12 33.90
C LEU C 147 15.89 -35.84 33.33
N VAL C 148 16.01 -34.75 32.55
CA VAL C 148 17.23 -34.54 31.76
C VAL C 148 17.69 -33.09 31.72
N ASP C 149 16.88 -32.16 32.23
CA ASP C 149 17.23 -30.73 32.19
C ASP C 149 16.32 -29.96 33.15
N GLU C 150 16.53 -28.65 33.17
CA GLU C 150 15.72 -27.73 33.98
C GLU C 150 15.99 -26.31 33.51
N ILE C 151 14.92 -25.54 33.29
CA ILE C 151 15.01 -24.15 32.87
C ILE C 151 14.95 -23.25 34.09
N THR C 152 15.94 -22.35 34.22
CA THR C 152 16.04 -21.46 35.37
C THR C 152 15.54 -20.07 34.98
N TRP C 153 14.29 -19.78 35.31
CA TRP C 153 13.71 -18.47 35.02
C TRP C 153 13.96 -17.55 36.20
N VAL C 154 14.91 -16.64 36.05
CA VAL C 154 15.17 -15.62 37.05
C VAL C 154 14.33 -14.39 36.71
N LYS C 155 14.12 -13.55 37.72
CA LYS C 155 13.19 -12.43 37.64
C LYS C 155 13.92 -11.14 37.99
N LYS C 156 14.10 -10.27 36.99
CA LYS C 156 14.83 -9.02 37.16
C LYS C 156 13.91 -7.92 37.65
N THR C 157 14.52 -6.93 38.33
CA THR C 157 13.77 -5.76 38.76
C THR C 157 13.68 -4.72 37.65
N VAL C 158 14.75 -4.57 36.89
CA VAL C 158 14.82 -3.62 35.78
C VAL C 158 14.47 -2.20 36.21
N LYS C 161 17.89 -6.09 39.43
CA LYS C 161 17.91 -7.23 38.52
C LYS C 161 17.98 -8.55 39.30
N ILE C 162 17.21 -8.63 40.39
CA ILE C 162 17.18 -9.82 41.23
C ILE C 162 15.78 -9.98 41.80
N ALA C 163 15.59 -11.03 42.57
CA ALA C 163 14.28 -11.33 43.15
C ALA C 163 14.36 -11.51 44.65
N LYS C 164 13.41 -10.89 45.34
CA LYS C 164 13.30 -10.97 46.79
C LYS C 164 12.12 -11.87 47.14
N GLY C 165 12.42 -13.10 47.57
CA GLY C 165 11.39 -14.05 47.92
C GLY C 165 11.61 -14.61 49.32
N HIS C 166 10.52 -15.08 49.91
CA HIS C 166 10.53 -15.64 51.26
C HIS C 166 10.56 -17.16 51.15
N GLY C 167 11.76 -17.72 51.20
CA GLY C 167 11.93 -19.16 51.29
C GLY C 167 12.10 -19.61 52.73
N PHE C 168 11.71 -20.86 52.99
CA PHE C 168 11.82 -21.40 54.35
C PHE C 168 13.27 -21.45 54.80
N TYR C 169 14.19 -21.75 53.90
CA TYR C 169 15.61 -21.82 54.20
C TYR C 169 16.42 -20.75 53.47
N LEU C 170 16.17 -20.57 52.17
CA LEU C 170 16.92 -19.62 51.36
C LEU C 170 15.96 -18.69 50.63
N GLN C 171 16.42 -17.46 50.38
CA GLN C 171 15.64 -16.54 49.57
C GLN C 171 15.44 -17.13 48.18
N HIS C 172 14.20 -17.16 47.73
CA HIS C 172 13.87 -17.71 46.42
C HIS C 172 13.96 -16.60 45.38
N ALA C 173 14.82 -16.81 44.38
CA ALA C 173 15.07 -15.83 43.34
C ALA C 173 14.89 -16.42 41.95
N LYS C 174 14.15 -17.53 41.84
CA LYS C 174 13.88 -18.15 40.54
C LYS C 174 12.84 -19.24 40.71
N GLU C 175 12.04 -19.42 39.66
CA GLU C 175 11.16 -20.57 39.51
C GLU C 175 11.71 -21.49 38.42
N SER C 176 11.43 -22.78 38.56
CA SER C 176 12.07 -23.81 37.76
C SER C 176 11.04 -24.57 36.95
N CYS C 177 11.33 -24.79 35.67
CA CYS C 177 10.54 -25.67 34.81
C CYS C 177 11.31 -26.95 34.55
N LEU C 178 10.64 -28.08 34.72
CA LEU C 178 11.24 -29.41 34.63
C LEU C 178 11.04 -29.99 33.24
N ILE C 179 12.08 -30.64 32.72
CA ILE C 179 12.07 -31.14 31.34
C ILE C 179 12.27 -32.64 31.38
N GLY C 180 11.34 -33.38 30.75
CA GLY C 180 11.47 -34.80 30.57
C GLY C 180 11.38 -35.15 29.09
N VAL C 181 11.62 -36.43 28.79
CA VAL C 181 11.71 -36.89 27.40
C VAL C 181 11.36 -38.37 27.36
N LYS C 182 10.73 -38.78 26.25
CA LYS C 182 10.41 -40.18 26.02
C LYS C 182 10.46 -40.47 24.53
N GLY C 183 11.18 -41.53 24.17
CA GLY C 183 11.17 -42.02 22.80
C GLY C 183 12.23 -41.40 21.91
N ASP C 184 12.03 -41.62 20.62
CA ASP C 184 12.96 -41.20 19.57
C ASP C 184 12.88 -39.70 19.37
N VAL C 185 13.88 -38.98 19.86
CA VAL C 185 14.06 -37.56 19.56
C VAL C 185 15.27 -37.32 18.68
N ASP C 186 15.96 -38.38 18.24
CA ASP C 186 17.13 -38.24 17.37
C ASP C 186 16.79 -37.67 16.01
N ASN C 187 15.51 -37.60 15.65
CA ASN C 187 15.10 -37.08 14.36
C ASN C 187 15.50 -35.62 14.20
N GLY C 188 15.45 -35.13 12.96
CA GLY C 188 15.68 -33.72 12.73
C GLY C 188 14.57 -32.84 13.25
N ARG C 189 13.49 -33.42 13.75
CA ARG C 189 12.38 -32.65 14.28
C ARG C 189 12.80 -31.82 15.48
N PHE C 190 13.69 -32.34 16.31
CA PHE C 190 14.10 -31.70 17.55
C PHE C 190 15.55 -31.25 17.44
N LYS C 191 15.74 -29.95 17.19
CA LYS C 191 17.07 -29.35 17.19
C LYS C 191 17.73 -29.51 18.55
N LYS C 192 18.67 -30.45 18.65
CA LYS C 192 19.52 -30.51 19.83
C LYS C 192 20.40 -29.27 19.89
N ASN C 193 20.80 -28.89 21.11
CA ASN C 193 21.73 -27.79 21.34
C ASN C 193 21.17 -26.48 20.78
N ILE C 194 19.99 -26.13 21.26
CA ILE C 194 19.24 -25.01 20.68
C ILE C 194 19.06 -23.89 21.71
N ALA C 195 18.33 -24.19 22.78
CA ALA C 195 17.95 -23.18 23.76
C ALA C 195 18.83 -23.22 24.99
N SER C 196 18.84 -22.10 25.71
CA SER C 196 19.53 -22.03 26.99
C SER C 196 18.75 -22.84 28.03
N ASP C 197 19.11 -22.67 29.30
CA ASP C 197 18.25 -23.07 30.39
C ASP C 197 18.05 -21.91 31.37
N VAL C 198 18.45 -20.70 30.98
CA VAL C 198 18.26 -19.48 31.76
C VAL C 198 17.36 -18.55 30.98
N ILE C 199 16.39 -17.95 31.68
CA ILE C 199 15.49 -16.95 31.11
C ILE C 199 15.52 -15.74 32.05
N PHE C 200 15.49 -14.55 31.47
CA PHE C 200 15.71 -13.32 32.23
C PHE C 200 14.68 -12.25 31.90
N SER C 201 13.40 -12.62 31.95
CA SER C 201 12.36 -11.62 31.75
C SER C 201 12.03 -10.94 33.07
N GLU C 202 11.26 -9.85 32.98
CA GLU C 202 10.68 -9.25 34.17
C GLU C 202 9.51 -10.11 34.65
N ARG C 203 9.10 -9.87 35.89
CA ARG C 203 8.02 -10.64 36.50
C ARG C 203 6.65 -10.13 36.05
N ARG C 204 6.38 -10.27 34.76
CA ARG C 204 5.15 -9.74 34.25
C ARG C 204 4.00 -10.41 34.98
N GLY C 205 3.04 -9.62 35.42
CA GLY C 205 1.71 -10.13 35.70
C GLY C 205 1.65 -11.35 36.59
N GLN C 206 2.40 -11.37 37.68
CA GLN C 206 2.47 -12.59 38.46
C GLN C 206 1.06 -12.94 38.90
N SER C 207 0.72 -14.23 38.83
CA SER C 207 1.61 -15.30 38.40
C SER C 207 1.52 -15.55 36.90
N GLN C 208 2.59 -15.22 36.18
CA GLN C 208 2.64 -15.45 34.74
C GLN C 208 4.05 -15.85 34.33
N LYS C 209 4.15 -16.79 33.41
CA LYS C 209 5.37 -17.37 32.87
C LYS C 209 5.91 -16.51 31.72
N PRO C 210 7.23 -16.41 31.59
CA PRO C 210 7.80 -15.49 30.61
C PRO C 210 7.57 -15.96 29.17
N GLU C 211 7.39 -14.99 28.28
CA GLU C 211 7.10 -15.32 26.89
C GLU C 211 8.27 -16.04 26.24
N GLU C 212 9.50 -15.85 26.74
CA GLU C 212 10.66 -16.46 26.12
C GLU C 212 10.61 -17.99 26.13
N ILE C 213 9.73 -18.60 26.93
CA ILE C 213 9.67 -20.05 26.97
C ILE C 213 9.26 -20.60 25.62
N TYR C 214 8.17 -20.07 25.06
CA TYR C 214 7.72 -20.53 23.74
C TYR C 214 8.78 -20.25 22.68
N GLN C 215 9.56 -19.18 22.86
CA GLN C 215 10.68 -18.91 21.97
C GLN C 215 11.71 -20.04 22.03
N TYR C 216 11.97 -20.58 23.23
CA TYR C 216 12.92 -21.67 23.38
C TYR C 216 12.35 -22.97 22.82
N ILE C 217 11.05 -23.21 23.02
CA ILE C 217 10.42 -24.37 22.43
C ILE C 217 10.43 -24.28 20.91
N ASN C 218 10.32 -23.06 20.37
CA ASN C 218 10.54 -22.86 18.94
C ASN C 218 11.85 -23.48 18.49
N GLN C 219 12.96 -23.00 19.06
CA GLN C 219 14.29 -23.44 18.65
C GLN C 219 14.46 -24.95 18.84
N LEU C 220 13.82 -25.51 19.87
CA LEU C 220 13.97 -26.95 20.12
C LEU C 220 13.14 -27.76 19.14
N CYS C 221 11.88 -27.39 18.96
CA CYS C 221 11.00 -28.07 18.00
C CYS C 221 10.29 -27.02 17.17
N PRO C 222 10.68 -26.82 15.91
CA PRO C 222 10.06 -25.76 15.09
C PRO C 222 8.97 -26.29 14.17
N ASN C 223 7.81 -25.61 14.18
CA ASN C 223 6.67 -25.95 13.32
C ASN C 223 6.18 -27.37 13.62
N GLY C 224 5.62 -27.52 14.82
CA GLY C 224 5.14 -28.81 15.27
C GLY C 224 3.98 -28.66 16.23
N ASN C 225 3.37 -29.80 16.56
CA ASN C 225 2.20 -29.83 17.42
C ASN C 225 2.62 -29.75 18.88
N TYR C 226 2.08 -28.79 19.61
CA TYR C 226 2.35 -28.61 21.03
C TYR C 226 1.06 -28.62 21.82
N LEU C 227 1.21 -28.72 23.15
CA LEU C 227 0.08 -28.81 24.05
C LEU C 227 0.47 -28.13 25.36
N GLU C 228 -0.41 -27.28 25.88
CA GLU C 228 -0.23 -26.64 27.17
C GLU C 228 -1.46 -26.91 28.01
N ILE C 229 -1.27 -27.56 29.15
CA ILE C 229 -2.35 -27.84 30.09
C ILE C 229 -2.27 -26.83 31.23
N PHE C 230 -3.44 -26.42 31.74
CA PHE C 230 -3.57 -25.31 32.67
C PHE C 230 -3.02 -24.02 32.06
N ALA C 231 -3.57 -23.68 30.90
CA ALA C 231 -3.22 -22.45 30.22
C ALA C 231 -4.28 -21.38 30.47
N ARG C 232 -3.86 -20.12 30.43
CA ARG C 232 -4.76 -18.97 30.48
C ARG C 232 -4.71 -18.25 29.14
N ARG C 233 -5.52 -17.20 29.03
CA ARG C 233 -5.64 -16.47 27.78
C ARG C 233 -4.29 -15.94 27.32
N ASN C 234 -3.46 -15.48 28.25
CA ASN C 234 -2.15 -14.91 27.93
C ASN C 234 -1.12 -15.96 27.54
N ASN C 235 -1.47 -17.25 27.58
CA ASN C 235 -0.58 -18.31 27.12
C ASN C 235 -0.89 -18.76 25.68
N LEU C 236 -1.93 -18.21 25.08
CA LEU C 236 -2.38 -18.67 23.76
C LEU C 236 -1.38 -18.27 22.68
N HIS C 237 -1.07 -19.21 21.80
CA HIS C 237 -0.11 -18.98 20.74
C HIS C 237 -0.54 -19.73 19.49
N ASP C 238 0.12 -19.41 18.37
CA ASP C 238 -0.05 -20.20 17.15
C ASP C 238 0.30 -21.67 17.42
N ASN C 239 -0.50 -22.56 16.85
CA ASN C 239 -0.28 -24.01 16.83
C ASN C 239 -0.44 -24.67 18.20
N TRP C 240 -0.82 -23.93 19.24
CA TRP C 240 -0.83 -24.44 20.60
C TRP C 240 -2.24 -24.86 20.99
N VAL C 241 -2.39 -26.11 21.44
CA VAL C 241 -3.66 -26.61 21.95
C VAL C 241 -3.67 -26.33 23.44
N SER C 242 -4.38 -25.29 23.85
CA SER C 242 -4.39 -24.83 25.23
C SER C 242 -5.64 -25.32 25.95
N ILE C 243 -5.46 -25.81 27.18
CA ILE C 243 -6.52 -26.40 27.97
C ILE C 243 -6.55 -25.72 29.34
N GLY C 244 -7.72 -25.28 29.76
CA GLY C 244 -7.85 -24.60 31.04
C GLY C 244 -9.25 -24.04 31.26
N ASN C 245 -9.73 -24.13 32.51
CA ASN C 245 -11.11 -23.76 32.82
C ASN C 245 -11.35 -22.25 32.77
N GLU C 246 -10.36 -21.43 32.45
CA GLU C 246 -10.54 -19.99 32.32
C GLU C 246 -10.53 -19.52 30.87
N LEU C 247 -10.51 -20.44 29.92
CA LEU C 247 -10.49 -20.07 28.51
C LEU C 247 -11.87 -19.67 28.01
N GLN D 15 29.30 -55.72 -4.27
CA GLN D 15 29.22 -54.36 -4.78
C GLN D 15 30.33 -53.50 -4.18
N GLY D 16 30.11 -53.03 -2.95
CA GLY D 16 31.05 -52.15 -2.22
C GLY D 16 31.48 -50.77 -2.75
N LEU D 17 30.52 -49.89 -3.00
CA LEU D 17 30.62 -48.75 -3.89
C LEU D 17 30.36 -47.41 -3.22
N LEU D 18 30.16 -47.35 -1.89
CA LEU D 18 29.91 -46.07 -1.25
C LEU D 18 31.09 -45.12 -1.41
N GLN D 19 32.27 -45.64 -1.74
CA GLN D 19 33.38 -44.81 -2.17
C GLN D 19 33.44 -44.66 -3.68
N ASP D 20 32.90 -45.62 -4.43
CA ASP D 20 32.88 -45.52 -5.89
C ASP D 20 32.05 -44.32 -6.35
N ILE D 21 30.88 -44.12 -5.74
CA ILE D 21 30.14 -42.88 -5.97
C ILE D 21 31.00 -41.68 -5.58
N GLU D 22 31.60 -41.72 -4.39
CA GLU D 22 32.42 -40.64 -3.87
C GLU D 22 33.72 -40.44 -4.65
N LYS D 23 34.05 -41.35 -5.56
CA LYS D 23 35.28 -41.25 -6.34
C LYS D 23 35.12 -40.27 -7.51
N ARG D 24 34.16 -40.55 -8.39
CA ARG D 24 33.94 -39.71 -9.57
C ARG D 24 33.22 -38.41 -9.21
N ILE D 25 33.36 -37.95 -7.96
CA ILE D 25 32.63 -36.80 -7.46
C ILE D 25 33.57 -35.64 -7.16
N LEU D 26 34.60 -35.87 -6.34
CA LEU D 26 35.64 -34.86 -6.17
C LEU D 26 36.52 -34.73 -7.41
N HIS D 27 36.46 -35.70 -8.33
CA HIS D 27 37.18 -35.63 -9.60
C HIS D 27 36.41 -34.82 -10.63
N TYR D 28 35.08 -34.98 -10.65
CA TYR D 28 34.25 -34.14 -11.52
C TYR D 28 34.19 -32.70 -11.02
N LYS D 29 34.34 -32.51 -9.71
CA LYS D 29 34.39 -31.16 -9.17
C LYS D 29 35.61 -30.40 -9.68
N GLN D 30 36.75 -31.10 -9.78
CA GLN D 30 37.98 -30.45 -10.22
C GLN D 30 37.91 -30.05 -11.68
N LEU D 31 37.19 -30.82 -12.50
CA LEU D 31 36.99 -30.45 -13.90
C LEU D 31 36.14 -29.18 -14.05
N PHE D 32 35.36 -28.84 -13.01
CA PHE D 32 34.62 -27.59 -12.96
C PHE D 32 35.47 -26.46 -12.37
N PHE D 33 36.30 -26.76 -11.37
CA PHE D 33 37.23 -25.77 -10.86
C PHE D 33 38.28 -25.41 -11.90
N LYS D 34 38.67 -26.39 -12.74
CA LYS D 34 39.61 -26.13 -13.81
C LYS D 34 38.99 -25.24 -14.89
N GLU D 35 37.81 -25.61 -15.38
CA GLU D 35 37.18 -24.87 -16.47
C GLU D 35 36.93 -23.42 -16.07
N GLN D 36 36.22 -23.22 -14.95
CA GLN D 36 35.95 -21.87 -14.49
C GLN D 36 37.25 -21.10 -14.24
N ASN D 37 38.30 -21.80 -13.84
CA ASN D 37 39.61 -21.18 -13.71
C ASN D 37 40.15 -20.74 -15.06
N GLU D 38 40.12 -21.65 -16.04
CA GLU D 38 40.67 -21.34 -17.36
C GLU D 38 39.83 -20.29 -18.08
N ILE D 39 38.50 -20.35 -17.91
CA ILE D 39 37.63 -19.33 -18.47
C ILE D 39 38.03 -17.96 -17.95
N ALA D 40 38.24 -17.85 -16.64
CA ALA D 40 38.73 -16.61 -16.06
C ALA D 40 40.11 -16.24 -16.57
N ASN D 41 40.89 -17.23 -17.03
CA ASN D 41 42.22 -17.00 -17.57
C ASN D 41 42.21 -16.75 -19.08
N GLY D 42 41.11 -16.19 -19.61
CA GLY D 42 41.01 -15.89 -21.02
C GLY D 42 41.06 -17.12 -21.89
N LYS D 43 40.20 -18.10 -21.59
CA LYS D 43 40.10 -19.28 -22.43
C LYS D 43 39.32 -18.96 -23.69
N ARG D 44 39.86 -19.36 -24.84
CA ARG D 44 39.17 -19.16 -26.09
C ARG D 44 37.93 -20.05 -26.18
N SER D 45 37.09 -19.73 -27.16
CA SER D 45 35.87 -20.47 -27.48
C SER D 45 35.88 -20.77 -28.97
N MET D 46 35.23 -21.87 -29.34
CA MET D 46 35.21 -22.30 -30.73
C MET D 46 34.68 -21.23 -31.66
N VAL D 47 33.90 -20.30 -31.14
CA VAL D 47 33.36 -19.20 -31.96
C VAL D 47 34.50 -18.28 -32.38
N PRO D 48 34.59 -17.90 -33.65
CA PRO D 48 35.63 -16.95 -34.07
C PRO D 48 35.31 -15.55 -33.59
N ASP D 49 36.36 -14.77 -33.38
CA ASP D 49 36.25 -13.41 -32.85
C ASP D 49 35.59 -12.41 -33.82
N ASN D 50 35.08 -12.84 -34.96
CA ASN D 50 34.41 -11.94 -35.89
C ASN D 50 33.00 -12.41 -36.20
N SER D 51 32.40 -13.13 -35.25
CA SER D 51 30.99 -13.50 -35.34
C SER D 51 30.13 -12.42 -34.72
N ILE D 52 28.90 -12.30 -35.23
CA ILE D 52 27.94 -11.34 -34.70
C ILE D 52 26.67 -12.07 -34.27
N PRO D 53 26.67 -12.72 -33.10
CA PRO D 53 25.51 -13.53 -32.69
C PRO D 53 24.40 -12.71 -32.04
N ILE D 54 23.17 -13.02 -32.43
CA ILE D 54 21.99 -12.31 -31.95
C ILE D 54 20.98 -13.34 -31.46
N CYS D 55 20.76 -13.37 -30.15
CA CYS D 55 19.69 -14.18 -29.58
C CYS D 55 18.40 -13.37 -29.65
N SER D 56 17.52 -13.75 -30.58
CA SER D 56 16.29 -13.01 -30.78
C SER D 56 15.34 -13.84 -31.63
N ASP D 57 14.04 -13.71 -31.36
CA ASP D 57 13.00 -14.30 -32.18
C ASP D 57 12.64 -13.33 -33.29
N VAL D 58 12.54 -13.85 -34.52
CA VAL D 58 12.34 -12.99 -35.69
C VAL D 58 11.01 -12.25 -35.62
N THR D 59 9.99 -12.88 -35.04
CA THR D 59 8.71 -12.18 -34.87
C THR D 59 8.85 -11.01 -33.91
N LYS D 60 9.63 -11.19 -32.83
CA LYS D 60 9.79 -10.18 -31.80
C LYS D 60 11.02 -9.31 -31.98
N LEU D 61 11.73 -9.46 -33.10
CA LEU D 61 12.92 -8.68 -33.36
C LEU D 61 12.59 -7.43 -34.16
N ASN D 62 13.36 -6.37 -33.91
CA ASN D 62 13.20 -5.10 -34.61
C ASN D 62 14.19 -5.08 -35.77
N PHE D 63 13.71 -5.51 -36.95
CA PHE D 63 14.58 -5.58 -38.13
C PHE D 63 15.13 -4.21 -38.54
N GLN D 64 14.48 -3.13 -38.14
CA GLN D 64 14.99 -1.80 -38.47
C GLN D 64 16.24 -1.46 -37.67
N ALA D 65 16.43 -2.10 -36.52
CA ALA D 65 17.68 -1.93 -35.79
C ALA D 65 18.86 -2.58 -36.52
N LEU D 66 18.57 -3.60 -37.34
CA LEU D 66 19.61 -4.26 -38.11
C LEU D 66 19.92 -3.52 -39.41
N ILE D 67 18.92 -2.89 -40.03
CA ILE D 67 19.15 -2.12 -41.24
C ILE D 67 20.03 -0.91 -40.94
N ASP D 68 19.72 -0.18 -39.86
CA ASP D 68 20.46 1.04 -39.55
C ASP D 68 21.87 0.74 -39.05
N ALA D 69 21.99 -0.15 -38.06
CA ALA D 69 23.30 -0.51 -37.52
C ALA D 69 24.22 -1.04 -38.61
N GLN D 70 23.68 -1.83 -39.53
CA GLN D 70 24.48 -2.32 -40.65
C GLN D 70 24.84 -1.17 -41.59
N MET D 71 23.83 -0.42 -42.05
CA MET D 71 24.08 0.68 -42.96
C MET D 71 24.87 1.82 -42.30
N ARG D 72 24.91 1.87 -40.97
CA ARG D 72 25.74 2.85 -40.28
C ARG D 72 27.21 2.42 -40.29
N HIS D 73 27.49 1.23 -39.75
CA HIS D 73 28.85 0.73 -39.65
C HIS D 73 29.35 0.07 -40.94
N ALA D 74 28.53 0.04 -41.99
CA ALA D 74 28.96 -0.48 -43.27
C ALA D 74 28.07 0.10 -44.36
N GLY D 75 28.68 0.73 -45.37
CA GLY D 75 27.89 1.36 -46.41
C GLY D 75 27.05 0.41 -47.22
N LYS D 76 27.36 -0.89 -47.16
CA LYS D 76 26.66 -1.89 -47.96
C LYS D 76 25.46 -2.44 -47.23
N MET D 77 24.64 -3.18 -47.97
CA MET D 77 23.70 -4.13 -47.40
C MET D 77 24.28 -5.53 -47.55
N PHE D 78 23.53 -6.52 -47.10
CA PHE D 78 24.01 -7.89 -47.14
C PHE D 78 24.07 -8.41 -48.58
N ASP D 79 25.05 -9.26 -48.84
CA ASP D 79 25.23 -9.86 -50.15
C ASP D 79 24.65 -11.27 -50.25
N VAL D 80 24.63 -12.00 -49.14
CA VAL D 80 24.11 -13.36 -49.10
C VAL D 80 23.28 -13.50 -47.84
N ILE D 81 22.11 -14.12 -47.95
CA ILE D 81 21.26 -14.41 -46.82
C ILE D 81 21.00 -15.92 -46.80
N MET D 82 21.62 -16.61 -45.86
CA MET D 82 21.36 -18.02 -45.63
C MET D 82 20.20 -18.15 -44.65
N MET D 83 19.42 -19.22 -44.80
CA MET D 83 18.24 -19.38 -43.96
C MET D 83 17.98 -20.86 -43.72
N ASP D 84 17.33 -21.14 -42.60
CA ASP D 84 16.93 -22.49 -42.23
C ASP D 84 15.61 -22.38 -41.46
N PRO D 85 14.51 -22.11 -42.16
CA PRO D 85 13.26 -21.76 -41.48
C PRO D 85 12.74 -22.92 -40.65
N PRO D 86 12.31 -22.65 -39.43
CA PRO D 86 11.79 -23.67 -38.50
C PRO D 86 10.36 -24.11 -38.84
N TRP D 87 10.26 -25.02 -39.80
CA TRP D 87 8.95 -25.43 -40.28
C TRP D 87 8.22 -26.28 -39.25
N GLN D 88 6.90 -26.09 -39.16
CA GLN D 88 6.06 -26.90 -38.30
C GLN D 88 5.58 -28.13 -39.06
N LEU D 89 5.65 -29.29 -38.41
CA LEU D 89 5.30 -30.56 -39.05
C LEU D 89 4.77 -31.58 -38.05
N ASP D 103 11.48 -24.77 -34.41
CA ASP D 103 10.67 -24.63 -33.20
C ASP D 103 9.23 -24.23 -33.54
N SER D 104 8.58 -25.06 -34.37
CA SER D 104 7.18 -24.93 -34.73
C SER D 104 6.75 -23.49 -34.99
N LEU D 105 7.28 -22.89 -36.05
CA LEU D 105 6.88 -21.56 -36.47
C LEU D 105 5.88 -21.68 -37.62
N SER D 106 4.88 -20.82 -37.61
CA SER D 106 3.81 -20.89 -38.60
C SER D 106 4.33 -20.54 -39.99
N ASP D 107 3.73 -21.17 -41.01
CA ASP D 107 4.11 -20.90 -42.39
C ASP D 107 4.03 -19.41 -42.71
N GLU D 108 2.99 -18.74 -42.22
CA GLU D 108 2.78 -17.34 -42.56
C GLU D 108 3.85 -16.45 -41.92
N LYS D 109 4.15 -16.67 -40.64
CA LYS D 109 4.99 -15.75 -39.89
C LYS D 109 6.39 -15.63 -40.50
N ILE D 110 6.86 -16.67 -41.17
CA ILE D 110 8.20 -16.63 -41.75
C ILE D 110 8.19 -15.91 -43.10
N GLN D 111 7.11 -16.06 -43.87
CA GLN D 111 6.99 -15.35 -45.14
C GLN D 111 6.93 -13.83 -44.91
N ASN D 112 6.33 -13.41 -43.80
CA ASN D 112 6.10 -12.00 -43.54
C ASN D 112 7.32 -11.28 -42.97
N MET D 113 8.45 -11.94 -42.80
CA MET D 113 9.64 -11.24 -42.36
C MET D 113 10.13 -10.31 -43.46
N PRO D 114 10.59 -9.10 -43.13
CA PRO D 114 11.01 -8.12 -44.15
C PRO D 114 12.41 -8.41 -44.68
N ILE D 115 12.51 -9.48 -45.46
CA ILE D 115 13.80 -9.84 -46.04
C ILE D 115 14.14 -8.92 -47.21
N GLN D 116 13.12 -8.47 -47.94
CA GLN D 116 13.34 -7.56 -49.08
C GLN D 116 14.12 -6.32 -48.65
N SER D 117 13.82 -5.80 -47.46
CA SER D 117 14.51 -4.59 -47.00
C SER D 117 15.92 -4.89 -46.54
N LEU D 118 16.14 -6.06 -45.93
CA LEU D 118 17.45 -6.37 -45.37
C LEU D 118 18.53 -6.49 -46.44
N GLN D 119 18.14 -6.87 -47.66
CA GLN D 119 19.09 -7.07 -48.75
C GLN D 119 18.51 -6.56 -50.05
N GLN D 120 19.33 -5.83 -50.80
CA GLN D 120 18.93 -5.32 -52.11
C GLN D 120 19.79 -5.83 -53.25
N ASP D 121 20.97 -6.40 -52.98
CA ASP D 121 21.92 -6.70 -54.03
C ASP D 121 22.74 -7.93 -53.62
N GLY D 122 22.44 -9.07 -54.21
CA GLY D 122 23.23 -10.27 -53.98
C GLY D 122 22.39 -11.52 -54.17
N PHE D 123 22.81 -12.58 -53.47
CA PHE D 123 22.17 -13.88 -53.52
C PHE D 123 21.46 -14.17 -52.21
N ILE D 124 20.58 -15.15 -52.23
CA ILE D 124 19.93 -15.65 -51.02
C ILE D 124 19.99 -17.17 -51.06
N PHE D 125 20.26 -17.77 -49.91
CA PHE D 125 20.25 -19.21 -49.74
C PHE D 125 19.16 -19.58 -48.76
N VAL D 126 18.46 -20.67 -49.04
CA VAL D 126 17.45 -21.18 -48.10
C VAL D 126 17.39 -22.69 -48.21
N TRP D 127 17.50 -23.37 -47.07
CA TRP D 127 17.43 -24.81 -47.02
C TRP D 127 15.97 -25.23 -46.92
N ALA D 128 15.48 -25.91 -47.96
CA ALA D 128 14.07 -26.26 -48.08
C ALA D 128 13.93 -27.76 -47.89
N ILE D 129 13.37 -28.17 -46.75
CA ILE D 129 13.04 -29.57 -46.58
C ILE D 129 11.96 -29.95 -47.58
N ASN D 130 11.92 -31.23 -47.95
CA ASN D 130 11.12 -31.65 -49.10
C ASN D 130 9.64 -31.29 -48.93
N ALA D 131 9.13 -31.42 -47.70
CA ALA D 131 7.72 -31.10 -47.47
C ALA D 131 7.43 -29.64 -47.77
N LYS D 132 8.43 -28.77 -47.67
CA LYS D 132 8.26 -27.34 -47.88
C LYS D 132 9.10 -26.85 -49.06
N TYR D 133 9.39 -27.74 -50.02
CA TYR D 133 10.17 -27.35 -51.18
C TYR D 133 9.39 -26.39 -52.07
N ARG D 134 8.20 -26.80 -52.52
CA ARG D 134 7.39 -25.95 -53.37
C ARG D 134 7.06 -24.64 -52.68
N VAL D 135 6.70 -24.71 -51.39
CA VAL D 135 6.32 -23.51 -50.66
C VAL D 135 7.53 -22.59 -50.50
N THR D 136 8.74 -23.14 -50.52
CA THR D 136 9.93 -22.30 -50.35
C THR D 136 10.23 -21.50 -51.62
N ILE D 137 10.08 -22.10 -52.79
CA ILE D 137 10.23 -21.37 -54.04
C ILE D 137 9.27 -20.19 -54.08
N LYS D 138 7.99 -20.46 -53.79
CA LYS D 138 7.01 -19.38 -53.73
C LYS D 138 7.34 -18.39 -52.63
N MET D 139 8.07 -18.82 -51.60
CA MET D 139 8.43 -17.90 -50.53
C MET D 139 9.57 -16.97 -50.95
N ILE D 140 10.59 -17.50 -51.62
CA ILE D 140 11.68 -16.63 -52.07
C ILE D 140 11.29 -15.83 -53.31
N GLU D 141 10.27 -16.26 -54.05
CA GLU D 141 9.80 -15.46 -55.17
C GLU D 141 8.97 -14.26 -54.70
N ASN D 142 8.20 -14.44 -53.61
CA ASN D 142 7.42 -13.33 -53.08
C ASN D 142 8.31 -12.16 -52.65
N TRP D 143 9.52 -12.45 -52.18
CA TRP D 143 10.43 -11.41 -51.74
C TRP D 143 11.19 -10.75 -52.88
N GLY D 144 10.88 -11.06 -54.13
CA GLY D 144 11.50 -10.39 -55.27
C GLY D 144 12.71 -11.09 -55.84
N TYR D 145 13.05 -12.29 -55.38
CA TYR D 145 14.18 -13.02 -55.90
C TYR D 145 13.77 -13.88 -57.10
N LYS D 146 14.77 -14.39 -57.81
CA LYS D 146 14.55 -15.15 -59.04
C LYS D 146 15.34 -16.46 -58.95
N LEU D 147 14.63 -17.58 -58.95
CA LEU D 147 15.26 -18.88 -58.77
C LEU D 147 16.20 -19.19 -59.94
N VAL D 148 17.45 -19.54 -59.62
CA VAL D 148 18.48 -19.69 -60.63
C VAL D 148 19.26 -20.98 -60.43
N ASP D 149 19.44 -21.38 -59.18
CA ASP D 149 20.31 -22.51 -58.88
C ASP D 149 19.84 -23.18 -57.60
N GLU D 150 20.37 -24.37 -57.34
CA GLU D 150 20.04 -25.10 -56.12
C GLU D 150 21.23 -25.94 -55.69
N ILE D 151 21.57 -25.88 -54.40
CA ILE D 151 22.66 -26.64 -53.83
C ILE D 151 22.11 -27.99 -53.36
N THR D 152 22.76 -29.08 -53.78
CA THR D 152 22.33 -30.43 -53.45
C THR D 152 23.34 -31.04 -52.49
N TRP D 153 22.93 -31.25 -51.25
CA TRP D 153 23.79 -31.81 -50.21
C TRP D 153 23.42 -33.26 -49.99
N VAL D 154 24.20 -34.17 -50.58
CA VAL D 154 24.02 -35.58 -50.28
C VAL D 154 24.68 -35.92 -48.95
N LYS D 155 24.27 -37.05 -48.37
CA LYS D 155 24.72 -37.45 -47.04
C LYS D 155 25.48 -38.76 -47.14
N LYS D 156 26.80 -38.70 -46.87
CA LYS D 156 27.70 -39.83 -47.04
C LYS D 156 27.85 -40.59 -45.74
N THR D 157 27.85 -41.92 -45.84
CA THR D 157 28.06 -42.77 -44.67
C THR D 157 29.54 -42.93 -44.35
N VAL D 158 30.39 -43.00 -45.36
CA VAL D 158 31.84 -43.13 -45.20
C VAL D 158 32.21 -44.32 -44.32
N LYS D 161 28.34 -44.97 -49.17
CA LYS D 161 28.34 -43.53 -49.41
C LYS D 161 26.95 -43.04 -49.82
N ILE D 162 25.95 -43.35 -49.01
CA ILE D 162 24.56 -42.97 -49.29
C ILE D 162 23.85 -42.67 -47.97
N ALA D 163 22.60 -42.26 -48.07
CA ALA D 163 21.78 -41.98 -46.91
C ALA D 163 20.39 -42.53 -47.09
N LYS D 164 19.77 -42.88 -45.98
CA LYS D 164 18.46 -43.55 -45.97
C LYS D 164 17.53 -42.85 -44.99
N GLY D 165 16.72 -41.92 -45.48
CA GLY D 165 15.68 -41.29 -44.70
C GLY D 165 14.32 -41.59 -45.28
N HIS D 166 13.32 -41.64 -44.42
CA HIS D 166 11.98 -42.05 -44.86
C HIS D 166 11.34 -40.95 -45.71
N GLY D 167 11.22 -41.21 -47.00
CA GLY D 167 10.51 -40.33 -47.92
C GLY D 167 9.17 -40.93 -48.28
N PHE D 168 8.15 -40.07 -48.39
CA PHE D 168 6.79 -40.54 -48.69
C PHE D 168 6.79 -41.41 -49.93
N TYR D 169 7.23 -40.86 -51.05
CA TYR D 169 7.20 -41.57 -52.32
C TYR D 169 8.53 -42.26 -52.62
N LEU D 170 9.63 -41.52 -52.53
CA LEU D 170 10.97 -42.08 -52.71
C LEU D 170 11.82 -41.75 -51.50
N GLN D 171 12.71 -42.68 -51.14
CA GLN D 171 13.60 -42.45 -50.00
C GLN D 171 14.43 -41.19 -50.22
N HIS D 172 14.67 -40.45 -49.14
CA HIS D 172 15.49 -39.26 -49.21
C HIS D 172 16.95 -39.58 -48.93
N ALA D 173 17.84 -38.83 -49.59
CA ALA D 173 19.27 -38.98 -49.32
C ALA D 173 20.00 -37.65 -49.39
N LYS D 174 19.31 -36.53 -49.29
CA LYS D 174 19.89 -35.21 -49.50
C LYS D 174 18.89 -34.14 -49.08
N GLU D 175 19.42 -32.99 -48.68
CA GLU D 175 18.63 -31.78 -48.52
C GLU D 175 19.19 -30.70 -49.45
N SER D 176 18.30 -29.88 -49.98
CA SER D 176 18.64 -28.90 -51.00
C SER D 176 18.55 -27.49 -50.41
N CYS D 177 19.44 -26.62 -50.89
CA CYS D 177 19.44 -25.21 -50.53
C CYS D 177 19.10 -24.41 -51.78
N LEU D 178 17.90 -23.84 -51.81
CA LEU D 178 17.47 -23.01 -52.92
C LEU D 178 18.33 -21.77 -53.02
N ILE D 179 18.42 -21.21 -54.22
CA ILE D 179 19.21 -20.01 -54.48
C ILE D 179 18.36 -19.04 -55.27
N GLY D 180 18.09 -17.87 -54.69
CA GLY D 180 17.47 -16.77 -55.40
C GLY D 180 18.43 -15.61 -55.55
N VAL D 181 18.16 -14.69 -56.49
CA VAL D 181 19.07 -13.60 -56.78
C VAL D 181 18.26 -12.38 -57.18
N LYS D 182 18.80 -11.20 -56.87
CA LYS D 182 18.18 -9.93 -57.21
C LYS D 182 19.26 -8.86 -57.26
N GLY D 183 19.16 -7.97 -58.23
CA GLY D 183 20.04 -6.82 -58.31
C GLY D 183 21.12 -6.97 -59.36
N ASP D 184 22.22 -6.25 -59.13
CA ASP D 184 23.34 -6.16 -60.08
C ASP D 184 24.49 -6.99 -59.53
N VAL D 185 24.59 -8.24 -59.98
CA VAL D 185 25.70 -9.12 -59.61
C VAL D 185 26.81 -9.09 -60.64
N ASP D 186 26.70 -8.24 -61.67
CA ASP D 186 27.78 -8.08 -62.65
C ASP D 186 29.04 -7.52 -62.01
N ASN D 187 28.95 -7.04 -60.77
CA ASN D 187 30.09 -6.44 -60.09
C ASN D 187 31.22 -7.44 -59.92
N GLY D 188 32.41 -6.93 -59.64
CA GLY D 188 33.51 -7.76 -59.21
C GLY D 188 33.35 -8.32 -57.81
N ARG D 189 32.27 -7.97 -57.11
CA ARG D 189 32.07 -8.48 -55.76
C ARG D 189 31.66 -9.95 -55.78
N PHE D 190 30.80 -10.34 -56.72
CA PHE D 190 30.34 -11.71 -56.84
C PHE D 190 31.12 -12.41 -57.96
N LYS D 191 31.95 -13.37 -57.59
CA LYS D 191 32.63 -14.22 -58.56
C LYS D 191 31.68 -15.32 -59.01
N LYS D 192 31.27 -15.27 -60.27
CA LYS D 192 30.47 -16.33 -60.84
C LYS D 192 31.35 -17.52 -61.23
N ASN D 193 30.72 -18.67 -61.43
CA ASN D 193 31.40 -19.88 -61.91
C ASN D 193 32.56 -20.26 -61.00
N ILE D 194 32.24 -20.49 -59.72
CA ILE D 194 33.25 -20.75 -58.71
C ILE D 194 32.95 -22.06 -57.98
N ALA D 195 31.76 -22.16 -57.39
CA ALA D 195 31.37 -23.33 -56.62
C ALA D 195 30.56 -24.30 -57.49
N SER D 196 30.11 -25.38 -56.86
CA SER D 196 29.30 -26.40 -57.50
C SER D 196 27.92 -26.44 -56.85
N ASP D 197 27.11 -27.42 -57.27
CA ASP D 197 25.80 -27.63 -56.65
C ASP D 197 25.80 -28.79 -55.67
N VAL D 198 26.86 -29.59 -55.63
CA VAL D 198 26.89 -30.83 -54.87
C VAL D 198 27.84 -30.67 -53.69
N ILE D 199 27.39 -31.12 -52.51
CA ILE D 199 28.16 -31.12 -51.29
C ILE D 199 28.16 -32.54 -50.75
N PHE D 200 29.29 -32.97 -50.19
CA PHE D 200 29.50 -34.38 -49.85
C PHE D 200 30.01 -34.55 -48.43
N SER D 201 29.51 -33.74 -47.50
CA SER D 201 29.90 -33.91 -46.11
C SER D 201 29.17 -35.12 -45.51
N GLU D 202 29.44 -35.38 -44.24
CA GLU D 202 28.71 -36.38 -43.48
C GLU D 202 27.47 -35.76 -42.86
N ARG D 203 26.59 -36.61 -42.34
CA ARG D 203 25.41 -36.16 -41.61
C ARG D 203 25.79 -35.71 -40.21
N ARG D 204 26.65 -34.70 -40.15
CA ARG D 204 27.17 -34.21 -38.88
C ARG D 204 26.05 -33.69 -37.98
N GLY D 205 25.99 -34.18 -36.75
CA GLY D 205 25.24 -33.50 -35.71
C GLY D 205 23.83 -33.11 -36.07
N GLN D 206 23.07 -33.97 -36.72
CA GLN D 206 21.78 -33.55 -37.26
C GLN D 206 20.87 -33.05 -36.14
N SER D 207 20.10 -32.00 -36.43
CA SER D 207 20.07 -31.37 -37.76
C SER D 207 21.02 -30.18 -37.87
N GLN D 208 22.19 -30.42 -38.48
CA GLN D 208 23.20 -29.39 -38.67
C GLN D 208 23.72 -29.48 -40.09
N LYS D 209 23.79 -28.34 -40.77
CA LYS D 209 24.10 -28.34 -42.19
C LYS D 209 25.60 -28.26 -42.42
N PRO D 210 26.08 -28.88 -43.50
CA PRO D 210 27.53 -29.01 -43.71
C PRO D 210 28.23 -27.65 -43.77
N GLU D 211 29.52 -27.67 -43.46
CA GLU D 211 30.30 -26.46 -43.36
C GLU D 211 30.78 -25.95 -44.71
N GLU D 212 30.76 -26.79 -45.75
CA GLU D 212 31.25 -26.39 -47.06
C GLU D 212 30.44 -25.26 -47.67
N ILE D 213 29.22 -25.04 -47.19
CA ILE D 213 28.42 -23.91 -47.67
C ILE D 213 29.16 -22.60 -47.42
N TYR D 214 29.72 -22.44 -46.23
CA TYR D 214 30.47 -21.23 -45.91
C TYR D 214 31.72 -21.12 -46.77
N GLN D 215 32.33 -22.26 -47.13
CA GLN D 215 33.38 -22.24 -48.15
C GLN D 215 32.80 -21.84 -49.50
N TYR D 216 31.63 -22.39 -49.85
CA TYR D 216 31.05 -22.14 -51.16
C TYR D 216 30.63 -20.68 -51.33
N ILE D 217 30.06 -20.08 -50.29
CA ILE D 217 29.65 -18.69 -50.39
C ILE D 217 30.86 -17.77 -50.55
N ASN D 218 32.01 -18.15 -50.00
CA ASN D 218 33.17 -17.28 -50.07
C ASN D 218 33.79 -17.27 -51.47
N GLN D 219 33.83 -18.43 -52.13
CA GLN D 219 34.26 -18.46 -53.53
C GLN D 219 33.32 -17.63 -54.40
N LEU D 220 32.02 -17.69 -54.10
CA LEU D 220 31.05 -16.90 -54.85
C LEU D 220 31.18 -15.42 -54.53
N CYS D 221 31.50 -15.09 -53.27
CA CYS D 221 31.59 -13.69 -52.85
C CYS D 221 32.51 -13.57 -51.65
N PRO D 222 33.79 -13.30 -51.86
CA PRO D 222 34.73 -13.26 -50.73
C PRO D 222 34.77 -11.89 -50.05
N ASN D 223 34.95 -11.93 -48.74
CA ASN D 223 35.06 -10.73 -47.91
C ASN D 223 33.86 -9.81 -48.10
N GLY D 224 32.67 -10.38 -47.91
CA GLY D 224 31.43 -9.64 -47.97
C GLY D 224 30.68 -9.70 -46.65
N ASN D 225 29.53 -9.02 -46.63
CA ASN D 225 28.67 -8.98 -45.45
C ASN D 225 27.57 -10.02 -45.64
N TYR D 226 27.61 -11.06 -44.81
CA TYR D 226 26.67 -12.16 -44.89
C TYR D 226 25.62 -12.05 -43.78
N LEU D 227 24.52 -12.77 -43.96
CA LEU D 227 23.46 -12.82 -42.97
C LEU D 227 22.92 -14.24 -42.92
N GLU D 228 22.91 -14.83 -41.73
CA GLU D 228 22.20 -16.09 -41.48
C GLU D 228 21.07 -15.84 -40.49
N ILE D 229 19.94 -16.50 -40.72
CA ILE D 229 18.80 -16.43 -39.84
C ILE D 229 18.46 -17.84 -39.37
N PHE D 230 17.88 -17.92 -38.17
CA PHE D 230 17.60 -19.19 -37.50
C PHE D 230 18.87 -20.01 -37.25
N ALA D 231 20.02 -19.36 -37.22
CA ALA D 231 21.27 -20.06 -36.99
C ALA D 231 21.30 -20.65 -35.58
N ARG D 232 22.30 -21.49 -35.34
CA ARG D 232 22.62 -21.98 -34.01
C ARG D 232 24.08 -21.65 -33.72
N ARG D 233 24.55 -22.07 -32.55
CA ARG D 233 25.92 -21.77 -32.16
C ARG D 233 26.92 -22.43 -33.11
N ASN D 234 26.57 -23.60 -33.66
CA ASN D 234 27.46 -24.28 -34.58
C ASN D 234 27.53 -23.59 -35.94
N ASN D 235 26.65 -22.63 -36.22
CA ASN D 235 26.63 -21.91 -37.48
C ASN D 235 27.33 -20.55 -37.41
N LEU D 236 28.04 -20.27 -36.32
CA LEU D 236 28.71 -18.99 -36.18
C LEU D 236 30.03 -18.99 -36.94
N HIS D 237 30.23 -17.97 -37.78
CA HIS D 237 31.43 -17.87 -38.59
C HIS D 237 31.78 -16.41 -38.76
N ASP D 238 32.93 -16.16 -39.38
CA ASP D 238 33.41 -14.79 -39.55
C ASP D 238 32.51 -14.02 -40.51
N ASN D 239 32.30 -12.74 -40.18
CA ASN D 239 31.48 -11.80 -40.97
C ASN D 239 30.03 -12.26 -41.07
N TRP D 240 29.59 -13.17 -40.21
CA TRP D 240 28.31 -13.85 -40.35
C TRP D 240 27.33 -13.35 -39.28
N VAL D 241 26.52 -12.37 -39.66
CA VAL D 241 25.48 -11.83 -38.78
C VAL D 241 24.42 -12.91 -38.58
N SER D 242 24.57 -13.69 -37.51
CA SER D 242 23.65 -14.78 -37.22
C SER D 242 22.52 -14.29 -36.33
N ILE D 243 21.37 -14.96 -36.42
CA ILE D 243 20.20 -14.66 -35.63
C ILE D 243 19.52 -15.98 -35.27
N GLY D 244 19.02 -16.07 -34.03
CA GLY D 244 18.32 -17.26 -33.59
C GLY D 244 18.10 -17.24 -32.10
N ASN D 245 16.93 -17.72 -31.64
CA ASN D 245 16.59 -17.69 -30.22
C ASN D 245 17.42 -18.67 -29.37
N GLU D 246 18.48 -19.28 -29.88
CA GLU D 246 19.31 -20.18 -29.10
C GLU D 246 20.75 -19.71 -28.95
N LEU D 247 21.08 -18.51 -29.41
CA LEU D 247 22.44 -18.00 -29.27
C LEU D 247 22.65 -17.40 -27.89
N ILE E 4 16.35 -3.82 -4.24
CA ILE E 4 14.96 -3.42 -4.26
C ILE E 4 14.81 -1.94 -4.56
N SER E 5 14.43 -1.62 -5.80
CA SER E 5 14.03 -0.26 -6.14
C SER E 5 12.55 -0.02 -5.91
N ARG E 6 11.77 -1.08 -5.73
CA ARG E 6 10.36 -0.93 -5.38
C ARG E 6 10.15 -0.16 -4.09
N GLU E 7 11.19 -0.08 -3.25
CA GLU E 7 11.08 0.69 -2.02
C GLU E 7 10.96 2.19 -2.33
N GLU E 8 11.91 2.73 -3.10
CA GLU E 8 11.83 4.15 -3.44
C GLU E 8 10.69 4.45 -4.39
N TYR E 9 10.36 3.51 -5.28
CA TYR E 9 9.15 3.64 -6.09
C TYR E 9 7.91 3.71 -5.20
N ALA E 10 7.82 2.81 -4.21
CA ALA E 10 6.75 2.92 -3.23
C ALA E 10 6.94 4.18 -2.38
N LYS E 11 8.18 4.59 -2.15
CA LYS E 11 8.42 5.77 -1.32
C LYS E 11 8.03 7.05 -2.05
N LYS E 12 8.32 7.12 -3.34
CA LYS E 12 8.00 8.33 -4.09
C LYS E 12 6.51 8.45 -4.36
N MET E 13 5.88 7.35 -4.82
CA MET E 13 4.47 7.43 -5.21
C MET E 13 3.58 7.74 -4.01
N ARG E 14 3.96 7.27 -2.82
CA ARG E 14 3.20 7.65 -1.63
C ARG E 14 3.29 9.16 -1.39
N LEU E 15 4.50 9.72 -1.57
CA LEU E 15 4.69 11.15 -1.42
C LEU E 15 3.98 11.94 -2.51
N ALA E 16 3.79 11.32 -3.69
CA ALA E 16 3.27 12.06 -4.83
C ALA E 16 1.76 12.26 -4.73
N LEU E 17 1.04 11.29 -4.16
CA LEU E 17 -0.42 11.30 -4.26
C LEU E 17 -1.18 11.05 -2.97
N SER E 18 -0.59 10.39 -1.97
CA SER E 18 -1.34 10.02 -0.78
C SER E 18 -1.74 11.23 0.03
N ASP E 19 -2.86 11.11 0.74
CA ASP E 19 -3.29 12.14 1.69
C ASP E 19 -2.18 12.41 2.69
N ASN E 20 -2.24 13.57 3.33
CA ASN E 20 -1.22 13.92 4.34
C ASN E 20 -1.23 12.93 5.50
N HIS E 21 -2.41 12.42 5.86
CA HIS E 21 -2.50 11.51 6.99
C HIS E 21 -1.90 10.15 6.68
N ILE E 22 -2.19 9.60 5.49
CA ILE E 22 -1.83 8.20 5.23
C ILE E 22 -0.32 8.04 5.12
N CYS E 23 0.40 9.08 4.75
CA CYS E 23 1.83 9.01 4.50
C CYS E 23 2.56 9.98 5.41
N LYS E 24 3.60 9.47 6.07
CA LYS E 24 4.38 10.23 7.03
C LYS E 24 5.32 11.17 6.30
N PRO E 25 5.77 12.25 6.94
CA PRO E 25 6.59 13.24 6.22
C PRO E 25 7.87 12.67 5.64
N ASP E 26 8.48 11.69 6.28
CA ASP E 26 9.67 11.08 5.70
C ASP E 26 9.38 10.37 4.40
N GLY E 27 8.16 9.85 4.23
CA GLY E 27 7.79 9.05 3.09
C GLY E 27 7.43 7.61 3.41
N THR E 28 7.85 7.08 4.55
CA THR E 28 7.45 5.74 4.96
C THR E 28 5.96 5.70 5.27
N VAL E 29 5.35 4.53 5.09
CA VAL E 29 3.98 4.33 5.55
C VAL E 29 3.92 4.62 7.04
N ASN E 30 2.95 5.42 7.46
CA ASN E 30 2.68 5.63 8.87
C ASN E 30 1.54 4.69 9.27
N HIS E 31 1.89 3.65 10.02
CA HIS E 31 0.93 2.61 10.37
C HIS E 31 -0.15 3.13 11.32
N GLN E 32 0.19 4.14 12.12
CA GLN E 32 -0.69 4.68 13.15
C GLN E 32 -2.09 4.96 12.61
N TYR E 33 -2.16 5.51 11.40
CA TYR E 33 -3.47 5.74 10.79
C TYR E 33 -4.13 4.43 10.40
N PHE E 34 -3.34 3.46 9.94
CA PHE E 34 -3.89 2.19 9.48
C PHE E 34 -4.29 1.28 10.64
N LEU E 35 -3.72 1.50 11.83
CA LEU E 35 -4.04 0.65 12.97
C LEU E 35 -5.44 0.93 13.50
N VAL E 36 -5.89 2.17 13.44
CA VAL E 36 -7.19 2.56 13.99
C VAL E 36 -8.21 2.56 12.86
N LYS E 37 -9.39 1.98 13.14
CA LYS E 37 -10.46 1.87 12.16
C LYS E 37 -10.98 3.24 11.75
N LYS E 38 -11.33 3.35 10.46
CA LYS E 38 -11.95 4.53 9.88
C LYS E 38 -11.12 5.79 10.08
N GLY E 39 -11.72 6.94 9.76
CA GLY E 39 -11.09 8.22 10.00
C GLY E 39 -11.24 8.67 11.43
N GLN E 40 -10.92 7.80 12.37
CA GLN E 40 -10.90 8.12 13.79
C GLN E 40 -9.50 8.45 14.28
N TYR E 41 -8.49 8.31 13.44
CA TYR E 41 -7.14 8.75 13.77
C TYR E 41 -7.16 10.25 14.07
N TRP E 42 -6.58 10.62 15.22
CA TRP E 42 -6.51 12.00 15.67
C TRP E 42 -5.27 12.64 15.01
N GLY E 43 -5.48 13.51 14.01
CA GLY E 43 -4.36 14.10 13.32
C GLY E 43 -3.36 14.74 14.28
N GLU E 44 -2.08 14.70 13.90
CA GLU E 44 -1.08 15.45 14.66
C GLU E 44 -1.49 16.90 14.83
N GLU E 45 -2.12 17.49 13.81
CA GLU E 45 -2.64 18.84 13.94
C GLU E 45 -3.77 18.91 14.96
N LYS E 46 -4.66 17.91 14.93
CA LYS E 46 -5.77 17.87 15.89
C LYS E 46 -5.28 17.81 17.32
N ILE E 47 -4.19 17.08 17.57
CA ILE E 47 -3.62 17.01 18.92
C ILE E 47 -3.14 18.38 19.35
N GLN E 48 -2.43 19.08 18.46
CA GLN E 48 -2.05 20.47 18.74
C GLN E 48 -3.29 21.32 19.02
N TYR E 49 -4.37 21.06 18.28
CA TYR E 49 -5.61 21.82 18.46
C TYR E 49 -6.22 21.56 19.83
N LEU E 50 -6.25 20.29 20.25
CA LEU E 50 -6.78 19.99 21.59
C LEU E 50 -5.88 20.57 22.68
N ILE E 51 -4.55 20.39 22.58
CA ILE E 51 -3.68 21.03 23.57
C ILE E 51 -3.97 22.52 23.64
N GLU E 52 -4.10 23.17 22.47
CA GLU E 52 -4.25 24.63 22.45
C GLU E 52 -5.67 25.08 22.82
N GLN E 53 -6.70 24.31 22.45
CA GLN E 53 -8.05 24.65 22.87
C GLN E 53 -8.20 24.45 24.36
N LEU E 54 -7.63 23.38 24.88
CA LEU E 54 -7.92 22.98 26.25
C LEU E 54 -7.42 24.01 27.26
N GLU E 55 -6.26 24.67 27.02
CA GLU E 55 -5.69 25.48 28.11
C GLU E 55 -6.55 26.70 28.38
N LYS E 56 -6.97 27.41 27.34
CA LYS E 56 -7.74 28.62 27.56
C LYS E 56 -9.15 28.29 28.00
N ILE E 57 -9.76 27.26 27.39
CA ILE E 57 -11.14 26.91 27.71
C ILE E 57 -11.21 26.20 29.05
N GLY E 58 -10.36 25.20 29.26
CA GLY E 58 -10.28 24.52 30.53
C GLY E 58 -10.94 23.14 30.51
N VAL E 59 -10.53 22.31 31.46
CA VAL E 59 -11.13 20.99 31.62
C VAL E 59 -12.58 21.14 32.08
N GLY E 60 -13.41 20.15 31.76
CA GLY E 60 -14.82 20.19 32.08
C GLY E 60 -15.65 21.09 31.20
N ASN E 61 -15.02 21.76 30.23
CA ASN E 61 -15.71 22.63 29.29
C ASN E 61 -16.01 21.93 27.97
N TRP E 62 -16.20 20.60 27.99
CA TRP E 62 -16.37 19.86 26.74
C TRP E 62 -17.55 20.37 25.92
N LYS E 63 -18.64 20.72 26.59
CA LYS E 63 -19.75 21.38 25.90
C LYS E 63 -19.27 22.66 25.22
N GLN E 64 -18.43 23.44 25.90
CA GLN E 64 -17.77 24.57 25.27
C GLN E 64 -16.65 24.11 24.34
N MET E 65 -16.00 22.99 24.67
CA MET E 65 -14.81 22.54 23.94
C MET E 65 -15.14 22.11 22.52
N GLN E 66 -16.22 21.35 22.35
CA GLN E 66 -16.55 20.80 21.03
C GLN E 66 -16.74 21.91 20.00
N LYS E 67 -17.33 23.02 20.40
CA LYS E 67 -17.81 24.00 19.42
C LYS E 67 -16.74 24.61 18.51
N GLY E 68 -15.51 24.76 19.01
CA GLY E 68 -14.51 25.44 18.21
C GLY E 68 -13.45 24.64 17.48
N LEU E 69 -12.44 24.15 18.19
CA LEU E 69 -11.27 23.60 17.52
C LEU E 69 -11.54 22.36 16.66
N LEU E 70 -12.24 21.38 17.18
CA LEU E 70 -12.42 20.21 16.35
C LEU E 70 -13.72 20.41 15.61
N GLU E 71 -13.59 20.54 14.29
CA GLU E 71 -14.69 20.98 13.45
C GLU E 71 -15.82 19.97 13.52
N GLN E 72 -15.45 18.71 13.52
CA GLN E 72 -16.38 17.61 13.63
C GLN E 72 -16.84 17.65 15.07
N THR E 73 -17.83 16.86 15.44
CA THR E 73 -18.14 16.74 16.85
C THR E 73 -17.15 15.70 17.36
N SER E 74 -16.27 16.11 18.25
CA SER E 74 -15.27 15.19 18.77
C SER E 74 -15.92 14.17 19.67
N GLU E 75 -15.31 13.01 19.82
CA GLU E 75 -15.88 12.02 20.70
C GLU E 75 -15.75 12.59 22.10
N ILE E 76 -16.42 11.97 23.06
CA ILE E 76 -16.42 12.44 24.44
C ILE E 76 -15.00 12.38 24.98
N GLU E 77 -14.15 11.84 24.11
CA GLU E 77 -12.82 11.34 24.39
C GLU E 77 -11.94 12.46 24.85
N LEU E 78 -12.39 13.68 24.60
CA LEU E 78 -11.56 14.85 24.84
C LEU E 78 -11.18 14.78 26.31
N GLU E 79 -12.11 14.34 27.13
CA GLU E 79 -11.74 13.99 28.48
C GLU E 79 -10.78 12.82 28.38
N LEU E 80 -11.10 11.84 27.54
CA LEU E 80 -10.29 10.65 27.51
C LEU E 80 -8.88 10.89 27.01
N ARG E 81 -8.73 11.64 25.94
CA ARG E 81 -7.39 11.89 25.41
C ARG E 81 -6.55 12.68 26.38
N THR E 82 -7.15 13.72 26.95
CA THR E 82 -6.45 14.59 27.87
C THR E 82 -5.65 13.82 28.92
N CYS E 83 -6.19 12.67 29.33
CA CYS E 83 -5.50 11.84 30.32
C CYS E 83 -4.12 11.44 29.82
N LEU E 84 -4.00 11.16 28.52
CA LEU E 84 -2.69 10.84 27.96
C LEU E 84 -1.72 12.00 28.13
N LEU E 85 -2.21 13.23 27.93
CA LEU E 85 -1.35 14.40 28.13
C LEU E 85 -0.99 14.58 29.61
N PHE E 86 -1.93 14.33 30.50
CA PHE E 86 -1.74 14.51 31.93
C PHE E 86 -1.22 13.27 32.66
N LYS E 87 -1.09 12.14 31.96
CA LYS E 87 -0.54 10.91 32.53
C LYS E 87 -1.23 10.54 33.84
N THR E 88 -2.55 10.34 33.75
CA THR E 88 -3.36 9.96 34.90
C THR E 88 -4.60 9.21 34.41
N THR E 89 -4.87 8.06 35.03
CA THR E 89 -6.03 7.26 34.62
C THR E 89 -7.34 7.92 35.05
N ASP E 90 -7.32 8.69 36.14
CA ASP E 90 -8.52 9.36 36.64
C ASP E 90 -8.23 10.86 36.77
N ILE E 91 -8.66 11.63 35.76
CA ILE E 91 -8.49 13.08 35.77
C ILE E 91 -9.46 13.80 36.68
N GLN E 92 -10.32 13.07 37.41
CA GLN E 92 -11.28 13.63 38.36
C GLN E 92 -10.61 14.54 39.37
N PRO E 93 -9.31 14.42 39.57
CA PRO E 93 -8.59 15.40 40.39
C PRO E 93 -8.36 16.70 39.64
N TYR E 94 -8.02 16.62 38.35
CA TYR E 94 -7.71 17.81 37.57
C TYR E 94 -8.93 18.44 36.94
N MET E 95 -10.09 17.79 37.03
CA MET E 95 -11.24 18.22 36.25
C MET E 95 -11.70 19.59 36.70
N ASP E 96 -12.30 20.33 35.75
CA ASP E 96 -12.85 21.67 35.91
C ASP E 96 -11.80 22.74 36.18
N LYS E 97 -10.51 22.39 36.15
CA LYS E 97 -9.44 23.37 36.30
C LYS E 97 -8.86 23.71 34.94
N LYS E 98 -9.01 24.97 34.55
CA LYS E 98 -8.33 25.44 33.35
C LYS E 98 -6.83 25.41 33.55
N PHE E 99 -6.11 24.95 32.51
CA PHE E 99 -4.68 24.73 32.61
C PHE E 99 -3.96 25.61 31.59
N THR E 100 -2.64 25.51 31.57
CA THR E 100 -1.84 26.21 30.58
C THR E 100 -1.23 25.22 29.59
N LYS E 101 -0.88 25.72 28.41
CA LYS E 101 -0.34 24.84 27.38
C LYS E 101 1.02 24.29 27.78
N ILE E 102 1.75 24.98 28.64
CA ILE E 102 3.05 24.51 29.08
C ILE E 102 2.92 23.63 30.32
N GLU E 103 1.87 23.83 31.11
CA GLU E 103 1.72 23.16 32.40
C GLU E 103 1.59 21.65 32.24
N ILE E 104 1.12 21.19 31.07
CA ILE E 104 0.74 19.78 30.88
C ILE E 104 1.93 18.88 31.19
N GLU E 105 3.06 19.14 30.53
CA GLU E 105 4.20 18.24 30.56
C GLU E 105 4.75 18.11 31.98
N GLN E 106 4.78 19.22 32.72
CA GLN E 106 5.22 19.17 34.11
C GLN E 106 4.36 18.22 34.93
N ILE E 107 3.04 18.25 34.69
CA ILE E 107 2.13 17.32 35.35
C ILE E 107 2.54 15.87 35.09
N ALA E 108 2.98 15.57 33.87
CA ALA E 108 3.32 14.20 33.51
C ALA E 108 4.55 13.73 34.29
N GLN E 109 5.66 14.46 34.16
CA GLN E 109 6.93 13.99 34.71
C GLN E 109 6.82 13.66 36.20
N GLN E 110 6.03 14.43 36.95
CA GLN E 110 5.83 14.11 38.36
C GLN E 110 5.04 12.82 38.52
N ASN E 111 3.88 12.73 37.86
CA ASN E 111 3.06 11.52 37.95
C ASN E 111 3.77 10.32 37.33
N ILE E 112 4.43 10.51 36.19
CA ILE E 112 5.20 9.43 35.58
C ILE E 112 6.34 9.01 36.49
N GLU E 113 6.86 9.93 37.30
CA GLU E 113 7.84 9.56 38.31
C GLU E 113 7.16 8.94 39.52
N LYS E 114 6.08 9.57 40.01
CA LYS E 114 5.35 9.04 41.16
C LYS E 114 4.91 7.60 40.92
N ALA E 115 4.33 7.34 39.75
CA ALA E 115 3.89 5.99 39.43
C ALA E 115 5.04 5.00 39.39
N GLN E 116 6.29 5.47 39.25
CA GLN E 116 7.43 4.57 39.28
C GLN E 116 7.82 4.22 40.71
N GLN E 117 7.78 5.19 41.63
CA GLN E 117 8.02 4.89 43.03
C GLN E 117 6.77 4.31 43.71
N LEU E 118 5.60 4.49 43.11
CA LEU E 118 4.37 3.83 43.56
C LEU E 118 4.12 2.50 42.87
N SER E 119 5.03 2.08 41.97
CA SER E 119 4.89 0.84 41.20
C SER E 119 3.58 0.81 40.42
N LYS E 120 2.86 1.93 40.40
CA LYS E 120 1.55 2.04 39.75
C LYS E 120 1.67 2.69 38.38
N LEU E 121 2.68 2.29 37.59
CA LEU E 121 2.86 2.77 36.23
C LEU E 121 2.58 1.63 35.26
N LYS E 122 1.57 1.80 34.42
CA LYS E 122 1.26 0.85 33.37
C LYS E 122 0.96 1.60 32.09
N TYR E 123 1.48 1.07 30.97
CA TYR E 123 1.23 1.62 29.64
C TYR E 123 1.80 3.02 29.46
N GLY E 124 2.74 3.43 30.32
CA GLY E 124 3.36 4.73 30.20
C GLY E 124 2.59 5.88 30.80
N VAL E 125 1.55 5.59 31.60
CA VAL E 125 0.66 6.59 32.16
C VAL E 125 0.35 6.18 33.59
N PHE E 126 0.33 7.15 34.50
CA PHE E 126 0.05 6.86 35.91
C PHE E 126 -1.34 6.26 36.07
N VAL E 127 -1.39 5.03 36.55
CA VAL E 127 -2.65 4.34 36.78
C VAL E 127 -3.05 4.53 38.24
N VAL E 128 -4.30 4.90 38.47
CA VAL E 128 -4.79 5.18 39.81
C VAL E 128 -5.38 3.92 40.42
N ILE F 4 -7.70 42.02 -27.83
CA ILE F 4 -8.09 41.50 -26.52
C ILE F 4 -7.81 42.51 -25.43
N SER F 5 -8.81 43.31 -25.09
CA SER F 5 -8.68 44.26 -23.99
C SER F 5 -8.48 43.52 -22.67
N ARG F 6 -7.74 44.15 -21.76
CA ARG F 6 -7.53 43.54 -20.44
C ARG F 6 -8.85 43.37 -19.70
N GLU F 7 -9.84 44.23 -19.98
CA GLU F 7 -11.14 44.09 -19.33
C GLU F 7 -11.92 42.92 -19.91
N GLU F 8 -11.83 42.70 -21.22
CA GLU F 8 -12.49 41.54 -21.83
C GLU F 8 -11.72 40.26 -21.57
N TYR F 9 -10.39 40.31 -21.57
CA TYR F 9 -9.61 39.10 -21.29
C TYR F 9 -9.84 38.63 -19.86
N ALA F 10 -9.90 39.58 -18.91
CA ALA F 10 -10.23 39.20 -17.54
C ALA F 10 -11.68 38.77 -17.42
N LYS F 11 -12.57 39.30 -18.27
CA LYS F 11 -13.98 38.91 -18.20
C LYS F 11 -14.23 37.59 -18.91
N LYS F 12 -13.73 37.45 -20.14
CA LYS F 12 -13.92 36.21 -20.88
C LYS F 12 -13.30 35.02 -20.16
N MET F 13 -12.21 35.23 -19.41
CA MET F 13 -11.55 34.13 -18.71
C MET F 13 -12.37 33.63 -17.54
N ARG F 14 -12.99 34.55 -16.78
CA ARG F 14 -13.47 34.21 -15.45
C ARG F 14 -14.56 33.15 -15.50
N LEU F 15 -15.60 33.37 -16.30
CA LEU F 15 -16.70 32.39 -16.36
C LEU F 15 -16.20 31.02 -16.77
N ALA F 16 -15.09 30.95 -17.51
CA ALA F 16 -14.54 29.66 -17.89
C ALA F 16 -13.92 28.95 -16.70
N LEU F 17 -13.31 29.70 -15.78
CA LEU F 17 -12.51 29.10 -14.72
C LEU F 17 -13.04 29.36 -13.33
N SER F 18 -13.62 30.53 -13.08
CA SER F 18 -14.01 30.88 -11.72
C SER F 18 -15.16 30.01 -11.23
N ASP F 19 -15.29 29.96 -9.91
CA ASP F 19 -16.43 29.30 -9.30
C ASP F 19 -17.70 30.11 -9.54
N ASN F 20 -18.85 29.46 -9.35
CA ASN F 20 -20.12 30.16 -9.44
C ASN F 20 -20.28 31.20 -8.33
N HIS F 21 -19.52 31.08 -7.25
CA HIS F 21 -19.55 32.11 -6.21
C HIS F 21 -18.58 33.26 -6.52
N ILE F 22 -17.53 33.00 -7.30
CA ILE F 22 -16.52 34.02 -7.54
C ILE F 22 -16.98 35.01 -8.60
N CYS F 23 -17.63 34.52 -9.66
CA CYS F 23 -18.05 35.39 -10.75
C CYS F 23 -19.53 35.19 -11.03
N LYS F 24 -20.24 36.29 -11.25
CA LYS F 24 -21.60 36.24 -11.73
C LYS F 24 -21.60 35.73 -13.17
N PRO F 25 -22.75 35.21 -13.66
CA PRO F 25 -22.84 34.91 -15.10
C PRO F 25 -22.61 36.13 -15.98
N ASP F 26 -22.79 37.32 -15.41
CA ASP F 26 -22.40 38.56 -16.08
C ASP F 26 -20.93 38.53 -16.48
N GLY F 27 -20.06 38.03 -15.60
CA GLY F 27 -18.64 37.97 -15.86
C GLY F 27 -17.83 39.00 -15.07
N THR F 28 -18.47 40.07 -14.61
CA THR F 28 -17.79 40.96 -13.67
C THR F 28 -17.51 40.21 -12.37
N VAL F 29 -16.46 40.64 -11.66
CA VAL F 29 -16.15 40.03 -10.38
C VAL F 29 -17.29 40.28 -9.40
N ASN F 30 -17.80 39.20 -8.79
CA ASN F 30 -18.85 39.30 -7.78
C ASN F 30 -18.16 39.51 -6.44
N HIS F 31 -18.18 40.75 -5.95
CA HIS F 31 -17.39 41.12 -4.79
C HIS F 31 -17.98 40.59 -3.49
N GLN F 32 -19.28 40.31 -3.48
CA GLN F 32 -19.97 39.76 -2.32
C GLN F 32 -19.19 38.60 -1.70
N TYR F 33 -18.61 37.77 -2.57
CA TYR F 33 -17.84 36.63 -2.10
C TYR F 33 -16.51 37.04 -1.47
N PHE F 34 -15.90 38.11 -1.97
CA PHE F 34 -14.59 38.53 -1.50
C PHE F 34 -14.66 39.47 -0.30
N LEU F 35 -15.85 39.75 0.20
CA LEU F 35 -15.98 40.47 1.47
C LEU F 35 -15.97 39.50 2.64
N VAL F 36 -16.93 38.58 2.68
CA VAL F 36 -16.91 37.52 3.67
C VAL F 36 -15.69 36.64 3.45
N LYS F 37 -15.00 36.28 4.53
CA LYS F 37 -13.75 35.54 4.41
C LYS F 37 -14.02 34.05 4.24
N LYS F 38 -13.17 33.40 3.44
CA LYS F 38 -13.14 31.95 3.28
C LYS F 38 -14.51 31.47 2.78
N GLY F 39 -14.89 30.25 3.16
CA GLY F 39 -16.13 29.65 2.72
C GLY F 39 -17.32 29.87 3.63
N GLN F 40 -17.43 31.06 4.21
CA GLN F 40 -18.64 31.47 4.90
C GLN F 40 -19.53 32.33 4.04
N TYR F 41 -19.41 32.22 2.72
CA TYR F 41 -20.23 33.01 1.82
C TYR F 41 -21.70 32.63 1.94
N TRP F 42 -22.55 33.66 1.91
CA TRP F 42 -24.00 33.49 1.88
C TRP F 42 -24.41 33.30 0.42
N GLY F 43 -24.31 32.05 -0.05
CA GLY F 43 -24.64 31.76 -1.43
C GLY F 43 -26.13 31.86 -1.68
N GLU F 44 -26.51 32.56 -2.75
CA GLU F 44 -27.90 32.57 -3.16
C GLU F 44 -28.37 31.15 -3.50
N GLU F 45 -27.47 30.32 -4.04
CA GLU F 45 -27.76 28.90 -4.15
C GLU F 45 -27.70 28.21 -2.79
N LYS F 46 -26.86 28.72 -1.88
CA LYS F 46 -26.86 28.21 -0.51
C LYS F 46 -28.07 28.71 0.26
N ILE F 47 -28.59 29.88 -0.12
CA ILE F 47 -29.90 30.31 0.36
C ILE F 47 -30.98 29.33 -0.09
N GLN F 48 -30.87 28.83 -1.33
CA GLN F 48 -31.88 27.92 -1.85
C GLN F 48 -32.05 26.71 -0.94
N TYR F 49 -30.96 26.13 -0.46
CA TYR F 49 -31.12 25.04 0.50
C TYR F 49 -31.94 25.53 1.69
N LEU F 50 -31.59 26.71 2.23
CA LEU F 50 -32.28 27.25 3.41
C LEU F 50 -33.79 27.33 3.23
N ILE F 51 -34.27 27.58 2.02
CA ILE F 51 -35.71 27.73 1.83
C ILE F 51 -36.58 26.51 2.14
N GLU F 52 -36.09 25.31 1.84
CA GLU F 52 -36.97 24.16 1.62
C GLU F 52 -37.90 23.64 2.74
N GLN F 53 -37.41 23.46 3.97
CA GLN F 53 -38.29 22.94 5.02
C GLN F 53 -38.57 24.03 6.02
N LEU F 54 -37.91 25.14 5.77
CA LEU F 54 -37.87 26.28 6.64
C LEU F 54 -39.26 26.56 7.15
N GLU F 55 -40.28 26.11 6.42
CA GLU F 55 -41.68 26.27 6.88
C GLU F 55 -41.92 25.50 8.16
N LYS F 56 -40.78 25.03 8.68
CA LYS F 56 -40.64 24.10 9.79
C LYS F 56 -39.91 24.79 10.92
N ILE F 57 -39.04 25.71 10.60
CA ILE F 57 -38.22 26.32 11.62
C ILE F 57 -39.10 27.24 12.45
N GLY F 58 -39.64 28.27 11.84
CA GLY F 58 -40.43 29.23 12.57
C GLY F 58 -39.47 29.99 13.44
N VAL F 59 -39.70 31.29 13.64
CA VAL F 59 -38.64 32.07 14.26
C VAL F 59 -38.25 31.43 15.59
N GLY F 60 -36.95 31.39 15.86
CA GLY F 60 -36.45 30.77 17.06
C GLY F 60 -36.15 29.29 16.95
N ASN F 61 -36.48 28.66 15.83
CA ASN F 61 -36.16 27.24 15.60
C ASN F 61 -34.92 27.10 14.73
N TRP F 62 -33.79 27.62 15.24
CA TRP F 62 -32.54 27.53 14.50
C TRP F 62 -32.02 26.10 14.48
N LYS F 63 -31.97 25.45 15.65
CA LYS F 63 -31.60 24.04 15.67
C LYS F 63 -32.59 23.20 14.85
N GLN F 64 -33.85 23.62 14.77
CA GLN F 64 -34.84 22.94 13.94
C GLN F 64 -34.72 23.32 12.47
N MET F 65 -34.10 24.45 12.14
CA MET F 65 -33.76 24.76 10.74
C MET F 65 -32.35 24.32 10.36
N GLN F 66 -31.49 24.06 11.34
CA GLN F 66 -30.11 23.68 11.06
C GLN F 66 -30.02 22.25 10.53
N LYS F 67 -30.96 21.39 10.91
CA LYS F 67 -30.99 20.04 10.37
C LYS F 67 -31.76 19.97 9.05
N GLY F 68 -32.82 20.75 8.89
CA GLY F 68 -33.59 20.66 7.67
C GLY F 68 -32.92 21.30 6.48
N LEU F 69 -32.23 22.43 6.70
CA LEU F 69 -31.82 23.31 5.61
C LEU F 69 -30.47 23.98 5.75
N LEU F 70 -29.78 23.78 6.85
CA LEU F 70 -28.36 24.12 6.89
C LEU F 70 -27.53 22.84 6.95
N GLU F 71 -28.12 21.71 6.60
CA GLU F 71 -27.32 20.50 6.49
C GLU F 71 -26.61 20.40 7.83
N GLN F 72 -27.27 20.95 8.84
CA GLN F 72 -26.71 20.99 10.18
C GLN F 72 -25.32 21.62 10.11
N THR F 73 -25.13 22.60 9.23
CA THR F 73 -23.81 23.20 9.10
C THR F 73 -23.73 24.72 9.21
N SER F 74 -24.87 25.39 9.20
CA SER F 74 -24.91 26.84 9.05
C SER F 74 -24.44 27.62 10.28
N GLU F 75 -24.09 28.88 10.07
CA GLU F 75 -23.65 29.73 11.18
C GLU F 75 -24.82 29.78 12.13
N ILE F 76 -24.59 29.83 13.43
CA ILE F 76 -25.69 29.57 14.34
C ILE F 76 -26.31 30.93 14.54
N GLU F 77 -27.60 30.99 14.87
CA GLU F 77 -28.29 32.25 14.84
C GLU F 77 -28.33 32.76 13.41
N LEU F 78 -28.54 31.84 12.48
CA LEU F 78 -28.61 32.12 11.05
C LEU F 78 -29.77 33.02 10.71
N GLU F 79 -30.48 33.35 11.77
CA GLU F 79 -31.73 34.06 11.77
C GLU F 79 -31.62 35.41 11.11
N LEU F 80 -30.43 36.01 11.13
CA LEU F 80 -30.28 37.36 10.62
C LEU F 80 -30.76 37.39 9.19
N ARG F 81 -30.54 36.32 8.42
CA ARG F 81 -30.94 36.36 7.02
C ARG F 81 -32.44 36.60 6.93
N THR F 82 -33.22 35.88 7.72
CA THR F 82 -34.65 36.11 7.81
C THR F 82 -34.93 37.48 8.41
N CYS F 83 -34.11 37.81 9.41
CA CYS F 83 -34.30 38.96 10.30
C CYS F 83 -34.27 40.28 9.55
N LEU F 84 -33.43 40.37 8.54
CA LEU F 84 -33.52 41.46 7.58
C LEU F 84 -34.89 41.32 6.96
N LEU F 85 -35.29 40.06 6.75
CA LEU F 85 -36.62 39.72 6.24
C LEU F 85 -37.70 40.45 7.03
N PHE F 86 -37.58 40.47 8.36
CA PHE F 86 -38.48 41.27 9.18
C PHE F 86 -38.18 42.76 9.05
N LYS F 87 -36.92 43.10 8.76
CA LYS F 87 -36.42 44.48 8.74
C LYS F 87 -36.58 45.14 10.11
N THR F 88 -36.07 44.47 11.13
CA THR F 88 -36.08 45.00 12.49
C THR F 88 -34.92 44.38 13.26
N THR F 89 -34.33 45.16 14.16
CA THR F 89 -33.14 44.74 14.90
C THR F 89 -33.46 44.03 16.20
N ASP F 90 -34.74 43.94 16.58
CA ASP F 90 -35.16 43.19 17.76
C ASP F 90 -36.27 42.23 17.33
N ILE F 91 -35.94 40.94 17.31
CA ILE F 91 -36.83 39.90 16.77
C ILE F 91 -37.63 39.22 17.86
N GLN F 92 -37.54 39.70 19.12
CA GLN F 92 -38.10 39.04 20.29
C GLN F 92 -39.63 39.07 20.29
N PRO F 93 -40.28 39.70 19.29
CA PRO F 93 -41.74 39.68 19.26
C PRO F 93 -42.31 38.82 18.14
N TYR F 94 -41.46 38.41 17.18
CA TYR F 94 -41.84 37.46 16.15
C TYR F 94 -41.35 36.04 16.45
N MET F 95 -40.74 35.83 17.62
CA MET F 95 -40.26 34.51 18.00
C MET F 95 -41.40 33.49 18.06
N ASP F 96 -41.11 32.27 17.61
CA ASP F 96 -41.98 31.09 17.48
C ASP F 96 -43.05 31.26 16.39
N LYS F 97 -43.22 32.43 15.79
CA LYS F 97 -44.25 32.64 14.78
C LYS F 97 -43.74 32.14 13.45
N LYS F 98 -44.40 31.13 12.89
CA LYS F 98 -43.77 30.32 11.86
C LYS F 98 -43.96 30.92 10.46
N PHE F 99 -43.19 30.37 9.52
CA PHE F 99 -43.33 30.60 8.09
C PHE F 99 -43.21 29.24 7.43
N THR F 100 -43.60 29.15 6.14
CA THR F 100 -43.51 27.84 5.49
C THR F 100 -43.07 27.96 4.03
N LYS F 101 -42.52 26.87 3.52
CA LYS F 101 -41.91 26.81 2.20
C LYS F 101 -42.87 27.03 1.05
N ILE F 102 -44.14 26.69 1.23
CA ILE F 102 -45.08 26.82 0.13
C ILE F 102 -45.42 28.28 -0.11
N GLU F 103 -45.34 29.12 0.93
CA GLU F 103 -45.71 30.54 0.81
C GLU F 103 -44.54 31.51 0.84
N ILE F 104 -43.28 31.05 0.87
CA ILE F 104 -42.15 31.98 0.87
C ILE F 104 -42.25 32.94 -0.30
N GLU F 105 -42.64 32.42 -1.46
CA GLU F 105 -42.79 33.26 -2.64
C GLU F 105 -43.89 34.29 -2.45
N GLN F 106 -44.95 33.92 -1.74
CA GLN F 106 -46.11 34.79 -1.62
C GLN F 106 -45.87 35.95 -0.65
N ILE F 107 -45.19 35.68 0.47
CA ILE F 107 -44.92 36.72 1.46
C ILE F 107 -43.94 37.76 0.97
N ALA F 108 -43.35 37.57 -0.21
CA ALA F 108 -42.48 38.59 -0.77
C ALA F 108 -43.19 39.94 -0.82
N GLN F 109 -44.50 39.93 -1.05
CA GLN F 109 -45.27 41.16 -0.98
C GLN F 109 -45.38 41.67 0.45
N GLN F 110 -45.39 40.78 1.44
CA GLN F 110 -45.65 41.21 2.81
C GLN F 110 -44.54 42.12 3.33
N ASN F 111 -43.30 41.90 2.89
CA ASN F 111 -42.23 42.82 3.25
C ASN F 111 -42.39 44.16 2.53
N ILE F 112 -42.91 44.14 1.30
CA ILE F 112 -42.98 45.37 0.50
C ILE F 112 -44.00 46.33 1.10
N GLU F 113 -45.12 45.83 1.57
CA GLU F 113 -46.14 46.69 2.19
C GLU F 113 -45.65 47.37 3.48
N LYS F 114 -44.89 46.62 4.26
CA LYS F 114 -44.53 46.93 5.65
C LYS F 114 -43.71 48.18 5.98
N ALA F 115 -42.75 48.54 5.13
CA ALA F 115 -41.62 49.38 5.50
C ALA F 115 -41.88 50.81 6.01
N GLN F 116 -42.85 51.52 5.43
CA GLN F 116 -42.94 52.98 5.51
C GLN F 116 -43.11 53.61 6.90
N GLN F 117 -43.91 52.99 7.75
CA GLN F 117 -44.39 53.58 9.00
C GLN F 117 -43.26 53.96 9.93
N LEU F 118 -42.18 53.19 9.96
CA LEU F 118 -41.15 53.35 10.98
C LEU F 118 -40.40 54.66 10.83
N SER F 119 -40.14 55.31 11.96
CA SER F 119 -39.41 56.57 12.02
C SER F 119 -38.08 56.44 12.73
N LYS F 120 -37.64 55.21 13.02
CA LYS F 120 -36.42 54.96 13.77
C LYS F 120 -35.42 54.12 12.98
N LEU F 121 -35.69 53.87 11.69
CA LEU F 121 -34.90 52.94 10.89
C LEU F 121 -33.41 53.22 11.03
N LYS F 122 -32.59 52.18 10.94
CA LYS F 122 -31.16 52.34 10.74
C LYS F 122 -30.69 51.25 9.78
N TYR F 123 -30.12 51.65 8.65
CA TYR F 123 -29.70 50.71 7.60
C TYR F 123 -30.88 49.87 7.10
N GLY F 124 -32.04 50.52 6.98
CA GLY F 124 -33.22 49.89 6.41
C GLY F 124 -33.94 48.89 7.29
N VAL F 125 -33.56 48.78 8.57
CA VAL F 125 -34.23 47.90 9.51
C VAL F 125 -34.88 48.75 10.59
N PHE F 126 -36.05 48.33 11.05
CA PHE F 126 -36.71 49.01 12.15
C PHE F 126 -35.86 48.93 13.41
N VAL F 127 -36.09 49.86 14.33
CA VAL F 127 -35.30 49.96 15.55
C VAL F 127 -36.26 50.02 16.74
N VAL F 128 -36.10 49.08 17.66
CA VAL F 128 -36.95 49.01 18.85
C VAL F 128 -36.08 48.93 20.09
N SER G 5 -1.26 -27.54 6.36
CA SER G 5 -1.12 -26.16 6.83
C SER G 5 -1.76 -26.02 8.20
N ARG G 6 -1.17 -25.16 9.03
CA ARG G 6 -1.60 -25.07 10.42
C ARG G 6 -2.94 -24.35 10.55
N GLU G 7 -3.20 -23.37 9.69
CA GLU G 7 -4.50 -22.69 9.72
C GLU G 7 -5.64 -23.67 9.49
N GLU G 8 -5.39 -24.70 8.67
CA GLU G 8 -6.34 -25.80 8.57
C GLU G 8 -6.32 -26.67 9.82
N TYR G 9 -5.12 -26.99 10.30
CA TYR G 9 -4.98 -27.77 11.52
C TYR G 9 -5.66 -27.08 12.69
N ALA G 10 -5.58 -25.74 12.75
CA ALA G 10 -6.19 -25.00 13.84
C ALA G 10 -7.71 -25.07 13.75
N LYS G 11 -8.27 -24.92 12.55
CA LYS G 11 -9.72 -24.89 12.40
C LYS G 11 -10.35 -26.24 12.71
N LYS G 12 -9.74 -27.31 12.21
CA LYS G 12 -10.33 -28.64 12.38
C LYS G 12 -10.34 -29.05 13.85
N MET G 13 -9.33 -28.66 14.62
CA MET G 13 -9.29 -29.01 16.03
C MET G 13 -10.27 -28.16 16.84
N ARG G 14 -10.50 -26.91 16.43
CA ARG G 14 -11.42 -26.05 17.18
C ARG G 14 -12.84 -26.59 17.12
N LEU G 15 -13.30 -26.93 15.92
CA LEU G 15 -14.70 -27.33 15.73
C LEU G 15 -15.07 -28.51 16.61
N ALA G 16 -14.22 -29.54 16.65
CA ALA G 16 -14.51 -30.75 17.40
C ALA G 16 -14.32 -30.54 18.90
N LEU G 17 -13.34 -29.73 19.30
CA LEU G 17 -12.93 -29.66 20.69
C LEU G 17 -13.36 -28.38 21.40
N SER G 18 -13.09 -27.22 20.81
CA SER G 18 -13.35 -25.95 21.49
C SER G 18 -14.83 -25.80 21.83
N ASP G 19 -15.11 -24.88 22.75
CA ASP G 19 -16.47 -24.63 23.18
C ASP G 19 -17.23 -23.90 22.06
N ASN G 20 -18.55 -23.82 22.25
CA ASN G 20 -19.42 -23.28 21.20
C ASN G 20 -19.18 -21.78 20.98
N HIS G 21 -18.71 -21.08 22.00
CA HIS G 21 -18.50 -19.64 21.94
C HIS G 21 -17.09 -19.25 21.52
N ILE G 22 -16.20 -20.21 21.34
CA ILE G 22 -14.84 -19.91 20.92
C ILE G 22 -14.74 -19.77 19.41
N CYS G 23 -15.19 -20.78 18.67
CA CYS G 23 -15.13 -20.79 17.22
C CYS G 23 -16.49 -20.48 16.62
N LYS G 24 -16.48 -19.87 15.45
CA LYS G 24 -17.68 -19.61 14.67
C LYS G 24 -17.93 -20.77 13.71
N PRO G 25 -19.14 -20.89 13.15
CA PRO G 25 -19.50 -22.12 12.41
C PRO G 25 -18.47 -22.54 11.37
N ASP G 26 -17.80 -21.59 10.72
CA ASP G 26 -16.78 -21.94 9.74
C ASP G 26 -15.54 -22.55 10.39
N GLY G 27 -15.24 -22.17 11.63
CA GLY G 27 -14.12 -22.73 12.34
C GLY G 27 -13.24 -21.71 13.03
N THR G 28 -13.15 -20.51 12.45
CA THR G 28 -12.26 -19.48 12.96
C THR G 28 -12.72 -18.99 14.33
N VAL G 29 -11.79 -18.35 15.05
CA VAL G 29 -12.09 -17.81 16.36
C VAL G 29 -12.93 -16.54 16.21
N ASN G 30 -13.96 -16.41 17.05
CA ASN G 30 -14.71 -15.16 17.16
C ASN G 30 -13.99 -14.29 18.18
N HIS G 31 -13.31 -13.25 17.69
CA HIS G 31 -12.55 -12.37 18.55
C HIS G 31 -13.44 -11.57 19.50
N GLN G 32 -14.76 -11.61 19.32
CA GLN G 32 -15.65 -10.97 20.27
C GLN G 32 -15.64 -11.67 21.61
N TYR G 33 -15.46 -12.99 21.63
CA TYR G 33 -15.42 -13.73 22.89
C TYR G 33 -14.10 -13.55 23.62
N PHE G 34 -13.03 -13.25 22.90
CA PHE G 34 -11.72 -13.03 23.50
C PHE G 34 -11.44 -11.57 23.81
N LEU G 35 -12.37 -10.67 23.50
CA LEU G 35 -12.28 -9.28 23.91
C LEU G 35 -13.23 -8.96 25.07
N VAL G 36 -13.82 -9.99 25.68
CA VAL G 36 -14.64 -9.88 26.86
C VAL G 36 -14.16 -10.92 27.86
N LYS G 37 -14.20 -10.58 29.15
CA LYS G 37 -13.49 -11.33 30.17
C LYS G 37 -14.36 -12.44 30.76
N LYS G 38 -13.74 -13.60 31.01
CA LYS G 38 -14.43 -14.74 31.63
C LYS G 38 -15.69 -15.21 30.92
N GLY G 39 -16.77 -15.27 31.70
CA GLY G 39 -18.05 -15.75 31.27
C GLY G 39 -19.05 -14.64 31.01
N GLN G 40 -18.55 -13.46 30.65
CA GLN G 40 -19.43 -12.32 30.36
C GLN G 40 -19.79 -12.20 28.89
N TYR G 41 -19.37 -13.15 28.06
CA TYR G 41 -19.62 -13.06 26.62
C TYR G 41 -21.10 -12.92 26.32
N TRP G 42 -21.41 -12.07 25.34
CA TRP G 42 -22.79 -11.77 24.98
C TRP G 42 -23.09 -12.57 23.71
N GLY G 43 -23.49 -13.83 23.91
CA GLY G 43 -23.78 -14.68 22.78
C GLY G 43 -24.99 -14.21 22.00
N GLU G 44 -24.99 -14.51 20.71
CA GLU G 44 -26.14 -14.18 19.87
C GLU G 44 -27.39 -14.92 20.32
N GLU G 45 -27.24 -16.05 21.01
CA GLU G 45 -28.39 -16.75 21.57
C GLU G 45 -29.00 -15.95 22.71
N LYS G 46 -28.15 -15.34 23.56
CA LYS G 46 -28.65 -14.53 24.65
C LYS G 46 -29.34 -13.27 24.15
N ILE G 47 -28.89 -12.72 23.02
CA ILE G 47 -29.54 -11.55 22.44
C ILE G 47 -31.03 -11.83 22.21
N GLN G 48 -31.34 -12.97 21.59
CA GLN G 48 -32.74 -13.33 21.38
C GLN G 48 -33.48 -13.52 22.69
N TYR G 49 -32.82 -14.11 23.70
CA TYR G 49 -33.45 -14.28 25.01
C TYR G 49 -33.82 -12.92 25.61
N LEU G 50 -32.81 -12.09 25.91
CA LEU G 50 -33.05 -10.73 26.39
C LEU G 50 -34.16 -10.03 25.60
N ILE G 51 -34.06 -10.05 24.26
CA ILE G 51 -35.08 -9.44 23.42
C ILE G 51 -36.47 -10.03 23.70
N GLU G 52 -36.55 -11.35 23.84
CA GLU G 52 -37.83 -12.00 24.08
C GLU G 52 -38.51 -11.45 25.33
N GLN G 53 -37.77 -11.35 26.44
CA GLN G 53 -38.35 -10.81 27.66
C GLN G 53 -38.86 -9.39 27.45
N LEU G 54 -37.97 -8.47 27.04
CA LEU G 54 -38.30 -7.04 27.09
C LEU G 54 -39.61 -6.72 26.38
N GLU G 55 -39.93 -7.44 25.30
CA GLU G 55 -41.15 -7.13 24.54
C GLU G 55 -42.39 -7.25 25.42
N LYS G 56 -42.51 -8.34 26.19
CA LYS G 56 -43.63 -8.47 27.13
C LYS G 56 -43.40 -7.65 28.38
N ILE G 57 -42.12 -7.41 28.72
CA ILE G 57 -41.78 -6.79 29.99
C ILE G 57 -41.80 -5.27 29.87
N GLY G 58 -41.13 -4.72 28.86
CA GLY G 58 -41.02 -3.28 28.71
C GLY G 58 -39.76 -2.74 29.37
N VAL G 59 -39.29 -1.60 28.85
CA VAL G 59 -38.07 -0.99 29.37
C VAL G 59 -38.29 -0.57 30.83
N GLY G 60 -37.19 -0.46 31.57
CA GLY G 60 -37.23 -0.20 32.98
C GLY G 60 -37.63 -1.38 33.83
N ASN G 61 -37.86 -2.54 33.23
CA ASN G 61 -38.27 -3.74 33.95
C ASN G 61 -37.22 -4.84 33.82
N TRP G 62 -35.95 -4.48 34.02
CA TRP G 62 -34.87 -5.45 33.97
C TRP G 62 -35.06 -6.53 35.02
N LYS G 63 -35.48 -6.14 36.23
CA LYS G 63 -35.73 -7.11 37.28
C LYS G 63 -36.82 -8.10 36.89
N GLN G 64 -37.85 -7.62 36.20
CA GLN G 64 -38.88 -8.50 35.66
C GLN G 64 -38.33 -9.37 34.53
N MET G 65 -37.50 -8.81 33.65
CA MET G 65 -36.91 -9.62 32.59
C MET G 65 -35.90 -10.62 33.15
N GLN G 66 -35.20 -10.26 34.23
CA GLN G 66 -34.08 -11.07 34.68
C GLN G 66 -34.51 -12.48 35.05
N LYS G 67 -35.63 -12.61 35.76
CA LYS G 67 -36.19 -13.93 36.02
C LYS G 67 -36.63 -14.61 34.73
N GLY G 68 -37.23 -13.86 33.78
CA GLY G 68 -37.78 -14.41 32.54
C GLY G 68 -37.09 -15.00 31.28
N LEU G 69 -36.09 -14.32 30.71
CA LEU G 69 -35.18 -14.87 29.70
C LEU G 69 -33.86 -15.43 30.23
N LEU G 70 -33.23 -14.70 31.15
CA LEU G 70 -31.94 -15.11 31.70
C LEU G 70 -32.08 -15.84 33.02
N GLU G 71 -33.24 -15.70 33.65
CA GLU G 71 -33.50 -16.34 34.93
C GLU G 71 -32.69 -15.66 36.01
N GLN G 72 -31.36 -15.66 35.85
CA GLN G 72 -30.48 -15.04 36.82
C GLN G 72 -29.12 -14.58 36.28
N THR G 73 -28.50 -13.66 37.01
CA THR G 73 -27.16 -13.19 36.74
C THR G 73 -26.93 -12.51 35.39
N SER G 74 -27.86 -11.66 34.97
CA SER G 74 -27.60 -10.74 33.88
C SER G 74 -27.42 -9.33 34.48
N GLU G 75 -26.26 -8.74 34.22
CA GLU G 75 -25.88 -7.49 34.88
C GLU G 75 -26.77 -6.33 34.47
N ILE G 76 -26.54 -5.20 35.09
CA ILE G 76 -27.26 -3.96 34.79
C ILE G 76 -26.93 -3.52 33.37
N GLU G 77 -25.88 -4.10 32.83
CA GLU G 77 -25.42 -3.81 31.47
C GLU G 77 -26.51 -4.13 30.47
N LEU G 78 -27.41 -5.04 30.81
CA LEU G 78 -28.42 -5.47 29.87
C LEU G 78 -29.18 -4.22 29.47
N GLU G 79 -29.38 -3.31 30.39
CA GLU G 79 -30.05 -2.07 30.06
C GLU G 79 -29.26 -1.34 28.97
N LEU G 80 -27.93 -1.35 29.10
CA LEU G 80 -27.08 -0.68 28.11
C LEU G 80 -27.19 -1.29 26.72
N ARG G 81 -27.15 -2.61 26.63
CA ARG G 81 -27.45 -3.30 25.38
C ARG G 81 -28.79 -2.84 24.80
N THR G 82 -29.72 -2.38 25.65
CA THR G 82 -30.99 -1.90 25.15
C THR G 82 -30.84 -0.54 24.48
N CYS G 83 -29.88 0.28 24.95
CA CYS G 83 -29.56 1.52 24.25
C CYS G 83 -28.95 1.25 22.88
N LEU G 84 -28.36 0.06 22.67
CA LEU G 84 -27.94 -0.34 21.34
C LEU G 84 -29.12 -0.82 20.50
N LEU G 85 -30.14 -1.41 21.13
CA LEU G 85 -31.33 -1.82 20.40
C LEU G 85 -32.07 -0.61 19.85
N PHE G 86 -32.16 0.47 20.64
CA PHE G 86 -32.86 1.67 20.23
C PHE G 86 -31.94 2.72 19.65
N LYS G 87 -30.63 2.47 19.64
CA LYS G 87 -29.64 3.33 18.97
C LYS G 87 -29.66 4.75 19.52
N THR G 88 -29.84 4.88 20.82
CA THR G 88 -29.83 6.18 21.49
C THR G 88 -28.95 6.10 22.73
N THR G 89 -28.23 7.19 23.00
CA THR G 89 -27.41 7.27 24.21
C THR G 89 -28.22 7.60 25.46
N ASP G 90 -29.49 7.96 25.31
CA ASP G 90 -30.36 8.24 26.45
C ASP G 90 -31.64 7.44 26.28
N ILE G 91 -31.87 6.49 27.19
CA ILE G 91 -33.01 5.58 27.10
C ILE G 91 -34.10 5.95 28.08
N GLN G 92 -34.00 7.11 28.73
CA GLN G 92 -34.93 7.51 29.79
C GLN G 92 -36.30 7.76 29.18
N PRO G 93 -36.38 8.08 27.88
CA PRO G 93 -37.67 8.41 27.27
C PRO G 93 -38.49 7.20 26.84
N TYR G 94 -37.88 6.03 26.65
CA TYR G 94 -38.62 4.79 26.42
C TYR G 94 -38.85 4.01 27.70
N MET G 95 -38.54 4.57 28.86
CA MET G 95 -38.68 3.87 30.12
C MET G 95 -40.15 3.57 30.43
N ASP G 96 -40.40 2.41 31.03
CA ASP G 96 -41.70 1.79 31.27
C ASP G 96 -42.49 1.49 29.98
N LYS G 97 -41.89 1.69 28.81
CA LYS G 97 -42.57 1.42 27.55
C LYS G 97 -42.22 0.04 27.05
N LYS G 98 -43.21 -0.64 26.47
CA LYS G 98 -42.99 -1.91 25.80
C LYS G 98 -42.88 -1.68 24.30
N PHE G 99 -41.85 -2.24 23.68
CA PHE G 99 -41.56 -1.98 22.27
C PHE G 99 -41.26 -3.28 21.56
N THR G 100 -41.96 -3.53 20.46
CA THR G 100 -41.78 -4.75 19.70
C THR G 100 -40.39 -4.78 19.05
N LYS G 101 -39.96 -5.99 18.69
CA LYS G 101 -38.69 -6.16 17.97
C LYS G 101 -38.67 -5.28 16.72
N ILE G 102 -39.80 -5.19 16.04
CA ILE G 102 -39.90 -4.35 14.85
C ILE G 102 -39.72 -2.89 15.22
N GLU G 103 -40.44 -2.44 16.25
CA GLU G 103 -40.40 -1.03 16.64
C GLU G 103 -39.04 -0.62 17.17
N ILE G 104 -38.25 -1.56 17.69
CA ILE G 104 -36.88 -1.25 18.09
C ILE G 104 -36.05 -0.86 16.87
N GLU G 105 -36.30 -1.50 15.73
CA GLU G 105 -35.55 -1.21 14.51
C GLU G 105 -35.95 0.14 13.94
N GLN G 106 -37.26 0.43 13.88
CA GLN G 106 -37.73 1.74 13.42
C GLN G 106 -37.17 2.85 14.29
N ILE G 107 -37.18 2.65 15.61
CA ILE G 107 -36.57 3.61 16.52
C ILE G 107 -35.09 3.77 16.20
N ALA G 108 -34.41 2.68 15.88
CA ALA G 108 -32.97 2.74 15.64
C ALA G 108 -32.65 3.42 14.32
N GLN G 109 -33.39 3.07 13.25
CA GLN G 109 -33.15 3.67 11.95
C GLN G 109 -33.62 5.12 11.85
N GLN G 110 -34.44 5.58 12.81
CA GLN G 110 -34.84 6.98 12.87
C GLN G 110 -33.99 7.81 13.82
N ASN G 111 -33.36 7.16 14.80
CA ASN G 111 -32.49 7.87 15.74
C ASN G 111 -31.06 7.99 15.23
N ILE G 112 -30.65 7.12 14.30
CA ILE G 112 -29.39 7.32 13.59
C ILE G 112 -29.58 8.25 12.39
N GLU G 113 -30.79 8.29 11.83
CA GLU G 113 -31.08 9.23 10.75
C GLU G 113 -31.16 10.67 11.24
N LYS G 114 -31.70 10.88 12.45
CA LYS G 114 -31.72 12.23 13.01
C LYS G 114 -30.36 12.64 13.51
N ALA G 115 -29.65 11.72 14.19
CA ALA G 115 -28.32 12.03 14.70
C ALA G 115 -27.32 12.32 13.57
N GLN G 116 -27.47 11.66 12.43
CA GLN G 116 -26.61 11.98 11.29
C GLN G 116 -26.97 13.33 10.70
N GLN G 117 -28.27 13.62 10.57
CA GLN G 117 -28.71 14.92 10.07
C GLN G 117 -28.37 16.05 11.04
N LEU G 118 -28.43 15.77 12.35
CA LEU G 118 -27.97 16.71 13.36
C LEU G 118 -26.48 16.61 13.64
N SER G 119 -25.77 15.73 12.93
CA SER G 119 -24.34 15.48 13.12
C SER G 119 -24.00 15.05 14.54
N LYS G 120 -24.98 14.55 15.30
CA LYS G 120 -24.77 14.01 16.64
C LYS G 120 -24.74 12.49 16.64
N LEU G 121 -24.21 11.90 15.57
CA LEU G 121 -23.98 10.46 15.51
C LEU G 121 -22.56 10.17 15.93
N LYS G 122 -22.39 9.22 16.85
CA LYS G 122 -21.06 8.97 17.40
C LYS G 122 -20.98 7.47 17.72
N TYR G 123 -20.45 6.71 16.74
CA TYR G 123 -20.26 5.26 16.79
C TYR G 123 -21.57 4.49 16.64
N GLY G 124 -22.51 5.03 15.87
CA GLY G 124 -23.74 4.33 15.55
C GLY G 124 -24.88 4.49 16.53
N VAL G 125 -24.83 5.50 17.41
CA VAL G 125 -25.90 5.80 18.37
C VAL G 125 -26.10 7.31 18.42
N PHE G 126 -27.29 7.72 18.86
CA PHE G 126 -27.66 9.13 18.89
C PHE G 126 -27.26 9.77 20.21
N VAL G 127 -26.54 10.88 20.13
CA VAL G 127 -26.11 11.63 21.32
C VAL G 127 -27.25 12.58 21.69
N VAL G 128 -28.04 12.18 22.67
CA VAL G 128 -29.14 13.02 23.15
C VAL G 128 -28.61 14.05 24.12
N SER H 5 42.88 -7.14 -32.22
CA SER H 5 42.65 -5.84 -32.83
C SER H 5 41.39 -5.87 -33.68
N ARG H 6 41.55 -6.18 -34.96
CA ARG H 6 40.41 -6.35 -35.86
C ARG H 6 39.48 -7.44 -35.33
N GLU H 7 38.19 -7.30 -35.59
CA GLU H 7 37.61 -6.30 -36.48
C GLU H 7 37.00 -5.16 -35.65
N GLU H 8 36.54 -4.11 -36.33
CA GLU H 8 35.71 -3.06 -35.75
C GLU H 8 34.25 -3.19 -36.16
N TYR H 9 33.99 -3.59 -37.41
CA TYR H 9 32.60 -3.77 -37.87
C TYR H 9 31.90 -4.84 -37.05
N ALA H 10 32.57 -5.95 -36.77
CA ALA H 10 32.00 -6.94 -35.86
C ALA H 10 31.86 -6.38 -34.46
N LYS H 11 32.84 -5.59 -34.02
CA LYS H 11 32.76 -4.94 -32.72
C LYS H 11 31.59 -3.97 -32.64
N LYS H 12 31.25 -3.33 -33.76
CA LYS H 12 30.19 -2.31 -33.73
C LYS H 12 28.82 -2.96 -33.60
N MET H 13 28.52 -3.93 -34.46
CA MET H 13 27.18 -4.51 -34.50
C MET H 13 26.85 -5.24 -33.20
N ARG H 14 27.85 -5.87 -32.59
CA ARG H 14 27.64 -6.53 -31.30
C ARG H 14 27.08 -5.55 -30.26
N LEU H 15 27.52 -4.29 -30.30
CA LEU H 15 27.15 -3.33 -29.28
C LEU H 15 25.66 -3.00 -29.32
N ALA H 16 25.12 -2.79 -30.52
CA ALA H 16 23.73 -2.35 -30.67
C ALA H 16 22.73 -3.49 -30.84
N LEU H 17 23.19 -4.67 -31.26
CA LEU H 17 22.31 -5.78 -31.58
C LEU H 17 22.45 -6.94 -30.60
N SER H 18 23.66 -7.42 -30.37
CA SER H 18 23.86 -8.60 -29.55
C SER H 18 23.39 -8.35 -28.12
N ASP H 19 22.86 -9.41 -27.50
CA ASP H 19 22.46 -9.31 -26.11
C ASP H 19 23.66 -8.94 -25.24
N ASN H 20 23.35 -8.35 -24.08
CA ASN H 20 24.41 -7.86 -23.20
C ASN H 20 25.34 -8.99 -22.76
N HIS H 21 24.80 -10.19 -22.57
CA HIS H 21 25.61 -11.31 -22.11
C HIS H 21 26.65 -11.75 -23.14
N ILE H 22 26.48 -11.36 -24.39
CA ILE H 22 27.32 -11.87 -25.47
C ILE H 22 28.56 -11.00 -25.68
N CYS H 23 28.37 -9.70 -25.90
CA CYS H 23 29.48 -8.78 -26.06
C CYS H 23 29.83 -8.13 -24.73
N LYS H 24 31.09 -7.74 -24.59
CA LYS H 24 31.55 -7.09 -23.36
C LYS H 24 31.27 -5.60 -23.42
N PRO H 25 31.77 -4.82 -22.44
CA PRO H 25 31.52 -3.37 -22.48
C PRO H 25 32.33 -2.64 -23.54
N ASP H 26 33.38 -3.26 -24.08
CA ASP H 26 34.16 -2.63 -25.14
C ASP H 26 33.64 -2.95 -26.53
N GLY H 27 33.02 -4.11 -26.70
CA GLY H 27 32.47 -4.48 -28.00
C GLY H 27 32.69 -5.93 -28.36
N THR H 28 33.88 -6.46 -28.05
CA THR H 28 34.18 -7.84 -28.35
C THR H 28 33.23 -8.78 -27.62
N VAL H 29 33.02 -9.96 -28.20
CA VAL H 29 32.23 -10.98 -27.53
C VAL H 29 33.02 -11.52 -26.35
N ASN H 30 32.30 -11.96 -25.33
CA ASN H 30 32.93 -12.71 -24.24
C ASN H 30 32.89 -14.19 -24.62
N HIS H 31 34.03 -14.85 -24.52
CA HIS H 31 34.10 -16.25 -24.90
C HIS H 31 33.39 -17.14 -23.89
N GLN H 32 33.15 -16.61 -22.68
CA GLN H 32 32.63 -17.42 -21.59
C GLN H 32 31.17 -17.81 -21.81
N TYR H 33 30.35 -16.87 -22.32
CA TYR H 33 28.94 -17.15 -22.52
C TYR H 33 28.74 -18.29 -23.52
N PHE H 34 29.54 -18.30 -24.58
CA PHE H 34 29.45 -19.38 -25.57
C PHE H 34 29.87 -20.73 -24.97
N LEU H 35 30.72 -20.71 -23.95
CA LEU H 35 31.24 -21.96 -23.40
C LEU H 35 30.18 -22.72 -22.62
N VAL H 36 29.23 -22.02 -22.02
CA VAL H 36 28.16 -22.66 -21.26
C VAL H 36 26.90 -22.70 -22.13
N LYS H 37 26.16 -23.80 -22.04
CA LYS H 37 25.06 -24.06 -22.95
C LYS H 37 23.78 -23.38 -22.51
N LYS H 38 23.04 -22.86 -23.48
CA LYS H 38 21.68 -22.33 -23.31
C LYS H 38 21.72 -21.17 -22.31
N GLY H 39 20.81 -21.10 -21.35
CA GLY H 39 20.82 -20.01 -20.40
C GLY H 39 21.38 -20.41 -19.05
N GLN H 40 22.59 -20.97 -19.05
CA GLN H 40 23.27 -21.34 -17.81
C GLN H 40 24.54 -20.51 -17.59
N TYR H 41 24.69 -19.40 -18.31
CA TYR H 41 25.78 -18.48 -17.99
C TYR H 41 25.53 -17.86 -16.63
N TRP H 42 26.53 -17.96 -15.77
CA TRP H 42 26.44 -17.46 -14.40
C TRP H 42 26.98 -16.03 -14.41
N GLY H 43 26.08 -15.06 -14.35
CA GLY H 43 26.46 -13.68 -14.60
C GLY H 43 27.40 -13.15 -13.53
N GLU H 44 28.38 -12.37 -13.97
CA GLU H 44 29.16 -11.56 -13.02
C GLU H 44 28.24 -10.61 -12.26
N GLU H 45 27.20 -10.12 -12.93
CA GLU H 45 26.15 -9.34 -12.27
C GLU H 45 25.12 -10.25 -11.58
N LYS H 46 24.80 -11.39 -12.20
CA LYS H 46 23.81 -12.29 -11.61
C LYS H 46 24.30 -12.88 -10.30
N ILE H 47 25.61 -13.19 -10.20
CA ILE H 47 26.20 -13.50 -8.91
C ILE H 47 26.05 -12.29 -7.98
N GLN H 48 26.28 -11.08 -8.50
CA GLN H 48 26.26 -9.89 -7.67
C GLN H 48 24.85 -9.63 -7.11
N TYR H 49 23.82 -9.84 -7.92
CA TYR H 49 22.46 -9.80 -7.40
C TYR H 49 22.28 -10.80 -6.28
N LEU H 50 22.89 -11.99 -6.42
CA LEU H 50 22.93 -12.95 -5.33
C LEU H 50 23.95 -12.55 -4.26
N ILE H 51 25.09 -11.99 -4.67
CA ILE H 51 26.18 -11.70 -3.74
C ILE H 51 25.74 -10.73 -2.66
N GLU H 52 24.87 -9.77 -3.02
CA GLU H 52 24.40 -8.81 -2.04
C GLU H 52 23.66 -9.51 -0.90
N GLN H 53 22.85 -10.53 -1.22
CA GLN H 53 22.00 -11.17 -0.24
C GLN H 53 22.62 -12.42 0.37
N LEU H 54 23.76 -12.88 -0.14
CA LEU H 54 24.21 -14.24 0.15
C LEU H 54 24.67 -14.39 1.60
N GLU H 55 25.37 -13.38 2.14
CA GLU H 55 26.05 -13.56 3.43
C GLU H 55 25.09 -13.77 4.59
N LYS H 56 23.83 -13.37 4.46
CA LYS H 56 22.91 -13.47 5.59
C LYS H 56 22.29 -14.87 5.69
N ILE H 57 21.97 -15.50 4.57
CA ILE H 57 21.31 -16.79 4.61
C ILE H 57 22.25 -17.88 5.11
N GLY H 58 23.49 -17.87 4.63
CA GLY H 58 24.49 -18.81 5.12
C GLY H 58 24.71 -19.99 4.16
N VAL H 59 25.87 -20.63 4.32
CA VAL H 59 26.20 -21.81 3.53
C VAL H 59 25.18 -22.91 3.80
N GLY H 60 24.80 -23.62 2.73
CA GLY H 60 23.87 -24.73 2.87
C GLY H 60 22.41 -24.30 2.85
N ASN H 61 22.13 -23.08 3.27
CA ASN H 61 20.76 -22.55 3.24
C ASN H 61 20.31 -22.29 1.82
N TRP H 62 20.57 -23.25 0.92
CA TRP H 62 20.13 -23.12 -0.46
C TRP H 62 18.62 -22.90 -0.51
N LYS H 63 17.86 -23.74 0.22
CA LYS H 63 16.42 -23.59 0.22
C LYS H 63 16.01 -22.19 0.65
N GLN H 64 16.81 -21.56 1.51
CA GLN H 64 16.52 -20.22 1.99
C GLN H 64 17.18 -19.15 1.12
N MET H 65 18.36 -19.43 0.58
CA MET H 65 19.07 -18.44 -0.23
C MET H 65 18.59 -18.45 -1.69
N GLN H 66 18.14 -19.60 -2.21
CA GLN H 66 17.50 -19.60 -3.51
C GLN H 66 16.19 -18.82 -3.47
N LYS H 67 15.43 -18.98 -2.39
CA LYS H 67 14.30 -18.08 -2.16
C LYS H 67 14.78 -16.64 -1.94
N GLY H 68 15.98 -16.48 -1.39
CA GLY H 68 16.46 -15.14 -1.05
C GLY H 68 16.93 -14.30 -2.22
N LEU H 69 17.50 -14.93 -3.26
CA LEU H 69 18.05 -14.20 -4.39
C LEU H 69 17.67 -14.72 -5.77
N LEU H 70 17.03 -15.89 -5.88
CA LEU H 70 16.81 -16.51 -7.18
C LEU H 70 15.35 -16.39 -7.58
N GLU H 71 15.12 -16.04 -8.85
CA GLU H 71 13.77 -15.72 -9.31
C GLU H 71 12.88 -16.95 -9.33
N GLN H 72 13.39 -18.07 -9.86
CA GLN H 72 12.59 -19.28 -9.98
C GLN H 72 13.46 -20.53 -9.86
N THR H 73 14.26 -20.79 -10.88
CA THR H 73 15.01 -22.04 -10.99
C THR H 73 16.49 -21.74 -11.13
N SER H 74 17.24 -22.37 -10.24
CA SER H 74 18.60 -22.76 -10.44
C SER H 74 18.64 -24.17 -9.88
N GLU H 75 19.58 -24.98 -10.36
CA GLU H 75 19.90 -26.21 -9.68
C GLU H 75 20.61 -25.67 -8.46
N ILE H 76 20.73 -26.45 -7.39
CA ILE H 76 21.34 -25.91 -6.19
C ILE H 76 22.81 -25.96 -6.53
N GLU H 77 23.15 -25.17 -7.56
CA GLU H 77 24.49 -25.01 -8.09
C GLU H 77 25.24 -23.90 -7.36
N LEU H 78 24.53 -23.30 -6.41
CA LEU H 78 25.04 -22.23 -5.61
C LEU H 78 26.25 -22.76 -4.87
N GLU H 79 26.18 -24.02 -4.47
CA GLU H 79 27.26 -24.66 -3.74
C GLU H 79 28.56 -24.72 -4.54
N LEU H 80 28.49 -25.04 -5.83
CA LEU H 80 29.70 -25.19 -6.65
C LEU H 80 30.47 -23.87 -6.75
N ARG H 81 29.71 -22.79 -6.90
CA ARG H 81 30.20 -21.42 -6.97
C ARG H 81 30.61 -20.88 -5.61
N THR H 82 29.89 -21.26 -4.55
CA THR H 82 30.28 -20.78 -3.22
C THR H 82 31.62 -21.35 -2.81
N CYS H 83 31.99 -22.52 -3.34
CA CYS H 83 33.20 -23.19 -2.88
C CYS H 83 34.45 -22.46 -3.34
N LEU H 84 34.46 -21.91 -4.56
CA LEU H 84 35.62 -21.17 -5.04
C LEU H 84 35.87 -19.94 -4.19
N LEU H 85 34.80 -19.24 -3.80
CA LEU H 85 34.94 -18.20 -2.79
C LEU H 85 35.45 -18.78 -1.48
N PHE H 86 35.02 -20.01 -1.15
CA PHE H 86 35.49 -20.70 0.05
C PHE H 86 36.86 -21.33 -0.14
N LYS H 87 37.22 -21.65 -1.40
CA LYS H 87 38.55 -22.06 -1.85
C LYS H 87 38.98 -23.43 -1.35
N THR H 88 38.03 -24.28 -0.97
CA THR H 88 38.36 -25.66 -0.63
C THR H 88 37.36 -26.60 -1.31
N THR H 89 37.89 -27.64 -1.95
CA THR H 89 37.09 -28.64 -2.66
C THR H 89 36.29 -29.47 -1.68
N ASP H 90 36.21 -29.00 -0.42
CA ASP H 90 35.37 -29.60 0.63
C ASP H 90 34.79 -28.46 1.46
N ILE H 91 33.69 -27.88 0.97
CA ILE H 91 33.00 -26.79 1.65
C ILE H 91 32.38 -27.22 2.97
N GLN H 92 32.28 -28.53 3.21
CA GLN H 92 31.58 -29.18 4.32
C GLN H 92 31.93 -28.64 5.71
N PRO H 93 33.12 -28.07 5.90
CA PRO H 93 33.44 -27.48 7.22
C PRO H 93 32.88 -26.08 7.41
N TYR H 94 32.27 -25.49 6.39
CA TYR H 94 31.62 -24.19 6.50
C TYR H 94 30.11 -24.29 6.39
N MET H 95 29.55 -25.49 6.47
CA MET H 95 28.12 -25.68 6.30
C MET H 95 27.36 -24.99 7.44
N ASP H 96 26.18 -24.49 7.11
CA ASP H 96 25.26 -23.90 8.08
C ASP H 96 25.80 -22.58 8.62
N LYS H 97 26.96 -22.15 8.12
CA LYS H 97 27.65 -20.97 8.60
C LYS H 97 27.37 -19.76 7.70
N LYS H 98 26.94 -18.66 8.32
CA LYS H 98 26.77 -17.39 7.63
C LYS H 98 28.10 -16.64 7.66
N PHE H 99 28.76 -16.58 6.50
CA PHE H 99 30.03 -15.87 6.37
C PHE H 99 29.84 -14.66 5.45
N THR H 100 30.54 -13.59 5.78
CA THR H 100 30.38 -12.33 5.08
C THR H 100 31.31 -12.26 3.86
N LYS H 101 31.04 -11.26 3.01
CA LYS H 101 31.86 -11.06 1.82
C LYS H 101 33.32 -10.81 2.17
N ILE H 102 33.57 -10.18 3.33
CA ILE H 102 34.93 -9.96 3.77
C ILE H 102 35.54 -11.26 4.31
N GLU H 103 34.73 -12.06 5.01
CA GLU H 103 35.24 -13.33 5.52
C GLU H 103 35.32 -14.41 4.45
N ILE H 104 34.65 -14.21 3.31
CA ILE H 104 34.85 -15.11 2.18
C ILE H 104 36.20 -14.86 1.52
N GLU H 105 36.67 -13.62 1.53
CA GLU H 105 38.04 -13.34 1.11
C GLU H 105 39.04 -13.96 2.08
N GLN H 106 38.80 -13.81 3.38
CA GLN H 106 39.72 -14.33 4.38
C GLN H 106 39.79 -15.85 4.34
N ILE H 107 38.65 -16.51 4.15
CA ILE H 107 38.64 -17.97 4.01
C ILE H 107 39.32 -18.38 2.71
N ALA H 108 39.27 -17.51 1.68
CA ALA H 108 39.87 -17.84 0.39
C ALA H 108 41.38 -17.61 0.38
N GLN H 109 41.85 -16.52 1.00
CA GLN H 109 43.28 -16.21 1.01
C GLN H 109 44.08 -17.19 1.86
N GLN H 110 43.47 -17.85 2.85
CA GLN H 110 44.18 -18.77 3.72
C GLN H 110 44.17 -20.21 3.22
N ASN H 111 43.05 -20.68 2.70
CA ASN H 111 42.98 -22.05 2.19
C ASN H 111 43.89 -22.23 1.00
N ILE H 112 43.91 -21.27 0.08
CA ILE H 112 44.84 -21.31 -1.04
C ILE H 112 46.27 -21.19 -0.56
N GLU H 113 46.50 -20.45 0.53
CA GLU H 113 47.83 -20.38 1.11
C GLU H 113 48.18 -21.68 1.83
N LYS H 114 47.21 -22.32 2.47
CA LYS H 114 47.45 -23.62 3.10
C LYS H 114 47.74 -24.68 2.05
N ALA H 115 46.88 -24.78 1.04
CA ALA H 115 47.06 -25.76 -0.02
C ALA H 115 48.23 -25.45 -0.93
N GLN H 116 48.77 -24.22 -0.89
CA GLN H 116 50.01 -23.93 -1.60
C GLN H 116 51.22 -24.39 -0.82
N GLN H 117 51.18 -24.26 0.51
CA GLN H 117 52.28 -24.74 1.34
C GLN H 117 52.20 -26.25 1.55
N LEU H 118 51.00 -26.79 1.70
CA LEU H 118 50.81 -28.23 1.81
C LEU H 118 50.87 -28.96 0.47
N SER H 119 50.97 -28.21 -0.64
CA SER H 119 51.05 -28.79 -1.99
C SER H 119 49.78 -29.57 -2.34
N LYS H 120 48.63 -29.04 -1.92
CA LYS H 120 47.33 -29.65 -2.23
C LYS H 120 46.40 -28.64 -2.88
N LEU H 121 46.95 -27.73 -3.69
CA LEU H 121 46.19 -26.72 -4.42
C LEU H 121 46.11 -27.12 -5.88
N LYS H 122 44.90 -27.43 -6.36
CA LYS H 122 44.67 -27.82 -7.74
C LYS H 122 43.53 -26.98 -8.29
N TYR H 123 43.84 -26.16 -9.30
CA TYR H 123 42.87 -25.28 -9.97
C TYR H 123 42.36 -24.19 -9.02
N GLY H 124 43.27 -23.59 -8.25
CA GLY H 124 42.92 -22.49 -7.38
C GLY H 124 42.00 -22.83 -6.23
N VAL H 125 41.87 -24.12 -5.88
CA VAL H 125 41.05 -24.56 -4.76
C VAL H 125 41.85 -25.56 -3.94
N PHE H 126 41.55 -25.60 -2.64
CA PHE H 126 42.23 -26.52 -1.73
C PHE H 126 41.64 -27.93 -1.88
N VAL H 127 42.52 -28.90 -2.09
CA VAL H 127 42.12 -30.30 -2.17
C VAL H 127 42.07 -30.85 -0.76
N VAL H 128 40.87 -31.03 -0.23
CA VAL H 128 40.69 -31.51 1.14
C VAL H 128 40.22 -32.96 1.15
#